data_6X2J
#
_entry.id   6X2J
#
loop_
_entity.id
_entity.type
_entity.pdbx_description
1 polymer 'Transient receptor potential cation channel subfamily A member 1'
2 non-polymer 5-amino-1-[(4-bromo-2-fluorophenyl)methyl]-N-(2,5-dimethoxyphenyl)-1H-1,2,3-triazole-4-carboxamide
#
_entity_poly.entity_id   1
_entity_poly.type   'polypeptide(L)'
_entity_poly.pdbx_seq_one_letter_code
;SPLHFAASYGRINTCQRLLQDISDTRLLNEGDLHGMTPLHLAAKNGHDKVVQLLLKKGALFLSDHNGWTALHHASMGGYT
QTMKVILDTNLKCTDRLDEDGNTALHFAAREGHAKAVALLLSHNADIVLNKQQASFLHLALHNKRKEVVLTIIRSKRWDE
CLKIFSHNSPGNKCPITEMIEYLPECMKVLLDFCMLHSTEDKSCRDYYIEYNFKYLQCPLEFTKKTPTQDVIYEPLTALN
AMVQNNRIELLNHPVCKEYLLMKWLAYGFRAHMMNLGSYCLGLIPMTILVVNIKPGMAFNSTGIINETSDHSEILDTTNS
YLIKTCMILVFLSSIFGYCKEAGQIFQQKRNYFMDISNVLEWIIYTTGIIFVLPLFVEIPAHLQWQCGAIAVYFYWMNFL
LYLQRFENCGIFIVMLEVILKTLLRSTVVFIFLLLAFGLSFYILLNLQDPFSSPLLSIIQTFSMMLGDINYRESFLEPYL
RNELAHPVLSFAQLVSFTIFVPIVLMNLLIGLAVGDIADVQKHASLKRIAMQVELHTSLEKKLPLWFLRKVDQKSTIVYP
NKPRSGGMLFHIFCFLFCTGEIRQEIPNADKSLEMEILKQKYRLKDLTFLLEKQHELIKLIIQKMEIISET
;
_entity_poly.pdbx_strand_id   A,B,C,D
#
# COMPACT_ATOMS: atom_id res chain seq x y z
N SER A 1 0.54 -61.33 4.82
CA SER A 1 -0.10 -60.03 5.16
C SER A 1 0.02 -59.65 6.64
N PRO A 2 -0.40 -60.45 7.65
CA PRO A 2 -0.38 -60.05 9.06
C PRO A 2 0.83 -59.30 9.63
N LEU A 3 2.03 -59.80 9.41
CA LEU A 3 3.23 -59.15 9.97
C LEU A 3 3.30 -57.80 9.30
N HIS A 4 2.93 -57.64 8.06
CA HIS A 4 3.09 -56.33 7.44
C HIS A 4 2.27 -55.35 8.25
N PHE A 5 1.02 -55.66 8.58
CA PHE A 5 0.12 -54.74 9.32
C PHE A 5 0.71 -54.52 10.69
N ALA A 6 1.11 -55.58 11.37
CA ALA A 6 1.70 -55.44 12.70
C ALA A 6 2.91 -54.51 12.72
N ALA A 7 3.80 -54.64 11.73
CA ALA A 7 5.02 -53.78 11.72
C ALA A 7 4.73 -52.34 11.22
N SER A 8 3.69 -52.19 10.41
CA SER A 8 3.32 -50.88 9.89
C SER A 8 2.80 -50.00 10.99
N TYR A 9 2.23 -50.57 12.03
CA TYR A 9 1.54 -49.86 13.09
C TYR A 9 2.19 -50.03 14.47
N GLY A 10 3.43 -50.52 14.51
CA GLY A 10 4.22 -50.50 15.73
C GLY A 10 3.80 -51.53 16.75
N ARG A 11 3.04 -52.56 16.34
CA ARG A 11 2.39 -53.54 17.20
C ARG A 11 3.40 -54.58 17.68
N ILE A 12 4.33 -54.12 18.50
CA ILE A 12 5.55 -54.84 18.87
C ILE A 12 5.24 -56.18 19.53
N ASN A 13 4.21 -56.26 20.35
CA ASN A 13 3.77 -57.51 20.96
C ASN A 13 3.22 -58.50 19.92
N THR A 14 2.43 -58.05 18.95
CA THR A 14 2.03 -58.90 17.82
C THR A 14 3.24 -59.38 17.02
N CYS A 15 4.24 -58.52 16.79
CA CYS A 15 5.45 -58.92 16.08
C CYS A 15 6.20 -60.01 16.85
N GLN A 16 6.36 -59.85 18.16
CA GLN A 16 7.09 -60.88 18.99
C GLN A 16 6.39 -62.28 18.94
N ARG A 17 5.09 -62.27 18.68
CA ARG A 17 4.30 -63.49 18.53
C ARG A 17 4.36 -64.05 17.11
N LEU A 18 4.23 -63.21 16.09
CA LEU A 18 4.36 -63.58 14.67
C LEU A 18 5.75 -64.18 14.36
N LEU A 19 6.81 -63.65 14.95
CA LEU A 19 8.18 -64.16 14.80
C LEU A 19 8.60 -65.16 15.87
N GLN A 20 7.66 -65.64 16.71
CA GLN A 20 7.93 -66.71 17.72
C GLN A 20 7.38 -68.02 17.17
N ASP A 21 6.09 -68.07 16.84
CA ASP A 21 5.42 -69.30 16.31
C ASP A 21 6.08 -69.68 14.98
N ILE A 22 6.38 -68.71 14.12
CA ILE A 22 6.99 -68.96 12.79
C ILE A 22 8.46 -68.54 12.84
N SER A 23 9.41 -69.47 12.67
CA SER A 23 10.87 -69.19 12.65
C SER A 23 11.35 -68.97 11.21
N ASP A 24 10.47 -69.14 10.22
CA ASP A 24 10.84 -69.01 8.78
C ASP A 24 11.28 -67.57 8.49
N THR A 25 12.36 -67.37 7.74
CA THR A 25 12.86 -66.03 7.34
C THR A 25 12.17 -65.58 6.06
N ARG A 26 11.44 -66.46 5.37
CA ARG A 26 10.65 -66.09 4.19
C ARG A 26 9.45 -65.18 4.51
N LEU A 27 8.90 -65.26 5.73
CA LEU A 27 7.87 -64.35 6.25
C LEU A 27 8.50 -63.00 6.69
N LEU A 28 9.57 -63.04 7.48
CA LEU A 28 10.32 -61.86 7.96
C LEU A 28 10.84 -61.00 6.80
N ASN A 29 11.21 -61.62 5.68
CA ASN A 29 11.73 -60.97 4.47
C ASN A 29 10.69 -60.84 3.35
N GLU A 30 9.41 -61.16 3.63
CA GLU A 30 8.34 -61.28 2.60
C GLU A 30 8.08 -60.02 1.77
N GLY A 31 8.22 -60.10 0.44
CA GLY A 31 7.89 -58.97 -0.45
C GLY A 31 6.42 -58.64 -0.38
N ASP A 32 6.04 -57.37 -0.42
CA ASP A 32 4.62 -56.90 -0.30
C ASP A 32 4.09 -56.61 -1.71
N LEU A 33 2.83 -56.19 -1.84
CA LEU A 33 2.21 -55.82 -3.15
C LEU A 33 3.01 -54.68 -3.77
N HIS A 34 3.51 -53.74 -2.95
CA HIS A 34 4.26 -52.54 -3.42
C HIS A 34 5.76 -52.85 -3.48
N GLY A 35 6.18 -54.10 -3.26
CA GLY A 35 7.59 -54.51 -3.27
C GLY A 35 8.23 -54.25 -1.93
N MET A 36 7.44 -53.85 -0.93
CA MET A 36 7.95 -53.49 0.41
C MET A 36 8.10 -54.76 1.26
N THR A 37 8.69 -54.64 2.45
CA THR A 37 8.90 -55.75 3.38
C THR A 37 8.72 -55.21 4.80
N PRO A 38 8.39 -56.01 5.84
CA PRO A 38 8.03 -55.50 7.16
C PRO A 38 8.97 -54.43 7.73
N LEU A 39 10.27 -54.56 7.49
CA LEU A 39 11.28 -53.59 7.92
C LEU A 39 11.11 -52.21 7.25
N HIS A 40 10.63 -52.15 6.01
CA HIS A 40 10.25 -50.90 5.36
C HIS A 40 8.99 -50.33 5.97
N LEU A 41 7.96 -51.15 6.23
CA LEU A 41 6.69 -50.67 6.78
C LEU A 41 6.91 -50.04 8.15
N ALA A 42 7.73 -50.68 9.00
CA ALA A 42 8.07 -50.17 10.31
C ALA A 42 8.83 -48.85 10.20
N ALA A 43 9.90 -48.81 9.39
CA ALA A 43 10.68 -47.59 9.20
C ALA A 43 9.83 -46.45 8.61
N LYS A 44 9.00 -46.72 7.60
CA LYS A 44 8.10 -45.75 6.95
C LYS A 44 7.18 -45.05 7.91
N ASN A 45 6.71 -45.71 8.98
CA ASN A 45 5.73 -45.12 9.93
C ASN A 45 6.43 -44.65 11.19
N GLY A 46 7.75 -44.80 11.31
CA GLY A 46 8.51 -44.23 12.44
C GLY A 46 8.40 -45.03 13.71
N HIS A 47 8.37 -46.36 13.63
CA HIS A 47 8.36 -47.24 14.83
C HIS A 47 9.80 -47.67 15.07
N ASP A 48 10.40 -47.25 16.19
CA ASP A 48 11.84 -47.50 16.49
C ASP A 48 12.01 -48.81 17.26
N LYS A 49 10.94 -49.32 17.90
CA LYS A 49 11.03 -50.55 18.72
C LYS A 49 10.71 -51.73 17.82
N VAL A 50 10.00 -51.50 16.71
CA VAL A 50 9.72 -52.57 15.74
C VAL A 50 10.86 -52.73 14.76
N VAL A 51 11.37 -51.63 14.19
CA VAL A 51 12.50 -51.73 13.27
C VAL A 51 13.72 -52.32 13.99
N GLN A 52 13.92 -52.04 15.28
CA GLN A 52 14.93 -52.71 16.08
C GLN A 52 14.67 -54.21 16.24
N LEU A 53 13.43 -54.62 16.55
CA LEU A 53 13.07 -56.02 16.78
C LEU A 53 13.24 -56.85 15.50
N LEU A 54 12.82 -56.34 14.35
CA LEU A 54 13.00 -57.01 13.07
C LEU A 54 14.49 -57.13 12.70
N LEU A 55 15.31 -56.11 12.97
CA LEU A 55 16.76 -56.22 12.77
C LEU A 55 17.40 -57.23 13.71
N LYS A 56 17.03 -57.25 14.99
CA LYS A 56 17.48 -58.26 15.97
C LYS A 56 17.08 -59.68 15.56
N LYS A 57 15.88 -59.87 15.00
CA LYS A 57 15.40 -61.14 14.44
C LYS A 57 16.08 -61.52 13.12
N GLY A 58 16.84 -60.63 12.49
CA GLY A 58 17.65 -60.94 11.30
C GLY A 58 17.01 -60.56 9.95
N ALA A 59 16.28 -59.45 9.90
CA ALA A 59 15.81 -58.84 8.64
C ALA A 59 16.98 -58.42 7.72
N LEU A 60 16.69 -58.17 6.43
CA LEU A 60 17.67 -57.74 5.42
C LEU A 60 17.29 -56.39 4.83
N PHE A 61 18.25 -55.48 4.66
CA PHE A 61 17.98 -54.17 4.06
C PHE A 61 17.72 -54.42 2.57
N LEU A 62 16.56 -54.90 2.19
CA LEU A 62 16.20 -55.18 0.77
C LEU A 62 15.71 -53.88 0.16
N SER A 63 15.17 -53.89 -1.06
CA SER A 63 14.78 -52.64 -1.77
C SER A 63 13.33 -52.71 -2.24
N ASP A 64 12.66 -51.56 -2.31
CA ASP A 64 11.24 -51.45 -2.71
C ASP A 64 11.16 -51.54 -4.23
N HIS A 65 9.97 -51.66 -4.80
CA HIS A 65 9.77 -51.64 -6.27
C HIS A 65 10.28 -50.28 -6.78
N ASN A 66 10.07 -49.20 -6.01
CA ASN A 66 10.56 -47.83 -6.34
C ASN A 66 12.06 -47.75 -6.06
N GLY A 67 12.66 -48.79 -5.48
CA GLY A 67 14.11 -48.86 -5.22
C GLY A 67 14.50 -48.31 -3.88
N TRP A 68 13.53 -47.91 -3.07
CA TRP A 68 13.80 -47.27 -1.75
C TRP A 68 14.31 -48.27 -0.70
N THR A 69 15.23 -47.85 0.15
CA THR A 69 15.75 -48.66 1.27
C THR A 69 14.94 -48.38 2.54
N ALA A 70 15.06 -49.19 3.61
CA ALA A 70 14.45 -48.86 4.90
C ALA A 70 14.87 -47.46 5.38
N LEU A 71 16.16 -47.14 5.28
CA LEU A 71 16.68 -45.83 5.66
C LEU A 71 16.14 -44.69 4.80
N HIS A 72 15.79 -45.00 3.55
CA HIS A 72 15.19 -43.94 2.70
C HIS A 72 13.79 -43.59 3.36
N HIS A 73 12.94 -44.60 3.63
CA HIS A 73 11.61 -44.29 4.26
C HIS A 73 11.82 -43.53 5.62
N ALA A 74 12.74 -44.03 6.44
CA ALA A 74 12.98 -43.39 7.72
C ALA A 74 13.41 -41.92 7.56
N SER A 75 14.19 -41.62 6.52
CA SER A 75 14.65 -40.27 6.19
C SER A 75 13.53 -39.42 5.61
N MET A 76 12.77 -39.95 4.66
CA MET A 76 11.59 -39.31 4.07
C MET A 76 10.58 -38.85 5.14
N GLY A 77 10.42 -39.63 6.21
CA GLY A 77 9.54 -39.29 7.32
C GLY A 77 10.18 -38.47 8.44
N GLY A 78 11.51 -38.40 8.52
CA GLY A 78 12.24 -37.64 9.53
C GLY A 78 12.34 -38.33 10.89
N TYR A 79 12.23 -39.65 10.94
CA TYR A 79 12.13 -40.43 12.18
C TYR A 79 13.50 -40.76 12.77
N THR A 80 14.15 -39.76 13.34
CA THR A 80 15.52 -39.94 13.91
C THR A 80 15.69 -41.24 14.79
N GLN A 81 14.70 -41.60 15.63
CA GLN A 81 14.86 -42.81 16.50
C GLN A 81 15.12 -44.08 15.64
N THR A 82 14.42 -44.13 14.51
CA THR A 82 14.55 -45.28 13.59
C THR A 82 15.83 -45.22 12.78
N MET A 83 16.25 -44.04 12.34
CA MET A 83 17.51 -43.92 11.61
C MET A 83 18.69 -44.28 12.50
N LYS A 84 18.69 -43.80 13.74
CA LYS A 84 19.73 -44.11 14.72
C LYS A 84 19.82 -45.60 15.00
N VAL A 85 18.68 -46.30 15.11
CA VAL A 85 18.63 -47.77 15.17
C VAL A 85 19.22 -48.41 13.92
N ILE A 86 18.82 -47.99 12.73
CA ILE A 86 19.30 -48.57 11.47
C ILE A 86 20.81 -48.40 11.33
N LEU A 87 21.32 -47.17 11.48
CA LEU A 87 22.74 -46.81 11.38
C LEU A 87 23.60 -47.57 12.39
N ASP A 88 23.11 -47.76 13.63
CA ASP A 88 23.82 -48.55 14.64
C ASP A 88 24.00 -50.03 14.24
N THR A 89 23.17 -50.62 13.38
CA THR A 89 23.38 -52.00 12.91
C THR A 89 24.36 -52.08 11.75
N ASN A 90 24.15 -51.29 10.69
CA ASN A 90 24.89 -51.38 9.44
C ASN A 90 25.11 -49.99 8.83
N LEU A 91 26.13 -49.27 9.29
CA LEU A 91 26.52 -47.98 8.71
C LEU A 91 26.85 -48.07 7.21
N LYS A 92 27.25 -49.25 6.71
CA LYS A 92 27.44 -49.52 5.29
C LYS A 92 26.17 -49.40 4.44
N CYS A 93 24.98 -49.37 5.04
CA CYS A 93 23.70 -49.17 4.35
C CYS A 93 23.54 -47.74 3.80
N THR A 94 24.16 -46.75 4.43
CA THR A 94 23.83 -45.33 4.27
C THR A 94 23.94 -44.78 2.84
N ASP A 95 24.86 -45.28 2.03
CA ASP A 95 25.12 -44.77 0.68
C ASP A 95 24.20 -45.30 -0.43
N ARG A 96 23.23 -46.17 -0.13
CA ARG A 96 22.38 -46.83 -1.15
C ARG A 96 21.59 -45.83 -2.01
N LEU A 97 21.50 -46.11 -3.31
CA LEU A 97 20.80 -45.30 -4.30
C LEU A 97 19.48 -45.95 -4.74
N ASP A 98 18.38 -45.19 -4.79
CA ASP A 98 17.11 -45.73 -5.31
C ASP A 98 17.12 -45.87 -6.85
N GLU A 99 16.02 -46.34 -7.46
CA GLU A 99 15.95 -46.50 -8.92
C GLU A 99 15.89 -45.17 -9.71
N ASP A 100 16.07 -44.03 -9.03
CA ASP A 100 16.17 -42.68 -9.58
C ASP A 100 17.43 -41.93 -9.09
N GLY A 101 18.34 -42.62 -8.39
CA GLY A 101 19.63 -42.11 -7.94
C GLY A 101 19.61 -41.22 -6.69
N ASN A 102 18.49 -41.10 -5.98
CA ASN A 102 18.45 -40.41 -4.70
C ASN A 102 19.04 -41.30 -3.60
N THR A 103 19.79 -40.72 -2.66
CA THR A 103 20.20 -41.40 -1.41
C THR A 103 19.31 -40.95 -0.25
N ALA A 104 19.47 -41.56 0.93
CA ALA A 104 18.76 -41.20 2.15
C ALA A 104 18.84 -39.69 2.45
N LEU A 105 20.02 -39.11 2.24
CA LEU A 105 20.28 -37.70 2.53
C LEU A 105 19.53 -36.76 1.56
N HIS A 106 19.28 -37.24 0.36
CA HIS A 106 18.49 -36.46 -0.61
C HIS A 106 17.07 -36.35 -0.08
N PHE A 107 16.47 -37.47 0.34
CA PHE A 107 15.07 -37.50 0.83
C PHE A 107 14.96 -36.66 2.10
N ALA A 108 15.93 -36.76 3.00
CA ALA A 108 15.88 -36.02 4.28
C ALA A 108 15.85 -34.54 3.95
N ALA A 109 16.72 -34.05 3.06
CA ALA A 109 16.83 -32.62 2.70
C ALA A 109 15.64 -32.14 1.88
N ARG A 110 15.15 -32.95 0.95
CA ARG A 110 14.02 -32.59 0.06
C ARG A 110 12.75 -32.39 0.89
N GLU A 111 12.63 -33.08 2.02
CA GLU A 111 11.40 -33.06 2.86
C GLU A 111 11.53 -31.98 3.95
N GLY A 112 12.74 -31.64 4.41
CA GLY A 112 12.96 -30.64 5.40
C GLY A 112 13.03 -31.23 6.80
N HIS A 113 13.83 -32.26 7.01
CA HIS A 113 13.98 -32.82 8.36
C HIS A 113 15.40 -32.43 8.75
N ALA A 114 15.57 -31.29 9.44
CA ALA A 114 16.95 -30.90 9.74
C ALA A 114 17.62 -31.96 10.68
N LYS A 115 16.95 -32.40 11.77
CA LYS A 115 17.57 -33.39 12.65
C LYS A 115 17.89 -34.60 11.81
N ALA A 116 17.14 -34.84 10.79
CA ALA A 116 17.44 -36.05 10.01
C ALA A 116 18.61 -35.83 9.06
N VAL A 117 18.67 -34.66 8.40
CA VAL A 117 19.86 -34.24 7.64
C VAL A 117 21.06 -34.19 8.56
N ALA A 118 20.96 -33.56 9.72
CA ALA A 118 22.05 -33.46 10.68
C ALA A 118 22.58 -34.83 11.11
N LEU A 119 21.70 -35.79 11.42
CA LEU A 119 22.12 -37.13 11.80
C LEU A 119 22.85 -37.84 10.66
N LEU A 120 22.30 -37.89 9.44
CA LEU A 120 22.99 -38.55 8.32
C LEU A 120 24.31 -37.85 7.97
N LEU A 121 24.31 -36.52 7.94
CA LEU A 121 25.46 -35.73 7.55
C LEU A 121 26.61 -35.90 8.55
N SER A 122 26.33 -35.87 9.86
CA SER A 122 27.32 -36.08 10.91
C SER A 122 27.70 -37.56 11.12
N HIS A 123 26.91 -38.51 10.63
CA HIS A 123 27.21 -39.97 10.70
C HIS A 123 27.88 -40.39 9.41
N ASN A 124 28.40 -39.46 8.62
CA ASN A 124 29.25 -39.75 7.44
C ASN A 124 28.51 -40.24 6.21
N ALA A 125 27.31 -39.73 5.95
CA ALA A 125 26.67 -40.01 4.66
C ALA A 125 27.46 -39.45 3.47
N ASP A 126 27.42 -40.15 2.34
CA ASP A 126 28.18 -39.81 1.14
C ASP A 126 27.44 -38.81 0.26
N ILE A 127 27.86 -37.54 0.30
CA ILE A 127 27.28 -36.46 -0.51
C ILE A 127 27.53 -36.76 -1.99
N VAL A 128 26.49 -36.74 -2.82
CA VAL A 128 26.57 -37.10 -4.25
C VAL A 128 25.45 -36.44 -5.05
N LEU A 129 25.62 -36.30 -6.37
CA LEU A 129 24.52 -35.94 -7.26
C LEU A 129 23.60 -37.14 -7.50
N ASN A 130 22.29 -36.91 -7.56
CA ASN A 130 21.36 -37.89 -8.14
C ASN A 130 21.38 -37.82 -9.67
N LYS A 131 20.66 -38.71 -10.36
CA LYS A 131 20.67 -38.81 -11.84
C LYS A 131 20.13 -37.58 -12.57
N GLN A 132 19.37 -36.70 -11.91
CA GLN A 132 19.00 -35.37 -12.41
C GLN A 132 20.07 -34.29 -12.14
N GLN A 133 21.30 -34.72 -11.85
CA GLN A 133 22.41 -33.79 -11.60
C GLN A 133 22.16 -32.75 -10.48
N ALA A 134 21.69 -33.23 -9.33
CA ALA A 134 21.42 -32.37 -8.18
C ALA A 134 21.89 -32.99 -6.86
N SER A 135 22.45 -32.20 -5.95
CA SER A 135 22.90 -32.67 -4.62
C SER A 135 21.81 -32.46 -3.56
N PHE A 136 22.01 -32.92 -2.34
CA PHE A 136 21.05 -32.74 -1.22
C PHE A 136 20.89 -31.25 -0.93
N LEU A 137 21.99 -30.49 -0.97
CA LEU A 137 21.95 -29.04 -0.70
C LEU A 137 21.08 -28.42 -1.79
N HIS A 138 21.25 -28.83 -3.05
CA HIS A 138 20.47 -28.30 -4.19
C HIS A 138 19.00 -28.64 -4.02
N LEU A 139 18.69 -29.84 -3.55
CA LEU A 139 17.28 -30.26 -3.31
C LEU A 139 16.69 -29.38 -2.21
N ALA A 140 17.39 -29.14 -1.11
CA ALA A 140 16.83 -28.36 0.00
C ALA A 140 16.48 -26.97 -0.55
N LEU A 141 17.33 -26.37 -1.37
CA LEU A 141 17.17 -25.00 -1.87
C LEU A 141 15.97 -24.86 -2.79
N HIS A 142 15.80 -25.75 -3.76
CA HIS A 142 14.68 -25.72 -4.71
C HIS A 142 13.33 -25.98 -4.06
N ASN A 143 13.31 -26.45 -2.81
CA ASN A 143 12.11 -26.62 -2.00
C ASN A 143 12.06 -25.65 -0.81
N LYS A 144 12.85 -24.57 -0.87
CA LYS A 144 12.90 -23.50 0.16
C LYS A 144 12.82 -24.10 1.55
N ARG A 145 13.75 -25.03 1.88
CA ARG A 145 13.84 -25.69 3.23
C ARG A 145 14.86 -24.93 4.07
N LYS A 146 14.44 -23.81 4.67
CA LYS A 146 15.36 -22.92 5.40
C LYS A 146 16.06 -23.67 6.53
N GLU A 147 15.35 -24.43 7.36
CA GLU A 147 15.99 -25.07 8.54
C GLU A 147 17.04 -26.05 8.03
N VAL A 148 16.73 -26.85 7.02
CA VAL A 148 17.69 -27.88 6.51
C VAL A 148 18.90 -27.15 5.99
N VAL A 149 18.77 -26.07 5.20
CA VAL A 149 19.97 -25.41 4.58
C VAL A 149 20.76 -24.71 5.68
N LEU A 150 20.11 -24.18 6.72
CA LEU A 150 20.77 -23.51 7.87
C LEU A 150 21.54 -24.54 8.68
N THR A 151 21.06 -25.77 8.80
CA THR A 151 21.73 -26.88 9.53
C THR A 151 22.99 -27.27 8.74
N ILE A 152 22.93 -27.24 7.42
CA ILE A 152 24.07 -27.60 6.57
C ILE A 152 25.17 -26.54 6.66
N ILE A 153 24.83 -25.25 6.65
CA ILE A 153 25.78 -24.15 6.78
C ILE A 153 26.48 -24.16 8.16
N ARG A 154 25.75 -24.55 9.21
CA ARG A 154 26.29 -24.77 10.57
C ARG A 154 27.12 -26.06 10.70
N SER A 155 27.11 -26.94 9.71
CA SER A 155 27.78 -28.25 9.76
C SER A 155 29.30 -28.17 9.79
N LYS A 156 29.93 -29.16 10.40
CA LYS A 156 31.38 -29.45 10.29
C LYS A 156 31.82 -29.82 8.86
N ARG A 157 30.88 -30.00 7.92
CA ARG A 157 31.10 -30.48 6.54
C ARG A 157 30.74 -29.48 5.44
N TRP A 158 30.42 -28.24 5.79
CA TRP A 158 29.87 -27.25 4.85
C TRP A 158 30.68 -27.08 3.56
N ASP A 159 32.01 -26.96 3.65
CA ASP A 159 32.87 -26.77 2.48
C ASP A 159 32.83 -27.96 1.50
N GLU A 160 32.68 -29.19 2.00
CA GLU A 160 32.47 -30.37 1.16
C GLU A 160 31.08 -30.37 0.51
N CYS A 161 30.06 -29.86 1.21
CA CYS A 161 28.71 -29.69 0.66
C CYS A 161 28.70 -28.68 -0.50
N LEU A 162 29.44 -27.58 -0.35
CA LEU A 162 29.53 -26.48 -1.31
C LEU A 162 30.33 -26.85 -2.59
N LYS A 163 31.41 -27.62 -2.46
CA LYS A 163 32.26 -28.06 -3.58
C LYS A 163 31.57 -28.96 -4.60
N ILE A 164 30.52 -29.67 -4.22
CA ILE A 164 29.88 -30.70 -5.06
C ILE A 164 28.68 -30.10 -5.80
N PHE A 165 28.88 -29.66 -7.05
CA PHE A 165 27.81 -29.25 -7.95
C PHE A 165 28.15 -29.49 -9.44
N SER A 166 27.11 -29.60 -10.25
CA SER A 166 27.18 -29.81 -11.70
C SER A 166 27.46 -28.49 -12.45
N HIS A 167 28.72 -28.26 -12.85
CA HIS A 167 29.07 -27.06 -13.64
C HIS A 167 28.37 -27.00 -15.01
N ASN A 168 28.07 -28.15 -15.60
CA ASN A 168 27.40 -28.21 -16.91
C ASN A 168 25.88 -27.93 -16.85
N SER A 169 25.29 -27.65 -15.68
CA SER A 169 23.84 -27.48 -15.49
C SER A 169 23.40 -26.01 -15.39
N PRO A 170 22.33 -25.58 -16.09
CA PRO A 170 21.71 -24.26 -15.87
C PRO A 170 20.79 -24.22 -14.64
N GLY A 171 20.26 -25.37 -14.21
CA GLY A 171 19.31 -25.51 -13.13
C GLY A 171 19.94 -25.70 -11.75
N ASN A 172 21.13 -26.32 -11.69
CA ASN A 172 21.87 -26.58 -10.46
C ASN A 172 23.25 -25.91 -10.54
N LYS A 173 23.25 -24.57 -10.49
CA LYS A 173 24.46 -23.73 -10.54
C LYS A 173 25.23 -23.82 -9.20
N CYS A 174 26.24 -22.97 -9.03
CA CYS A 174 26.90 -22.77 -7.74
C CYS A 174 25.85 -22.58 -6.65
N PRO A 175 25.83 -23.37 -5.58
CA PRO A 175 24.85 -23.25 -4.50
C PRO A 175 24.70 -21.85 -3.93
N ILE A 176 25.73 -21.00 -3.96
CA ILE A 176 25.61 -19.63 -3.48
C ILE A 176 24.64 -18.81 -4.35
N THR A 177 24.68 -19.02 -5.67
CA THR A 177 23.75 -18.36 -6.59
C THR A 177 22.33 -18.92 -6.47
N GLU A 178 22.19 -20.19 -6.10
CA GLU A 178 20.89 -20.82 -5.83
C GLU A 178 20.32 -20.35 -4.48
N MET A 179 21.16 -20.18 -3.45
CA MET A 179 20.75 -19.59 -2.17
C MET A 179 20.23 -18.17 -2.35
N ILE A 180 20.89 -17.36 -3.18
CA ILE A 180 20.41 -16.01 -3.50
C ILE A 180 19.07 -16.08 -4.25
N GLU A 181 18.90 -17.04 -5.17
CA GLU A 181 17.71 -17.21 -5.98
C GLU A 181 16.48 -17.68 -5.18
N TYR A 182 16.67 -18.36 -4.03
CA TYR A 182 15.59 -18.97 -3.22
C TYR A 182 15.54 -18.59 -1.73
N LEU A 183 16.66 -18.56 -1.01
CA LEU A 183 16.75 -18.43 0.44
C LEU A 183 17.77 -17.36 0.87
N PRO A 184 17.49 -16.07 0.64
CA PRO A 184 18.42 -15.00 0.90
C PRO A 184 18.72 -14.80 2.38
N GLU A 185 17.80 -15.17 3.29
CA GLU A 185 18.05 -15.05 4.72
C GLU A 185 19.07 -16.09 5.22
N CYS A 186 19.21 -17.22 4.53
CA CYS A 186 20.32 -18.16 4.74
C CYS A 186 21.63 -17.61 4.16
N MET A 187 21.59 -16.89 3.02
CA MET A 187 22.78 -16.21 2.50
C MET A 187 23.26 -15.10 3.42
N LYS A 188 22.35 -14.36 4.06
CA LYS A 188 22.68 -13.40 5.13
C LYS A 188 23.41 -14.10 6.28
N VAL A 189 22.89 -15.22 6.76
CA VAL A 189 23.54 -16.03 7.81
C VAL A 189 24.91 -16.54 7.37
N LEU A 190 25.06 -16.99 6.13
CA LEU A 190 26.34 -17.43 5.57
C LEU A 190 27.37 -16.28 5.51
N LEU A 191 26.97 -15.08 5.07
CA LEU A 191 27.84 -13.90 5.05
C LEU A 191 28.24 -13.41 6.45
N ASP A 192 27.48 -13.70 7.51
CA ASP A 192 27.94 -13.35 8.86
C ASP A 192 29.22 -14.10 9.27
N PHE A 193 29.46 -15.32 8.75
CA PHE A 193 30.73 -16.03 8.93
C PHE A 193 31.90 -15.36 8.18
N CYS A 194 31.62 -14.52 7.19
CA CYS A 194 32.65 -13.72 6.50
C CYS A 194 33.14 -12.52 7.31
N MET A 195 32.45 -12.13 8.41
CA MET A 195 32.83 -10.98 9.27
C MET A 195 33.24 -11.51 10.66
N LEU A 196 34.34 -11.02 11.27
CA LEU A 196 34.74 -11.43 12.62
C LEU A 196 35.32 -10.26 13.51
N HIS A 197 34.52 -9.57 14.35
CA HIS A 197 35.09 -8.47 15.21
C HIS A 197 36.20 -9.10 16.12
N SER A 198 37.36 -8.40 16.34
CA SER A 198 38.57 -8.89 17.11
C SER A 198 38.76 -8.19 18.50
N THR A 199 38.17 -7.02 18.70
CA THR A 199 38.37 -6.35 20.00
C THR A 199 37.13 -5.95 20.81
N GLU A 200 35.91 -6.26 20.36
CA GLU A 200 34.64 -6.10 21.11
C GLU A 200 34.26 -4.69 21.65
N ASP A 201 35.02 -3.62 21.35
CA ASP A 201 34.71 -2.25 21.73
C ASP A 201 35.21 -1.23 20.69
N LYS A 202 34.30 -0.59 19.97
CA LYS A 202 34.61 0.23 18.79
C LYS A 202 35.37 1.53 19.06
N SER A 203 35.42 1.99 20.31
CA SER A 203 36.17 3.20 20.71
C SER A 203 37.69 3.01 20.75
N CYS A 204 38.18 1.78 20.86
CA CYS A 204 39.60 1.48 21.06
C CYS A 204 40.41 1.68 19.75
N ARG A 205 41.58 2.32 19.82
CA ARG A 205 42.40 2.62 18.64
C ARG A 205 42.89 1.36 17.90
N ASP A 206 43.14 0.27 18.64
CA ASP A 206 43.52 -1.03 18.08
C ASP A 206 42.34 -1.90 17.61
N TYR A 207 41.08 -1.44 17.74
CA TYR A 207 39.91 -2.19 17.30
C TYR A 207 39.89 -2.33 15.77
N TYR A 208 39.64 -3.55 15.28
CA TYR A 208 39.50 -3.82 13.85
C TYR A 208 38.50 -4.93 13.55
N ILE A 209 38.00 -4.93 12.32
CA ILE A 209 37.08 -5.94 11.78
C ILE A 209 37.56 -6.38 10.40
N GLU A 210 37.48 -7.67 10.10
CA GLU A 210 37.93 -8.25 8.82
C GLU A 210 36.77 -8.84 8.04
N TYR A 211 36.77 -8.61 6.73
CA TYR A 211 35.79 -9.12 5.78
C TYR A 211 36.46 -10.14 4.85
N ASN A 212 35.92 -11.35 4.75
CA ASN A 212 36.40 -12.40 3.84
C ASN A 212 35.43 -12.57 2.67
N PHE A 213 35.92 -12.62 1.43
CA PHE A 213 35.08 -12.60 0.24
C PHE A 213 34.91 -13.97 -0.45
N LYS A 214 35.32 -15.09 0.15
CA LYS A 214 35.37 -16.38 -0.57
C LYS A 214 34.04 -16.85 -1.17
N TYR A 215 32.89 -16.45 -0.61
CA TYR A 215 31.58 -16.77 -1.18
C TYR A 215 31.10 -15.81 -2.30
N LEU A 216 31.64 -14.59 -2.41
CA LEU A 216 31.17 -13.62 -3.42
C LEU A 216 31.83 -13.83 -4.80
N GLN A 217 33.04 -14.39 -4.83
CA GLN A 217 33.76 -14.75 -6.05
C GLN A 217 33.17 -15.99 -6.75
N CYS A 218 33.84 -16.46 -7.82
CA CYS A 218 33.56 -17.73 -8.48
C CYS A 218 33.42 -18.90 -7.49
N LEU A 236 31.69 -11.20 -11.12
CA LEU A 236 30.96 -10.78 -9.92
C LEU A 236 29.68 -11.61 -9.68
N THR A 237 29.71 -12.91 -9.97
CA THR A 237 28.52 -13.79 -10.06
C THR A 237 27.54 -13.69 -8.89
N ALA A 238 28.02 -13.59 -7.65
CA ALA A 238 27.14 -13.45 -6.50
C ALA A 238 26.37 -12.13 -6.52
N LEU A 239 27.03 -10.99 -6.71
CA LEU A 239 26.32 -9.71 -6.69
C LEU A 239 25.47 -9.51 -7.94
N ASN A 240 25.87 -10.04 -9.11
CA ASN A 240 24.99 -10.10 -10.26
C ASN A 240 23.70 -10.88 -9.94
N ALA A 241 23.82 -12.05 -9.30
CA ALA A 241 22.66 -12.82 -8.86
C ALA A 241 21.82 -12.06 -7.82
N MET A 242 22.43 -11.35 -6.87
CA MET A 242 21.69 -10.56 -5.89
C MET A 242 20.91 -9.42 -6.54
N VAL A 243 21.46 -8.76 -7.56
CA VAL A 243 20.77 -7.71 -8.32
C VAL A 243 19.63 -8.30 -9.16
N GLN A 244 19.87 -9.39 -9.87
CA GLN A 244 18.86 -10.03 -10.72
C GLN A 244 17.68 -10.59 -9.92
N ASN A 245 17.88 -10.89 -8.64
CA ASN A 245 16.86 -11.33 -7.69
C ASN A 245 16.41 -10.24 -6.70
N ASN A 246 16.75 -8.97 -6.95
CA ASN A 246 16.31 -7.79 -6.19
C ASN A 246 16.65 -7.81 -4.68
N ARG A 247 17.75 -8.43 -4.27
CA ARG A 247 18.11 -8.68 -2.87
C ARG A 247 18.74 -7.46 -2.19
N ILE A 248 18.00 -6.37 -2.07
CA ILE A 248 18.50 -5.10 -1.55
C ILE A 248 19.13 -5.21 -0.15
N GLU A 249 18.63 -6.10 0.70
CA GLU A 249 19.15 -6.34 2.06
C GLU A 249 20.47 -7.11 2.10
N LEU A 250 20.82 -7.82 1.02
CA LEU A 250 22.12 -8.49 0.84
C LEU A 250 23.12 -7.56 0.14
N LEU A 251 22.68 -6.78 -0.85
CA LEU A 251 23.46 -5.69 -1.44
C LEU A 251 23.98 -4.72 -0.36
N ASN A 252 23.12 -4.34 0.58
CA ASN A 252 23.47 -3.47 1.70
C ASN A 252 24.12 -4.19 2.90
N HIS A 253 24.44 -5.48 2.81
CA HIS A 253 25.18 -6.15 3.88
C HIS A 253 26.63 -5.67 3.92
N PRO A 254 27.24 -5.39 5.09
CA PRO A 254 28.60 -4.88 5.17
C PRO A 254 29.66 -5.66 4.38
N VAL A 255 29.55 -6.99 4.26
CA VAL A 255 30.49 -7.77 3.43
C VAL A 255 30.38 -7.40 1.95
N CYS A 256 29.17 -7.14 1.45
CA CYS A 256 28.94 -6.74 0.06
C CYS A 256 29.37 -5.30 -0.19
N LYS A 257 29.09 -4.38 0.74
CA LYS A 257 29.55 -2.99 0.64
C LYS A 257 31.07 -2.92 0.55
N GLU A 258 31.76 -3.65 1.43
CA GLU A 258 33.22 -3.72 1.42
C GLU A 258 33.76 -4.48 0.20
N TYR A 259 33.07 -5.51 -0.29
CA TYR A 259 33.49 -6.19 -1.52
C TYR A 259 33.44 -5.26 -2.74
N LEU A 260 32.37 -4.49 -2.92
CA LEU A 260 32.29 -3.49 -3.99
C LEU A 260 33.33 -2.39 -3.84
N LEU A 261 33.46 -1.78 -2.65
CA LEU A 261 34.46 -0.75 -2.41
C LEU A 261 35.87 -1.27 -2.65
N MET A 262 36.17 -2.51 -2.26
CA MET A 262 37.43 -3.16 -2.56
C MET A 262 37.63 -3.33 -4.07
N LYS A 263 36.61 -3.75 -4.82
CA LYS A 263 36.66 -3.90 -6.29
C LYS A 263 36.87 -2.55 -6.99
N TRP A 264 36.27 -1.48 -6.47
CA TRP A 264 36.48 -0.10 -6.93
C TRP A 264 37.90 0.39 -6.66
N LEU A 265 38.44 0.20 -5.45
CA LEU A 265 39.83 0.50 -5.12
C LEU A 265 40.85 -0.41 -5.83
N ALA A 266 40.45 -1.63 -6.22
CA ALA A 266 41.31 -2.55 -6.97
C ALA A 266 41.63 -1.96 -8.34
N TYR A 267 40.61 -1.70 -9.15
CA TYR A 267 40.77 -1.23 -10.52
C TYR A 267 39.66 -0.28 -10.99
N GLY A 268 38.45 -0.33 -10.42
CA GLY A 268 37.31 0.43 -10.94
C GLY A 268 37.51 1.95 -10.95
N PHE A 269 38.09 2.51 -9.88
CA PHE A 269 38.46 3.92 -9.80
C PHE A 269 39.47 4.29 -10.88
N ARG A 270 40.59 3.57 -10.97
CA ARG A 270 41.65 3.86 -11.93
C ARG A 270 41.15 3.73 -13.36
N ALA A 271 40.32 2.74 -13.65
CA ALA A 271 39.72 2.57 -14.96
C ALA A 271 38.74 3.70 -15.31
N HIS A 272 38.03 4.22 -14.33
CA HIS A 272 37.07 5.33 -14.62
C HIS A 272 37.85 6.66 -14.88
N MET A 273 38.76 6.97 -13.96
CA MET A 273 39.57 8.18 -14.08
C MET A 273 40.47 8.18 -15.31
N MET A 274 40.92 7.01 -15.78
CA MET A 274 41.65 6.89 -17.05
C MET A 274 40.74 7.19 -18.26
N ASN A 275 39.51 6.68 -18.28
CA ASN A 275 38.57 6.96 -19.37
C ASN A 275 38.07 8.41 -19.36
N LEU A 276 37.61 8.88 -18.21
CA LEU A 276 37.18 10.27 -17.97
C LEU A 276 38.30 11.27 -18.22
N GLY A 277 39.53 10.96 -17.83
CA GLY A 277 40.71 11.78 -18.11
C GLY A 277 41.01 11.89 -19.61
N SER A 278 40.85 10.81 -20.37
CA SER A 278 41.03 10.86 -21.83
C SER A 278 40.00 11.76 -22.51
N TYR A 279 38.82 11.91 -21.91
CA TYR A 279 37.78 12.86 -22.36
C TYR A 279 38.08 14.28 -21.90
N CYS A 280 38.48 14.44 -20.64
CA CYS A 280 38.84 15.71 -20.04
C CYS A 280 39.97 16.44 -20.79
N LEU A 281 40.85 15.66 -21.43
CA LEU A 281 41.92 16.13 -22.32
C LEU A 281 41.41 17.01 -23.48
N GLY A 282 40.19 16.79 -23.96
CA GLY A 282 39.54 17.66 -24.95
C GLY A 282 38.59 18.68 -24.34
N LEU A 283 37.90 18.31 -23.26
CA LEU A 283 36.92 19.14 -22.58
C LEU A 283 37.53 20.45 -22.05
N ILE A 284 38.61 20.38 -21.28
CA ILE A 284 39.18 21.57 -20.63
C ILE A 284 39.85 22.49 -21.64
N PRO A 285 40.77 22.04 -22.51
CA PRO A 285 41.34 22.87 -23.57
C PRO A 285 40.32 23.59 -24.44
N MET A 286 39.22 22.94 -24.85
CA MET A 286 38.21 23.64 -25.63
C MET A 286 37.54 24.78 -24.85
N THR A 287 37.31 24.66 -23.54
CA THR A 287 36.83 25.83 -22.76
C THR A 287 37.90 26.90 -22.59
N ILE A 288 39.17 26.55 -22.40
CA ILE A 288 40.25 27.53 -22.33
C ILE A 288 40.31 28.34 -23.62
N LEU A 289 40.16 27.65 -24.75
CA LEU A 289 40.13 28.20 -26.10
C LEU A 289 38.87 29.05 -26.39
N VAL A 290 37.82 28.93 -25.58
CA VAL A 290 36.63 29.80 -25.61
C VAL A 290 36.78 31.01 -24.70
N VAL A 291 37.16 30.83 -23.44
CA VAL A 291 37.13 31.95 -22.47
C VAL A 291 38.33 32.90 -22.59
N ASN A 292 39.39 32.52 -23.32
CA ASN A 292 40.54 33.38 -23.60
C ASN A 292 40.53 34.04 -25.00
N ILE A 293 39.45 33.88 -25.77
CA ILE A 293 39.28 34.52 -27.09
C ILE A 293 37.89 35.14 -27.15
N LYS A 294 37.73 36.33 -27.73
CA LYS A 294 36.41 36.95 -27.93
C LYS A 294 35.62 36.17 -29.00
N PRO A 295 34.42 35.63 -28.72
CA PRO A 295 33.65 34.90 -29.71
C PRO A 295 33.38 35.73 -30.96
N GLY A 296 33.56 35.11 -32.13
CA GLY A 296 33.40 35.75 -33.43
C GLY A 296 34.68 36.31 -34.04
N MET A 297 35.82 36.27 -33.35
CA MET A 297 37.13 36.63 -33.91
C MET A 297 37.87 35.38 -34.38
N ALA A 298 38.40 35.38 -35.60
CA ALA A 298 39.20 34.26 -36.09
C ALA A 298 40.52 34.13 -35.34
N PHE A 299 41.03 32.92 -35.18
CA PHE A 299 42.30 32.70 -34.50
C PHE A 299 43.12 31.56 -35.10
N ASN A 300 44.42 31.58 -34.81
CA ASN A 300 45.44 30.67 -35.29
C ASN A 300 46.43 30.41 -34.15
N SER A 301 47.42 29.54 -34.38
CA SER A 301 48.63 29.50 -33.55
C SER A 301 49.30 30.88 -33.56
N THR A 302 49.28 31.54 -34.72
CA THR A 302 49.72 32.92 -34.93
C THR A 302 48.73 33.95 -34.38
N GLY A 303 48.18 33.71 -33.18
CA GLY A 303 47.39 34.67 -32.41
C GLY A 303 45.93 34.82 -32.82
N ILE A 304 45.34 35.97 -32.46
CA ILE A 304 43.94 36.33 -32.74
C ILE A 304 43.91 37.39 -33.85
N ILE A 305 43.15 37.18 -34.92
CA ILE A 305 42.94 38.13 -36.02
C ILE A 305 41.91 39.18 -35.63
N ASN A 306 42.25 40.47 -35.73
CA ASN A 306 41.34 41.60 -35.49
C ASN A 306 41.83 42.88 -36.20
N ASN A 319 48.66 35.45 -26.63
CA ASN A 319 48.39 34.15 -26.00
C ASN A 319 48.80 32.97 -26.91
N SER A 320 49.82 33.16 -27.76
CA SER A 320 50.14 32.23 -28.86
C SER A 320 50.35 30.79 -28.41
N TYR A 321 51.22 30.52 -27.44
CA TYR A 321 51.49 29.15 -27.02
C TYR A 321 50.25 28.49 -26.41
N LEU A 322 49.46 29.24 -25.62
CA LEU A 322 48.21 28.74 -25.03
C LEU A 322 47.23 28.35 -26.12
N ILE A 323 47.03 29.23 -27.09
CA ILE A 323 46.09 28.97 -28.17
C ILE A 323 46.59 27.78 -29.00
N LYS A 324 47.89 27.72 -29.31
CA LYS A 324 48.47 26.61 -30.09
C LYS A 324 48.33 25.28 -29.37
N THR A 325 48.66 25.23 -28.08
CA THR A 325 48.59 23.98 -27.30
C THR A 325 47.15 23.53 -27.06
N CYS A 326 46.20 24.44 -26.80
CA CYS A 326 44.80 24.06 -26.62
C CYS A 326 44.19 23.56 -27.92
N MET A 327 44.50 24.20 -29.04
CA MET A 327 44.12 23.72 -30.36
C MET A 327 44.71 22.33 -30.64
N ILE A 328 46.00 22.13 -30.37
CA ILE A 328 46.64 20.82 -30.56
C ILE A 328 45.95 19.76 -29.71
N LEU A 329 45.69 20.03 -28.42
CA LEU A 329 44.99 19.11 -27.53
C LEU A 329 43.57 18.78 -28.00
N VAL A 330 42.81 19.75 -28.50
CA VAL A 330 41.49 19.50 -29.10
C VAL A 330 41.60 18.69 -30.38
N PHE A 331 42.59 18.94 -31.24
CA PHE A 331 42.76 18.21 -32.50
C PHE A 331 43.15 16.74 -32.24
N LEU A 332 44.13 16.50 -31.37
CA LEU A 332 44.50 15.17 -30.93
C LEU A 332 43.33 14.46 -30.26
N SER A 333 42.63 15.12 -29.31
CA SER A 333 41.47 14.55 -28.65
C SER A 333 40.36 14.17 -29.64
N SER A 334 40.20 14.94 -30.71
CA SER A 334 39.27 14.63 -31.79
C SER A 334 39.68 13.38 -32.57
N ILE A 335 40.92 13.27 -33.05
CA ILE A 335 41.34 12.08 -33.82
C ILE A 335 41.51 10.83 -32.96
N PHE A 336 42.03 11.02 -31.74
CA PHE A 336 42.20 9.87 -30.82
C PHE A 336 40.77 9.33 -30.44
N GLY A 337 39.87 10.22 -30.04
CA GLY A 337 38.51 9.83 -29.72
C GLY A 337 37.89 9.11 -30.96
N TYR A 338 38.02 9.69 -32.17
CA TYR A 338 37.50 8.98 -33.39
C TYR A 338 38.12 7.53 -33.49
N CYS A 339 39.45 7.38 -33.24
CA CYS A 339 40.06 6.01 -33.28
C CYS A 339 39.29 5.14 -32.24
N LYS A 340 38.95 5.77 -31.12
CA LYS A 340 38.16 5.07 -30.10
C LYS A 340 36.77 4.67 -30.60
N GLU A 341 36.18 5.47 -31.49
CA GLU A 341 35.22 4.99 -32.49
C GLU A 341 35.94 4.16 -33.55
N ILE A 356 21.78 7.68 -26.92
CA ILE A 356 22.34 8.77 -27.78
C ILE A 356 23.84 8.98 -27.59
N SER A 357 24.46 8.24 -26.60
CA SER A 357 25.90 8.35 -26.28
C SER A 357 26.80 8.27 -27.51
N ASN A 358 26.51 7.37 -28.45
CA ASN A 358 27.28 7.29 -29.72
C ASN A 358 27.15 8.61 -30.49
N VAL A 359 25.92 9.11 -30.69
CA VAL A 359 25.65 10.33 -31.50
C VAL A 359 26.34 11.55 -30.89
N LEU A 360 26.27 11.74 -29.58
CA LEU A 360 26.84 12.94 -28.93
C LEU A 360 28.34 12.92 -29.15
N GLU A 361 29.00 11.76 -29.04
CA GLU A 361 30.46 11.60 -29.26
C GLU A 361 30.75 11.86 -30.74
N TRP A 362 29.86 11.38 -31.62
CA TRP A 362 30.02 11.59 -33.08
C TRP A 362 30.10 13.08 -33.30
N ILE A 363 29.19 13.88 -32.73
CA ILE A 363 29.14 15.36 -32.87
C ILE A 363 30.38 15.98 -32.21
N ILE A 364 30.82 15.55 -31.05
CA ILE A 364 31.93 16.25 -30.35
C ILE A 364 33.21 16.20 -31.19
N TYR A 365 33.47 15.11 -31.89
CA TYR A 365 34.71 14.92 -32.71
C TYR A 365 34.58 15.65 -34.04
N THR A 366 33.54 15.43 -34.84
CA THR A 366 33.40 16.01 -36.18
C THR A 366 33.40 17.53 -36.15
N THR A 367 32.78 18.14 -35.14
CA THR A 367 32.64 19.61 -35.02
C THR A 367 33.84 20.24 -34.32
N GLY A 368 34.43 19.55 -33.35
CA GLY A 368 35.62 20.00 -32.63
C GLY A 368 36.86 20.10 -33.53
N ILE A 369 36.92 19.32 -34.62
CA ILE A 369 37.89 19.54 -35.70
C ILE A 369 37.72 20.95 -36.28
N ILE A 370 36.51 21.32 -36.72
CA ILE A 370 36.30 22.56 -37.47
C ILE A 370 36.55 23.83 -36.63
N PHE A 371 36.44 23.75 -35.30
CA PHE A 371 36.68 24.87 -34.37
C PHE A 371 38.16 25.11 -34.19
N VAL A 372 39.01 24.24 -34.71
CA VAL A 372 40.47 24.37 -34.50
C VAL A 372 41.16 24.27 -35.85
N LEU A 373 40.41 24.02 -36.90
CA LEU A 373 41.03 23.76 -38.22
C LEU A 373 41.86 24.95 -38.60
N PRO A 374 41.58 26.18 -38.19
CA PRO A 374 42.41 27.22 -38.68
C PRO A 374 43.86 26.85 -38.52
N LEU A 375 44.21 25.96 -37.62
CA LEU A 375 45.63 25.67 -37.41
C LEU A 375 46.19 25.28 -38.76
N PHE A 376 45.38 24.73 -39.65
CA PHE A 376 45.78 24.38 -41.04
C PHE A 376 44.95 25.14 -42.13
N VAL A 377 43.83 24.61 -42.71
CA VAL A 377 43.02 25.22 -43.83
C VAL A 377 42.33 26.51 -43.38
N GLU A 378 42.37 27.61 -44.15
CA GLU A 378 41.79 28.89 -43.69
C GLU A 378 40.28 28.75 -43.74
N ILE A 379 39.61 29.08 -42.66
CA ILE A 379 38.15 28.95 -42.52
C ILE A 379 37.56 30.25 -41.95
N PRO A 380 36.41 30.71 -42.47
CA PRO A 380 35.80 31.90 -41.97
C PRO A 380 35.60 31.95 -40.48
N ALA A 381 35.63 33.13 -39.92
CA ALA A 381 35.42 33.32 -38.48
C ALA A 381 34.03 32.84 -38.17
N HIS A 382 33.11 33.14 -39.06
CA HIS A 382 31.70 32.81 -38.79
C HIS A 382 31.63 31.32 -38.62
N LEU A 383 32.21 30.50 -39.49
CA LEU A 383 32.08 29.02 -39.38
C LEU A 383 32.92 28.59 -38.20
N GLN A 384 34.03 29.22 -37.98
CA GLN A 384 34.88 28.74 -36.88
C GLN A 384 34.03 28.82 -35.65
N TRP A 385 33.22 29.85 -35.44
CA TRP A 385 32.51 29.98 -34.14
C TRP A 385 31.10 29.37 -34.16
N GLN A 386 30.51 29.10 -35.30
CA GLN A 386 29.31 28.27 -35.42
C GLN A 386 29.59 26.83 -34.97
N CYS A 387 30.71 26.25 -35.43
CA CYS A 387 31.14 24.94 -34.98
C CYS A 387 31.56 24.97 -33.51
N GLY A 388 32.25 26.02 -33.05
CA GLY A 388 32.61 26.19 -31.64
C GLY A 388 31.39 26.21 -30.72
N ALA A 389 30.32 26.97 -31.10
CA ALA A 389 29.09 27.05 -30.29
C ALA A 389 28.43 25.68 -30.06
N ILE A 390 28.54 24.79 -31.11
CA ILE A 390 27.89 23.48 -31.12
C ILE A 390 28.76 22.53 -30.29
N ALA A 391 30.11 22.55 -30.61
CA ALA A 391 31.07 21.63 -30.02
C ALA A 391 31.21 21.85 -28.51
N VAL A 392 31.29 23.10 -28.06
CA VAL A 392 31.44 23.46 -26.65
C VAL A 392 30.22 23.06 -25.85
N TYR A 393 29.02 23.23 -26.50
CA TYR A 393 27.77 22.84 -25.87
C TYR A 393 27.79 21.32 -25.60
N PHE A 394 28.09 20.52 -26.69
CA PHE A 394 27.93 19.08 -26.63
C PHE A 394 29.02 18.39 -25.82
N TYR A 395 30.23 19.03 -25.74
CA TYR A 395 31.30 18.57 -24.85
C TYR A 395 30.83 18.54 -23.39
N TRP A 396 30.11 19.55 -22.92
CA TRP A 396 29.60 19.61 -21.55
C TRP A 396 28.31 18.82 -21.34
N MET A 397 27.41 18.71 -22.37
CA MET A 397 26.23 17.86 -22.21
C MET A 397 26.63 16.39 -22.08
N ASN A 398 27.64 15.97 -22.92
CA ASN A 398 28.06 14.58 -23.00
C ASN A 398 28.99 14.21 -21.85
N PHE A 399 29.47 15.25 -21.09
CA PHE A 399 30.16 15.04 -19.80
C PHE A 399 29.23 14.46 -18.73
N LEU A 400 27.89 14.75 -18.85
CA LEU A 400 26.91 14.18 -17.93
C LEU A 400 26.85 12.65 -18.02
N LEU A 401 27.25 12.08 -19.21
CA LEU A 401 27.19 10.64 -19.47
C LEU A 401 28.39 9.88 -18.86
N TYR A 402 29.48 10.67 -18.56
CA TYR A 402 30.60 10.20 -17.73
C TYR A 402 30.23 10.28 -16.24
N LEU A 403 29.49 11.30 -15.79
CA LEU A 403 29.05 11.39 -14.40
C LEU A 403 28.10 10.26 -13.96
N GLN A 404 27.42 9.59 -14.89
CA GLN A 404 26.53 8.45 -14.58
C GLN A 404 27.27 7.33 -13.87
N ARG A 405 28.61 7.27 -13.97
CA ARG A 405 29.43 6.16 -13.43
C ARG A 405 29.90 6.47 -12.00
N PHE A 406 29.46 7.56 -11.39
CA PHE A 406 29.77 7.88 -9.98
C PHE A 406 28.56 7.49 -9.13
N GLU A 407 28.78 7.04 -7.89
CA GLU A 407 27.66 6.58 -7.04
C GLU A 407 26.61 7.68 -6.76
N ASN A 408 27.08 8.88 -6.40
CA ASN A 408 26.24 9.99 -5.96
C ASN A 408 25.77 10.93 -7.09
N CYS A 409 26.11 10.65 -8.35
CA CYS A 409 25.61 11.41 -9.50
C CYS A 409 24.60 10.62 -10.34
N GLY A 410 24.82 9.31 -10.52
CA GLY A 410 24.14 8.55 -11.56
C GLY A 410 22.63 8.54 -11.45
N ILE A 411 22.08 8.51 -10.24
CA ILE A 411 20.63 8.51 -10.05
C ILE A 411 19.96 9.79 -10.56
N PHE A 412 20.59 10.96 -10.42
CA PHE A 412 20.04 12.20 -10.96
C PHE A 412 20.02 12.20 -12.48
N ILE A 413 21.00 11.56 -13.11
CA ILE A 413 21.10 11.50 -14.57
C ILE A 413 20.18 10.41 -15.13
N VAL A 414 19.91 9.34 -14.37
CA VAL A 414 18.83 8.38 -14.64
C VAL A 414 17.46 9.06 -14.54
N MET A 415 17.24 9.92 -13.55
CA MET A 415 16.01 10.71 -13.44
C MET A 415 15.88 11.75 -14.57
N LEU A 416 17.05 12.35 -15.00
CA LEU A 416 17.07 13.30 -16.13
C LEU A 416 16.67 12.60 -17.42
N GLU A 417 17.24 11.36 -17.63
CA GLU A 417 16.94 10.49 -18.77
C GLU A 417 15.46 10.10 -18.80
N VAL A 418 14.88 9.64 -17.68
CA VAL A 418 13.47 9.23 -17.60
C VAL A 418 12.51 10.39 -17.86
N ILE A 419 12.74 11.57 -17.27
CA ILE A 419 11.85 12.72 -17.46
C ILE A 419 11.99 13.33 -18.85
N LEU A 420 13.22 13.29 -19.47
CA LEU A 420 13.45 13.84 -20.81
C LEU A 420 12.75 12.99 -21.88
N LYS A 421 12.92 11.63 -21.78
CA LYS A 421 12.20 10.64 -22.61
C LYS A 421 10.69 10.79 -22.50
N THR A 422 10.18 11.03 -21.29
CA THR A 422 8.75 11.21 -21.04
C THR A 422 8.19 12.46 -21.70
N LEU A 423 8.91 13.59 -21.62
CA LEU A 423 8.54 14.82 -22.32
C LEU A 423 8.62 14.67 -23.84
N LEU A 424 9.68 13.95 -24.35
CA LEU A 424 9.84 13.74 -25.79
C LEU A 424 8.73 12.87 -26.40
N ARG A 425 8.30 11.79 -25.65
CA ARG A 425 7.14 10.96 -26.03
C ARG A 425 5.83 11.75 -26.00
N SER A 426 5.67 12.67 -25.07
CA SER A 426 4.53 13.58 -25.01
C SER A 426 4.56 14.68 -26.08
N THR A 427 5.71 15.06 -26.54
CA THR A 427 5.79 16.19 -27.48
C THR A 427 5.11 15.87 -28.81
N VAL A 428 5.18 14.66 -29.34
CA VAL A 428 4.45 14.35 -30.59
C VAL A 428 2.96 14.79 -30.45
N VAL A 429 2.28 14.56 -29.34
CA VAL A 429 0.88 15.05 -29.14
C VAL A 429 0.82 16.57 -29.02
N PHE A 430 1.63 17.20 -28.19
CA PHE A 430 1.51 18.65 -27.84
C PHE A 430 2.14 19.61 -28.85
N ILE A 431 2.79 19.15 -29.91
CA ILE A 431 3.27 20.04 -31.01
C ILE A 431 2.03 20.59 -31.72
N PHE A 432 0.91 19.85 -31.78
CA PHE A 432 -0.35 20.23 -32.48
C PHE A 432 -1.21 21.10 -31.56
N LEU A 433 -1.01 21.00 -30.25
CA LEU A 433 -1.63 21.89 -29.28
C LEU A 433 -1.05 23.31 -29.36
N LEU A 434 0.26 23.46 -29.52
CA LEU A 434 0.91 24.76 -29.72
C LEU A 434 0.73 25.30 -31.13
N LEU A 435 0.67 24.46 -32.16
CA LEU A 435 0.40 24.87 -33.54
C LEU A 435 -1.00 25.49 -33.69
N ALA A 436 -2.00 24.98 -32.97
CA ALA A 436 -3.32 25.58 -32.91
C ALA A 436 -3.28 27.03 -32.43
N PHE A 437 -2.62 27.27 -31.24
CA PHE A 437 -2.56 28.63 -30.72
C PHE A 437 -1.64 29.54 -31.54
N GLY A 438 -0.52 28.96 -32.10
CA GLY A 438 0.44 29.70 -32.90
C GLY A 438 -0.13 30.19 -34.21
N LEU A 439 -0.85 29.34 -34.95
CA LEU A 439 -1.56 29.76 -36.15
C LEU A 439 -2.76 30.65 -35.82
N SER A 440 -3.37 30.49 -34.59
CA SER A 440 -4.48 31.36 -34.19
C SER A 440 -4.02 32.80 -33.91
N PHE A 441 -2.95 32.96 -33.05
CA PHE A 441 -2.39 34.28 -32.75
C PHE A 441 -1.69 34.91 -33.95
N TYR A 442 -1.21 34.13 -34.93
CA TYR A 442 -0.74 34.69 -36.19
C TYR A 442 -1.83 35.47 -36.92
N ILE A 443 -3.10 35.04 -36.86
CA ILE A 443 -4.23 35.81 -37.39
C ILE A 443 -4.58 36.98 -36.46
N LEU A 444 -4.86 36.66 -35.15
CA LEU A 444 -5.45 37.62 -34.24
C LEU A 444 -4.56 38.84 -33.96
N LEU A 445 -3.23 38.64 -33.96
CA LEU A 445 -2.24 39.67 -33.57
C LEU A 445 -1.20 39.82 -34.66
N ASN A 446 -1.56 39.79 -35.93
CA ASN A 446 -0.60 39.75 -37.05
C ASN A 446 0.19 41.02 -37.14
N LEU A 447 -0.33 42.13 -36.67
CA LEU A 447 0.28 43.43 -36.91
C LEU A 447 1.22 43.75 -35.77
N GLN A 448 1.58 42.77 -34.95
CA GLN A 448 2.55 42.93 -33.84
C GLN A 448 3.82 42.18 -34.21
N ASP A 449 4.99 42.70 -33.84
CA ASP A 449 6.30 42.13 -34.22
C ASP A 449 6.48 40.72 -33.68
N PRO A 450 6.01 40.36 -32.47
CA PRO A 450 6.18 38.99 -32.05
C PRO A 450 5.49 37.98 -32.97
N PHE A 451 4.45 38.36 -33.70
CA PHE A 451 3.65 37.45 -34.52
C PHE A 451 3.73 37.81 -36.03
N SER A 452 4.79 38.44 -36.52
CA SER A 452 4.94 38.86 -37.93
C SER A 452 4.96 37.71 -38.95
N SER A 453 5.29 36.50 -38.53
CA SER A 453 5.46 35.31 -39.36
C SER A 453 5.00 34.08 -38.58
N PRO A 454 4.53 33.01 -39.23
CA PRO A 454 3.95 31.88 -38.52
C PRO A 454 4.97 31.13 -37.66
N LEU A 455 6.22 30.98 -38.09
CA LEU A 455 7.27 30.39 -37.27
C LEU A 455 7.60 31.24 -36.02
N LEU A 456 7.69 32.56 -36.16
CA LEU A 456 7.89 33.46 -35.01
C LEU A 456 6.72 33.37 -34.03
N SER A 457 5.52 33.18 -34.56
CA SER A 457 4.33 33.08 -33.66
C SER A 457 4.33 31.72 -32.90
N ILE A 458 4.87 30.67 -33.52
CA ILE A 458 4.88 29.36 -32.85
C ILE A 458 5.94 29.43 -31.75
N ILE A 459 7.08 30.05 -32.00
CA ILE A 459 8.15 30.21 -30.97
C ILE A 459 7.59 31.10 -29.87
N GLN A 460 6.83 32.13 -30.21
CA GLN A 460 6.30 33.06 -29.20
C GLN A 460 5.38 32.27 -28.31
N THR A 461 4.52 31.42 -28.84
CA THR A 461 3.56 30.60 -28.05
C THR A 461 4.34 29.63 -27.18
N PHE A 462 5.41 29.07 -27.70
CA PHE A 462 6.24 28.12 -26.94
C PHE A 462 6.90 28.85 -25.76
N SER A 463 7.30 30.09 -25.95
CA SER A 463 7.94 30.90 -24.88
C SER A 463 6.87 31.30 -23.87
N MET A 464 5.63 31.50 -24.29
CA MET A 464 4.52 31.80 -23.38
C MET A 464 4.12 30.63 -22.47
N MET A 465 4.51 29.38 -22.74
CA MET A 465 4.19 28.22 -21.90
C MET A 465 4.72 28.37 -20.47
N LEU A 466 5.85 29.05 -20.29
CA LEU A 466 6.47 29.35 -19.00
C LEU A 466 5.71 30.41 -18.18
N GLY A 467 4.57 30.90 -18.66
CA GLY A 467 3.71 31.85 -17.95
C GLY A 467 4.06 33.32 -18.13
N ASP A 468 5.08 33.67 -18.91
CA ASP A 468 5.34 35.06 -19.31
C ASP A 468 4.53 35.40 -20.58
N ILE A 469 3.23 35.68 -20.40
CA ILE A 469 2.25 35.93 -21.47
C ILE A 469 2.51 37.23 -22.25
N ASN A 470 3.27 38.19 -21.70
CA ASN A 470 3.38 39.56 -22.22
C ASN A 470 2.02 40.29 -22.30
N TYR A 471 1.08 40.04 -21.37
CA TYR A 471 -0.32 40.50 -21.45
C TYR A 471 -0.47 42.00 -21.70
N ARG A 472 0.14 42.85 -20.86
CA ARG A 472 0.07 44.29 -21.08
C ARG A 472 0.67 44.70 -22.41
N GLU A 473 1.82 44.13 -22.74
CA GLU A 473 2.65 44.50 -23.87
C GLU A 473 2.05 44.11 -25.23
N SER A 474 1.18 43.10 -25.29
CA SER A 474 0.59 42.56 -26.52
C SER A 474 -0.93 42.48 -26.61
N PHE A 475 -1.67 42.72 -25.53
CA PHE A 475 -3.13 42.74 -25.55
C PHE A 475 -3.67 44.07 -25.05
N LEU A 476 -3.43 44.41 -23.78
CA LEU A 476 -4.05 45.57 -23.18
C LEU A 476 -3.54 46.91 -23.72
N GLU A 477 -2.23 47.11 -23.84
CA GLU A 477 -1.72 48.38 -24.37
C GLU A 477 -2.10 48.62 -25.84
N PRO A 478 -2.05 47.63 -26.75
CA PRO A 478 -2.68 47.72 -28.06
C PRO A 478 -4.18 48.01 -28.05
N TYR A 479 -4.94 47.35 -27.18
CA TYR A 479 -6.40 47.53 -27.08
C TYR A 479 -6.77 48.95 -26.68
N LEU A 480 -6.08 49.52 -25.69
CA LEU A 480 -6.26 50.91 -25.26
C LEU A 480 -5.73 51.94 -26.27
N ARG A 481 -5.30 51.51 -27.46
CA ARG A 481 -4.94 52.35 -28.61
C ARG A 481 -5.68 51.97 -29.90
N ASN A 482 -6.65 51.05 -29.83
CA ASN A 482 -7.38 50.50 -30.98
C ASN A 482 -6.49 49.79 -32.03
N GLU A 483 -5.42 49.12 -31.65
CA GLU A 483 -4.51 48.48 -32.62
C GLU A 483 -4.77 46.98 -32.72
N LEU A 484 -5.84 46.47 -32.11
CA LEU A 484 -6.20 45.03 -32.19
C LEU A 484 -7.31 44.90 -33.20
N ALA A 485 -7.10 44.18 -34.27
CA ALA A 485 -8.08 43.99 -35.36
C ALA A 485 -9.31 43.26 -34.85
N HIS A 486 -9.13 42.24 -34.04
CA HIS A 486 -10.24 41.43 -33.50
C HIS A 486 -10.16 41.59 -32.00
N PRO A 487 -10.71 42.64 -31.36
CA PRO A 487 -10.47 42.83 -29.95
C PRO A 487 -11.09 41.82 -28.98
N VAL A 488 -12.37 41.47 -29.14
CA VAL A 488 -13.09 40.53 -28.26
C VAL A 488 -12.58 39.10 -28.43
N LEU A 489 -12.33 38.70 -29.73
CA LEU A 489 -11.91 37.34 -30.05
C LEU A 489 -10.47 37.05 -29.55
N SER A 490 -9.61 38.13 -29.60
CA SER A 490 -8.22 38.12 -29.18
C SER A 490 -8.06 37.96 -27.67
N PHE A 491 -8.81 38.72 -26.87
CA PHE A 491 -8.83 38.55 -25.41
C PHE A 491 -9.40 37.19 -25.00
N ALA A 492 -10.47 36.74 -25.72
CA ALA A 492 -11.13 35.48 -25.42
C ALA A 492 -10.19 34.28 -25.64
N GLN A 493 -9.21 34.45 -26.61
CA GLN A 493 -8.25 33.39 -26.95
C GLN A 493 -7.08 33.36 -25.97
N LEU A 494 -6.80 34.56 -25.35
CA LEU A 494 -5.75 34.75 -24.35
C LEU A 494 -6.08 34.07 -23.02
N VAL A 495 -7.32 34.16 -22.56
CA VAL A 495 -7.77 33.38 -21.40
C VAL A 495 -7.75 31.89 -21.71
N SER A 496 -8.14 31.51 -22.98
CA SER A 496 -8.14 30.11 -23.38
C SER A 496 -6.72 29.51 -23.42
N PHE A 497 -5.75 30.26 -23.95
CA PHE A 497 -4.35 29.81 -24.04
C PHE A 497 -3.87 29.54 -22.62
N THR A 498 -4.12 30.44 -21.68
CA THR A 498 -3.64 30.32 -20.30
C THR A 498 -4.23 29.06 -19.65
N ILE A 499 -5.52 28.82 -19.84
CA ILE A 499 -6.22 27.64 -19.25
C ILE A 499 -5.65 26.37 -19.85
N PHE A 500 -5.34 26.33 -21.17
CA PHE A 500 -4.94 25.09 -21.89
C PHE A 500 -3.43 24.85 -21.92
N VAL A 501 -2.58 25.89 -21.81
CA VAL A 501 -1.10 25.75 -21.97
C VAL A 501 -0.43 26.14 -20.63
N PRO A 502 -0.11 27.39 -20.22
CA PRO A 502 0.49 27.65 -18.90
C PRO A 502 -0.08 26.97 -17.65
N ILE A 503 -1.37 26.63 -17.61
CA ILE A 503 -2.04 26.01 -16.42
C ILE A 503 -2.17 24.50 -16.65
N VAL A 504 -2.90 24.03 -17.66
CA VAL A 504 -3.13 22.59 -17.89
C VAL A 504 -1.90 21.86 -18.39
N LEU A 505 -1.25 22.28 -19.48
CA LEU A 505 -0.11 21.55 -20.05
C LEU A 505 1.09 21.51 -19.10
N MET A 506 1.44 22.62 -18.47
CA MET A 506 2.52 22.63 -17.48
C MET A 506 2.22 21.81 -16.23
N ASN A 507 0.99 21.80 -15.73
CA ASN A 507 0.63 20.95 -14.60
C ASN A 507 0.55 19.47 -14.98
N LEU A 508 0.23 19.13 -16.23
CA LEU A 508 0.32 17.77 -16.76
C LEU A 508 1.77 17.28 -16.79
N LEU A 509 2.73 18.12 -17.17
CA LEU A 509 4.15 17.80 -17.08
C LEU A 509 4.65 17.67 -15.65
N ILE A 510 4.24 18.53 -14.72
CA ILE A 510 4.55 18.32 -13.30
C ILE A 510 3.93 17.01 -12.80
N GLY A 511 2.74 16.64 -13.27
CA GLY A 511 2.10 15.35 -12.98
C GLY A 511 2.94 14.15 -13.38
N LEU A 512 3.36 14.09 -14.64
CA LEU A 512 4.28 13.10 -15.20
C LEU A 512 5.62 13.10 -14.47
N ALA A 513 6.24 14.26 -14.29
CA ALA A 513 7.54 14.39 -13.65
C ALA A 513 7.54 13.88 -12.22
N VAL A 514 6.55 14.26 -11.41
CA VAL A 514 6.38 13.73 -10.05
C VAL A 514 6.14 12.24 -10.08
N GLY A 515 5.20 11.79 -10.91
CA GLY A 515 4.91 10.37 -11.00
C GLY A 515 6.16 9.51 -11.35
N ASP A 516 6.97 9.90 -12.37
CA ASP A 516 8.16 9.08 -12.80
C ASP A 516 9.36 9.08 -11.78
N ILE A 517 9.63 10.24 -11.17
CA ILE A 517 10.79 10.33 -10.25
C ILE A 517 10.50 9.39 -9.09
N ALA A 518 9.25 9.26 -8.69
CA ALA A 518 8.83 8.35 -7.61
C ALA A 518 9.13 6.92 -7.97
N ASP A 519 8.91 6.50 -9.20
CA ASP A 519 9.24 5.15 -9.68
C ASP A 519 10.74 4.91 -9.66
N VAL A 520 11.54 5.87 -10.06
CA VAL A 520 13.02 5.75 -10.01
C VAL A 520 13.39 5.63 -8.54
N GLN A 521 12.75 6.38 -7.66
CA GLN A 521 13.09 6.42 -6.21
C GLN A 521 12.46 5.26 -5.44
N LYS A 522 11.48 4.55 -5.99
CA LYS A 522 10.93 3.34 -5.35
C LYS A 522 12.04 2.31 -5.32
N HIS A 523 12.76 2.16 -6.41
CA HIS A 523 13.83 1.17 -6.57
C HIS A 523 15.16 1.87 -6.57
N ALA A 524 15.28 3.03 -5.98
CA ALA A 524 16.49 3.87 -6.08
C ALA A 524 17.72 3.23 -5.49
N SER A 525 17.62 2.66 -4.31
CA SER A 525 18.80 2.11 -3.60
C SER A 525 19.36 0.93 -4.36
N LEU A 526 18.51 0.13 -4.95
CA LEU A 526 18.96 -1.02 -5.76
C LEU A 526 19.52 -0.51 -7.07
N LYS A 527 19.10 0.65 -7.56
CA LYS A 527 19.59 1.09 -8.87
C LYS A 527 21.03 1.62 -8.81
N ARG A 528 21.41 2.30 -7.73
CA ARG A 528 22.82 2.67 -7.43
C ARG A 528 23.74 1.46 -7.51
N ILE A 529 23.40 0.41 -6.79
CA ILE A 529 24.24 -0.79 -6.68
C ILE A 529 24.19 -1.62 -7.95
N ALA A 530 23.04 -1.69 -8.61
CA ALA A 530 22.92 -2.35 -9.91
C ALA A 530 23.83 -1.70 -10.96
N MET A 531 23.88 -0.36 -11.00
CA MET A 531 24.80 0.37 -11.87
C MET A 531 26.26 0.14 -11.51
N GLN A 532 26.63 0.17 -10.22
CA GLN A 532 28.00 -0.12 -9.80
C GLN A 532 28.45 -1.52 -10.19
N VAL A 533 27.67 -2.56 -9.89
CA VAL A 533 28.10 -3.93 -10.20
C VAL A 533 28.14 -4.17 -11.71
N GLU A 534 27.22 -3.57 -12.49
CA GLU A 534 27.26 -3.65 -13.95
C GLU A 534 28.48 -2.91 -14.55
N LEU A 535 28.93 -1.82 -13.93
CA LEU A 535 30.16 -1.12 -14.29
C LEU A 535 31.39 -1.99 -13.99
N HIS A 536 31.48 -2.49 -12.75
CA HIS A 536 32.65 -3.32 -12.35
C HIS A 536 32.75 -4.65 -13.16
N THR A 537 31.61 -5.28 -13.39
CA THR A 537 31.61 -6.53 -14.16
C THR A 537 31.94 -6.31 -15.63
N SER A 538 31.51 -5.19 -16.24
CA SER A 538 31.90 -4.84 -17.59
C SER A 538 33.41 -4.64 -17.70
N LEU A 539 34.03 -4.00 -16.71
CA LEU A 539 35.49 -3.91 -16.63
C LEU A 539 36.14 -5.28 -16.36
N GLU A 540 35.56 -6.12 -15.50
CA GLU A 540 36.12 -7.44 -15.19
C GLU A 540 36.12 -8.38 -16.42
N LYS A 541 35.18 -8.19 -17.36
CA LYS A 541 35.16 -8.86 -18.66
C LYS A 541 36.25 -8.38 -19.61
N LYS A 542 36.69 -7.13 -19.48
CA LYS A 542 37.62 -6.45 -20.41
C LYS A 542 39.07 -6.44 -19.95
N LEU A 543 39.35 -6.34 -18.65
CA LEU A 543 40.69 -6.47 -18.11
C LEU A 543 41.25 -7.90 -18.34
N PRO A 544 42.57 -8.06 -18.51
CA PRO A 544 43.18 -9.37 -18.74
C PRO A 544 43.31 -10.18 -17.45
N LEU A 545 43.14 -11.50 -17.53
CA LEU A 545 42.99 -12.41 -16.39
C LEU A 545 44.12 -12.27 -15.35
N TRP A 546 45.37 -12.15 -15.82
CA TRP A 546 46.53 -11.99 -14.94
C TRP A 546 46.46 -10.70 -14.12
N PHE A 547 45.85 -9.64 -14.65
CA PHE A 547 45.69 -8.39 -13.91
C PHE A 547 44.69 -8.57 -12.79
N LEU A 548 43.53 -9.20 -13.04
CA LEU A 548 42.57 -9.49 -11.98
C LEU A 548 43.20 -10.32 -10.86
N ARG A 549 44.00 -11.33 -11.20
CA ARG A 549 44.72 -12.15 -10.21
C ARG A 549 45.76 -11.36 -9.43
N LYS A 550 46.49 -10.44 -10.06
CA LYS A 550 47.49 -9.58 -9.40
C LYS A 550 46.86 -8.51 -8.50
N VAL A 551 45.71 -7.98 -8.88
CA VAL A 551 45.16 -6.73 -8.34
C VAL A 551 43.98 -6.93 -7.37
N ASP A 552 43.15 -7.95 -7.57
CA ASP A 552 42.04 -8.27 -6.66
C ASP A 552 42.54 -8.94 -5.35
N GLN A 553 41.76 -8.90 -4.27
CA GLN A 553 42.15 -9.42 -2.97
C GLN A 553 41.03 -10.22 -2.28
N LYS A 554 41.34 -11.39 -1.71
CA LYS A 554 40.33 -12.32 -1.15
C LYS A 554 39.74 -11.88 0.19
N SER A 555 40.37 -10.96 0.92
CA SER A 555 39.89 -10.43 2.19
C SER A 555 40.52 -9.06 2.51
N THR A 556 39.85 -8.21 3.29
CA THR A 556 40.36 -6.90 3.71
C THR A 556 39.93 -6.54 5.13
N ILE A 557 40.81 -5.85 5.88
CA ILE A 557 40.57 -5.31 7.22
C ILE A 557 40.07 -3.85 7.16
N VAL A 558 39.26 -3.45 8.14
CA VAL A 558 38.82 -2.07 8.40
C VAL A 558 39.06 -1.70 9.87
N TYR A 559 39.45 -0.45 10.12
CA TYR A 559 39.64 0.13 11.46
C TYR A 559 38.66 1.30 11.66
N PRO A 560 37.41 1.08 12.10
CA PRO A 560 36.39 2.13 12.26
C PRO A 560 36.83 3.33 13.12
N SER A 592 7.41 -6.77 3.85
CA SER A 592 7.63 -8.19 3.57
C SER A 592 6.35 -8.95 3.17
N LEU A 593 5.18 -8.32 3.24
CA LEU A 593 3.88 -8.99 2.98
C LEU A 593 3.75 -9.59 1.59
N GLU A 594 4.51 -9.07 0.62
CA GLU A 594 4.62 -9.63 -0.75
C GLU A 594 5.29 -11.03 -0.79
N MET A 595 5.77 -11.55 0.35
CA MET A 595 6.16 -12.95 0.57
C MET A 595 5.69 -13.53 1.92
N GLU A 596 5.34 -12.72 2.91
CA GLU A 596 4.91 -13.20 4.24
C GLU A 596 3.71 -14.14 4.16
N ILE A 597 2.74 -13.77 3.32
CA ILE A 597 1.54 -14.56 3.03
C ILE A 597 1.87 -15.81 2.21
N LEU A 598 2.93 -15.81 1.40
CA LEU A 598 3.36 -17.03 0.71
C LEU A 598 3.93 -18.04 1.71
N LYS A 599 4.70 -17.61 2.71
CA LYS A 599 5.15 -18.51 3.77
C LYS A 599 3.99 -19.01 4.64
N GLN A 600 2.99 -18.16 4.88
CA GLN A 600 1.74 -18.54 5.51
C GLN A 600 1.01 -19.64 4.71
N LYS A 601 1.02 -19.56 3.38
CA LYS A 601 0.42 -20.54 2.46
C LYS A 601 1.06 -21.90 2.61
N TYR A 602 2.38 -21.98 2.57
CA TYR A 602 3.08 -23.27 2.70
C TYR A 602 2.96 -23.88 4.10
N ARG A 603 2.82 -23.08 5.15
CA ARG A 603 2.53 -23.61 6.49
C ARG A 603 1.11 -24.15 6.59
N LEU A 604 0.13 -23.45 6.02
CA LEU A 604 -1.25 -23.91 5.93
C LEU A 604 -1.41 -25.14 5.03
N LYS A 605 -0.57 -25.29 4.01
CA LYS A 605 -0.52 -26.44 3.10
C LYS A 605 -0.01 -27.71 3.78
N ASP A 606 1.10 -27.66 4.52
CA ASP A 606 1.59 -28.83 5.26
C ASP A 606 0.65 -29.20 6.41
N LEU A 607 -0.06 -28.22 6.99
CA LEU A 607 -1.12 -28.42 7.97
C LEU A 607 -2.32 -29.20 7.41
N THR A 608 -2.82 -28.89 6.20
CA THR A 608 -3.86 -29.73 5.58
C THR A 608 -3.35 -31.09 5.15
N PHE A 609 -2.12 -31.20 4.67
CA PHE A 609 -1.50 -32.51 4.38
C PHE A 609 -1.40 -33.40 5.62
N LEU A 610 -1.09 -32.87 6.80
CA LEU A 610 -0.98 -33.68 8.06
C LEU A 610 -2.37 -34.15 8.50
N LEU A 611 -3.37 -33.27 8.46
CA LEU A 611 -4.72 -33.59 8.95
C LEU A 611 -5.31 -34.73 8.14
N GLU A 612 -5.07 -34.80 6.83
CA GLU A 612 -5.63 -35.85 5.95
C GLU A 612 -5.01 -37.20 6.32
N LYS A 613 -3.72 -37.23 6.62
CA LYS A 613 -3.03 -38.47 7.09
C LYS A 613 -3.67 -38.86 8.41
N GLN A 614 -3.95 -37.90 9.26
CA GLN A 614 -4.64 -38.16 10.56
C GLN A 614 -6.03 -38.73 10.32
N HIS A 615 -6.76 -38.26 9.32
CA HIS A 615 -8.11 -38.73 8.94
C HIS A 615 -8.04 -40.16 8.44
N GLU A 616 -6.96 -40.52 7.75
CA GLU A 616 -6.79 -41.89 7.20
C GLU A 616 -6.49 -42.86 8.34
N LEU A 617 -5.94 -42.39 9.47
CA LEU A 617 -5.70 -43.24 10.66
C LEU A 617 -6.94 -43.39 11.52
N ILE A 618 -7.78 -42.37 11.62
CA ILE A 618 -9.03 -42.45 12.37
C ILE A 618 -10.02 -43.37 11.68
N LYS A 619 -10.10 -43.33 10.35
CA LYS A 619 -10.84 -44.33 9.56
C LYS A 619 -10.30 -45.73 9.78
N LEU A 620 -8.98 -45.92 9.83
CA LEU A 620 -8.34 -47.21 10.11
C LEU A 620 -8.70 -47.72 11.52
N ILE A 621 -8.81 -46.84 12.51
CA ILE A 621 -9.30 -47.24 13.85
C ILE A 621 -10.71 -47.80 13.73
N ILE A 622 -11.71 -47.09 13.19
CA ILE A 622 -13.09 -47.60 13.15
C ILE A 622 -13.20 -48.90 12.35
N GLN A 623 -12.38 -49.04 11.31
CA GLN A 623 -12.29 -50.22 10.46
C GLN A 623 -11.71 -51.44 11.17
N LYS A 624 -10.72 -51.29 12.07
CA LYS A 624 -10.07 -52.40 12.79
C LYS A 624 -10.50 -52.55 14.26
N MET A 625 -11.21 -51.57 14.81
CA MET A 625 -11.76 -51.54 16.17
C MET A 625 -12.62 -52.76 16.46
N GLU A 626 -12.72 -53.18 17.72
CA GLU A 626 -13.62 -54.24 18.11
C GLU A 626 -14.88 -53.64 18.72
N ILE A 627 -16.05 -53.97 18.17
CA ILE A 627 -17.36 -53.46 18.60
C ILE A 627 -18.20 -54.64 19.09
N ILE A 628 -18.59 -54.58 20.36
CA ILE A 628 -19.45 -55.53 21.07
C ILE A 628 -20.20 -54.71 22.13
N SER A 629 -21.44 -55.07 22.46
CA SER A 629 -22.28 -54.31 23.40
C SER A 629 -22.63 -52.88 22.98
N GLU A 630 -22.33 -52.50 21.73
CA GLU A 630 -22.65 -51.19 21.13
C GLU A 630 -23.05 -51.32 19.64
N THR A 631 -23.26 -52.54 19.16
CA THR A 631 -23.73 -52.83 17.79
C THR A 631 -25.16 -52.32 17.60
N SER B 1 7.96 -50.57 34.24
CA SER B 1 7.30 -49.88 33.10
C SER B 1 5.79 -49.73 33.24
N PRO B 2 4.95 -50.77 33.43
CA PRO B 2 3.50 -50.65 33.44
C PRO B 2 2.87 -49.42 34.12
N LEU B 3 3.16 -49.14 35.37
CA LEU B 3 2.46 -48.04 36.06
C LEU B 3 2.78 -46.78 35.32
N HIS B 4 3.96 -46.67 34.74
CA HIS B 4 4.33 -45.40 34.10
C HIS B 4 3.33 -45.19 33.00
N PHE B 5 3.01 -46.20 32.20
CA PHE B 5 2.09 -46.06 31.05
C PHE B 5 0.73 -45.67 31.57
N ALA B 6 0.25 -46.30 32.61
CA ALA B 6 -1.08 -46.00 33.12
C ALA B 6 -1.09 -44.57 33.54
N ALA B 7 -0.14 -44.12 34.29
CA ALA B 7 -0.20 -42.76 34.80
C ALA B 7 -0.11 -41.80 33.66
N SER B 8 0.72 -42.09 32.70
CA SER B 8 0.95 -41.19 31.58
C SER B 8 -0.36 -40.94 30.89
N TYR B 9 -1.21 -41.96 30.74
CA TYR B 9 -2.45 -41.88 29.98
C TYR B 9 -3.70 -41.84 30.84
N GLY B 10 -3.59 -41.55 32.13
CA GLY B 10 -4.73 -41.22 32.97
C GLY B 10 -5.58 -42.41 33.36
N ARG B 11 -5.04 -43.63 33.21
CA ARG B 11 -5.83 -44.88 33.38
C ARG B 11 -5.95 -45.15 34.88
N ILE B 12 -6.89 -44.50 35.55
CA ILE B 12 -7.06 -44.58 37.04
C ILE B 12 -7.38 -46.01 37.45
N ASN B 13 -8.25 -46.71 36.73
CA ASN B 13 -8.68 -48.07 37.16
C ASN B 13 -7.43 -48.94 37.13
N THR B 14 -6.63 -48.83 36.08
CA THR B 14 -5.36 -49.60 35.95
C THR B 14 -4.43 -49.16 37.06
N CYS B 15 -4.41 -47.88 37.42
CA CYS B 15 -3.57 -47.35 38.53
C CYS B 15 -3.99 -47.94 39.87
N GLN B 16 -5.28 -48.14 40.19
CA GLN B 16 -5.76 -48.65 41.52
C GLN B 16 -5.47 -50.16 41.66
N ARG B 17 -5.11 -50.87 40.59
CA ARG B 17 -4.78 -52.31 40.58
C ARG B 17 -3.28 -52.51 40.68
N LEU B 18 -2.47 -51.68 40.03
CA LEU B 18 -1.01 -51.67 40.15
C LEU B 18 -0.56 -51.32 41.57
N LEU B 19 -1.12 -50.25 42.15
CA LEU B 19 -0.75 -49.78 43.51
C LEU B 19 -1.10 -50.87 44.51
N GLN B 20 -2.26 -51.51 44.36
CA GLN B 20 -2.68 -52.64 45.25
C GLN B 20 -1.70 -53.79 45.05
N ASP B 21 -1.31 -54.08 43.81
CA ASP B 21 -0.38 -55.21 43.49
C ASP B 21 1.00 -54.96 44.12
N ILE B 22 1.53 -53.74 44.08
CA ILE B 22 2.89 -53.42 44.59
C ILE B 22 2.79 -52.93 46.04
N SER B 23 3.04 -53.79 47.03
CA SER B 23 3.06 -53.40 48.46
C SER B 23 4.21 -52.43 48.70
N ASP B 24 5.38 -52.67 48.10
CA ASP B 24 6.58 -51.81 48.26
C ASP B 24 6.34 -50.46 47.59
N THR B 25 6.83 -49.37 48.18
CA THR B 25 6.69 -47.99 47.62
C THR B 25 7.82 -47.73 46.63
N ARG B 26 8.79 -48.64 46.44
CA ARG B 26 9.84 -48.53 45.43
C ARG B 26 9.32 -48.56 43.98
N LEU B 27 8.18 -49.23 43.73
CA LEU B 27 7.50 -49.20 42.44
C LEU B 27 6.77 -47.87 42.20
N LEU B 28 6.05 -47.34 43.20
CA LEU B 28 5.36 -46.05 43.15
C LEU B 28 6.36 -44.91 42.93
N ASN B 29 7.50 -44.94 43.61
CA ASN B 29 8.56 -43.93 43.53
C ASN B 29 9.56 -44.19 42.38
N GLU B 30 9.30 -45.14 41.49
CA GLU B 30 10.29 -45.65 40.53
C GLU B 30 10.81 -44.61 39.53
N GLY B 31 12.01 -44.82 39.01
CA GLY B 31 12.63 -43.97 37.99
C GLY B 31 12.29 -44.39 36.55
N ASP B 32 12.83 -43.67 35.56
CA ASP B 32 12.56 -43.96 34.12
C ASP B 32 13.82 -43.57 33.33
N LEU B 33 13.86 -43.82 32.03
CA LEU B 33 15.02 -43.52 31.17
C LEU B 33 15.29 -42.02 31.22
N HIS B 34 14.24 -41.20 31.17
CA HIS B 34 14.37 -39.72 31.16
C HIS B 34 14.39 -39.20 32.59
N GLY B 35 14.33 -40.08 33.59
CA GLY B 35 14.42 -39.69 35.01
C GLY B 35 13.08 -39.42 35.62
N MET B 36 12.01 -39.69 34.89
CA MET B 36 10.64 -39.36 35.35
C MET B 36 10.07 -40.46 36.23
N THR B 37 9.02 -40.17 36.98
CA THR B 37 8.36 -41.06 37.94
C THR B 37 6.84 -40.92 37.75
N PRO B 38 5.98 -41.88 38.09
CA PRO B 38 4.55 -41.85 37.74
C PRO B 38 3.85 -40.52 38.03
N LEU B 39 4.18 -39.87 39.15
CA LEU B 39 3.64 -38.57 39.52
C LEU B 39 4.01 -37.45 38.54
N HIS B 40 5.12 -37.62 37.82
CA HIS B 40 5.53 -36.61 36.82
C HIS B 40 4.80 -36.91 35.47
N LEU B 41 4.61 -38.20 35.19
CA LEU B 41 3.91 -38.60 33.97
C LEU B 41 2.44 -38.16 34.05
N ALA B 42 1.79 -38.31 35.19
CA ALA B 42 0.42 -37.87 35.40
C ALA B 42 0.30 -36.34 35.32
N ALA B 43 1.19 -35.61 35.99
CA ALA B 43 1.22 -34.15 35.92
C ALA B 43 1.45 -33.66 34.48
N LYS B 44 2.43 -34.21 33.76
CA LYS B 44 2.79 -33.84 32.38
C LYS B 44 1.64 -33.94 31.39
N ASN B 45 0.62 -34.77 31.64
CA ASN B 45 -0.47 -35.00 30.66
C ASN B 45 -1.79 -34.48 31.22
N GLY B 46 -1.81 -33.79 32.37
CA GLY B 46 -3.03 -33.14 32.88
C GLY B 46 -4.02 -34.07 33.54
N HIS B 47 -3.60 -35.26 33.97
CA HIS B 47 -4.49 -36.23 34.65
C HIS B 47 -4.63 -35.78 36.10
N ASP B 48 -5.76 -35.13 36.46
CA ASP B 48 -5.98 -34.54 37.80
C ASP B 48 -6.42 -35.62 38.80
N LYS B 49 -6.99 -36.76 38.34
CA LYS B 49 -7.52 -37.81 39.24
C LYS B 49 -6.41 -38.83 39.50
N VAL B 50 -5.51 -39.03 38.55
CA VAL B 50 -4.37 -39.97 38.71
C VAL B 50 -3.40 -39.28 39.62
N VAL B 51 -3.19 -37.99 39.51
CA VAL B 51 -2.17 -37.27 40.33
C VAL B 51 -2.64 -37.29 41.78
N GLN B 52 -3.93 -37.20 42.04
CA GLN B 52 -4.50 -37.25 43.39
C GLN B 52 -4.49 -38.65 43.98
N LEU B 53 -4.45 -39.70 43.16
CA LEU B 53 -4.41 -41.11 43.64
C LEU B 53 -2.98 -41.47 43.95
N LEU B 54 -2.02 -40.94 43.23
CA LEU B 54 -0.62 -41.18 43.58
C LEU B 54 -0.20 -40.36 44.81
N LEU B 55 -0.69 -39.14 45.00
CA LEU B 55 -0.43 -38.38 46.22
C LEU B 55 -1.15 -38.98 47.43
N LYS B 56 -2.40 -39.45 47.30
CA LYS B 56 -3.12 -40.19 48.35
C LYS B 56 -2.38 -41.49 48.73
N LYS B 57 -1.80 -42.20 47.76
CA LYS B 57 -0.93 -43.37 47.96
C LYS B 57 0.47 -43.02 48.48
N GLY B 58 0.81 -41.75 48.65
CA GLY B 58 2.06 -41.34 49.31
C GLY B 58 3.29 -41.26 48.40
N ALA B 59 3.12 -40.83 47.16
CA ALA B 59 4.22 -40.46 46.27
C ALA B 59 5.10 -39.33 46.85
N LEU B 60 6.30 -39.14 46.28
CA LEU B 60 7.26 -38.10 46.70
C LEU B 60 7.50 -37.11 45.55
N PHE B 61 7.44 -35.83 45.82
CA PHE B 61 7.73 -34.82 44.79
C PHE B 61 9.22 -34.96 44.56
N LEU B 62 9.67 -35.95 43.80
CA LEU B 62 11.09 -36.13 43.48
C LEU B 62 11.36 -35.17 42.33
N SER B 63 12.55 -35.22 41.72
CA SER B 63 12.94 -34.30 40.62
C SER B 63 13.35 -35.13 39.41
N ASP B 64 13.45 -34.53 38.24
CA ASP B 64 13.74 -35.23 36.97
C ASP B 64 15.22 -35.10 36.63
N HIS B 65 15.70 -35.78 35.59
CA HIS B 65 17.10 -35.65 35.09
C HIS B 65 17.33 -34.19 34.68
N ASN B 66 16.31 -33.50 34.18
CA ASN B 66 16.41 -32.09 33.73
C ASN B 66 16.12 -31.16 34.92
N GLY B 67 15.87 -31.70 36.11
CA GLY B 67 15.67 -30.90 37.33
C GLY B 67 14.21 -30.55 37.54
N TRP B 68 13.33 -31.00 36.67
CA TRP B 68 11.90 -30.61 36.73
C TRP B 68 11.12 -31.34 37.82
N THR B 69 10.20 -30.63 38.49
CA THR B 69 9.30 -31.21 39.50
C THR B 69 7.96 -31.61 38.86
N ALA B 70 7.11 -32.38 39.52
CA ALA B 70 5.73 -32.61 39.05
C ALA B 70 5.01 -31.28 38.76
N LEU B 71 5.14 -30.29 39.64
CA LEU B 71 4.51 -28.99 39.46
C LEU B 71 5.08 -28.23 38.26
N HIS B 72 6.35 -28.45 37.88
CA HIS B 72 6.91 -27.83 36.69
C HIS B 72 6.25 -28.39 35.44
N HIS B 73 6.00 -29.70 35.38
CA HIS B 73 5.30 -30.33 34.26
C HIS B 73 3.84 -29.89 34.18
N ALA B 74 3.14 -29.85 35.32
CA ALA B 74 1.77 -29.38 35.37
C ALA B 74 1.64 -27.93 34.88
N SER B 75 2.59 -27.07 35.26
CA SER B 75 2.64 -25.66 34.88
C SER B 75 3.00 -25.47 33.42
N MET B 76 4.01 -26.19 32.93
CA MET B 76 4.43 -26.21 31.52
C MET B 76 3.28 -26.55 30.57
N GLY B 77 2.36 -27.42 30.99
CA GLY B 77 1.17 -27.78 30.23
C GLY B 77 -0.08 -26.94 30.51
N GLY B 78 -0.06 -26.09 31.54
CA GLY B 78 -1.20 -25.25 31.92
C GLY B 78 -2.37 -26.00 32.55
N TYR B 79 -2.12 -27.18 33.13
CA TYR B 79 -3.16 -28.06 33.66
C TYR B 79 -3.61 -27.65 35.05
N THR B 80 -4.39 -26.57 35.14
CA THR B 80 -4.77 -25.95 36.42
C THR B 80 -5.40 -26.92 37.42
N GLN B 81 -6.08 -27.94 36.93
CA GLN B 81 -6.62 -28.95 37.88
C GLN B 81 -5.41 -29.70 38.57
N THR B 82 -4.42 -30.19 37.79
CA THR B 82 -3.26 -30.90 38.41
C THR B 82 -2.52 -29.96 39.43
N MET B 83 -2.27 -28.73 38.98
CA MET B 83 -1.62 -27.75 39.83
C MET B 83 -2.39 -27.56 41.13
N LYS B 84 -3.71 -27.38 41.04
CA LYS B 84 -4.57 -27.15 42.20
C LYS B 84 -4.59 -28.36 43.15
N VAL B 85 -4.56 -29.58 42.62
CA VAL B 85 -4.36 -30.80 43.42
C VAL B 85 -3.00 -30.80 44.09
N ILE B 86 -1.91 -30.53 43.37
CA ILE B 86 -0.56 -30.56 43.94
C ILE B 86 -0.42 -29.52 45.07
N LEU B 87 -0.81 -28.27 44.81
CA LEU B 87 -0.73 -27.16 45.77
C LEU B 87 -1.57 -27.43 47.02
N ASP B 88 -2.75 -28.04 46.90
CA ASP B 88 -3.56 -28.43 48.05
C ASP B 88 -2.89 -29.48 48.96
N THR B 89 -1.99 -30.34 48.46
CA THR B 89 -1.29 -31.30 49.33
C THR B 89 -0.08 -30.70 50.05
N ASN B 90 0.76 -29.95 49.34
CA ASN B 90 2.08 -29.55 49.82
C ASN B 90 2.47 -28.15 49.29
N LEU B 91 1.95 -27.10 49.92
CA LEU B 91 2.25 -25.72 49.55
C LEU B 91 3.74 -25.34 49.67
N LYS B 92 4.56 -26.13 50.38
CA LYS B 92 6.01 -25.96 50.41
C LYS B 92 6.72 -26.35 49.10
N CYS B 93 6.04 -27.05 48.19
CA CYS B 93 6.63 -27.54 46.95
C CYS B 93 6.93 -26.42 45.93
N THR B 94 6.14 -25.35 45.92
CA THR B 94 6.06 -24.37 44.83
C THR B 94 7.37 -23.67 44.45
N ASP B 95 8.27 -23.44 45.41
CA ASP B 95 9.51 -22.71 45.18
C ASP B 95 10.66 -23.51 44.56
N ARG B 96 10.48 -24.82 44.28
CA ARG B 96 11.55 -25.70 43.77
C ARG B 96 12.13 -25.22 42.43
N LEU B 97 13.46 -25.33 42.21
CA LEU B 97 14.14 -24.92 40.95
C LEU B 97 14.58 -26.15 40.16
N ASP B 98 15.10 -25.98 38.93
CA ASP B 98 15.55 -27.08 38.03
C ASP B 98 16.99 -26.77 37.56
N GLU B 99 17.49 -27.46 36.52
CA GLU B 99 18.86 -27.24 35.98
C GLU B 99 18.99 -25.81 35.44
N ASP B 100 17.90 -25.20 34.95
CA ASP B 100 17.89 -23.82 34.42
C ASP B 100 17.76 -22.80 35.57
N GLY B 101 17.46 -23.25 36.79
CA GLY B 101 17.23 -22.36 37.94
C GLY B 101 15.88 -21.70 37.78
N ASN B 102 14.90 -22.41 37.20
CA ASN B 102 13.55 -21.87 36.91
C ASN B 102 12.51 -22.47 37.85
N THR B 103 11.57 -21.66 38.37
CA THR B 103 10.46 -22.13 39.19
C THR B 103 9.30 -22.57 38.29
N ALA B 104 8.26 -23.18 38.89
CA ALA B 104 7.01 -23.48 38.20
C ALA B 104 6.42 -22.27 37.49
N LEU B 105 6.51 -21.09 38.11
CA LEU B 105 5.95 -19.84 37.60
C LEU B 105 6.68 -19.34 36.36
N HIS B 106 7.96 -19.65 36.17
CA HIS B 106 8.66 -19.32 34.93
C HIS B 106 8.16 -20.14 33.75
N PHE B 107 7.76 -21.40 33.98
CA PHE B 107 7.22 -22.25 32.92
C PHE B 107 5.81 -21.85 32.52
N ALA B 108 4.94 -21.59 33.49
CA ALA B 108 3.58 -21.13 33.20
C ALA B 108 3.60 -19.84 32.37
N ALA B 109 4.48 -18.90 32.73
CA ALA B 109 4.65 -17.66 32.03
C ALA B 109 5.25 -17.85 30.64
N ARG B 110 6.37 -18.56 30.49
CA ARG B 110 7.02 -18.76 29.18
C ARG B 110 6.11 -19.46 28.18
N GLU B 111 5.39 -20.48 28.60
CA GLU B 111 4.52 -21.25 27.71
C GLU B 111 3.16 -20.60 27.46
N GLY B 112 2.82 -19.53 28.20
CA GLY B 112 1.69 -18.67 27.91
C GLY B 112 0.37 -19.06 28.56
N HIS B 113 0.42 -19.76 29.69
CA HIS B 113 -0.82 -20.23 30.37
C HIS B 113 -1.25 -19.24 31.45
N ALA B 114 -2.12 -18.32 31.06
CA ALA B 114 -2.53 -17.22 31.94
C ALA B 114 -3.21 -17.69 33.23
N LYS B 115 -4.14 -18.65 33.15
CA LYS B 115 -4.82 -19.18 34.33
C LYS B 115 -3.90 -20.03 35.21
N ALA B 116 -2.78 -20.54 34.68
CA ALA B 116 -1.74 -21.18 35.49
C ALA B 116 -0.89 -20.16 36.23
N VAL B 117 -0.47 -19.09 35.54
CA VAL B 117 0.21 -17.95 36.16
C VAL B 117 -0.64 -17.38 37.27
N ALA B 118 -1.93 -17.11 37.01
CA ALA B 118 -2.85 -16.59 38.01
C ALA B 118 -2.96 -17.50 39.25
N LEU B 119 -3.08 -18.81 39.04
CA LEU B 119 -3.17 -19.78 40.13
C LEU B 119 -1.91 -19.76 41.00
N LEU B 120 -0.72 -19.90 40.41
CA LEU B 120 0.54 -19.91 41.15
C LEU B 120 0.78 -18.57 41.85
N LEU B 121 0.57 -17.46 41.14
CA LEU B 121 0.82 -16.11 41.63
C LEU B 121 -0.15 -15.72 42.76
N SER B 122 -1.36 -16.29 42.80
CA SER B 122 -2.32 -16.18 43.91
C SER B 122 -1.90 -16.97 45.16
N HIS B 123 -1.21 -18.11 44.98
CA HIS B 123 -0.42 -18.74 46.03
C HIS B 123 0.91 -17.98 46.23
N ASN B 124 1.71 -18.33 47.24
CA ASN B 124 2.97 -17.65 47.53
C ASN B 124 4.13 -18.17 46.65
N ALA B 125 3.99 -18.11 45.32
CA ALA B 125 4.93 -18.71 44.36
C ALA B 125 6.32 -18.03 44.23
N ASP B 126 6.70 -17.13 45.13
CA ASP B 126 8.08 -16.69 45.33
C ASP B 126 8.83 -16.26 44.05
N ILE B 127 8.45 -15.11 43.49
CA ILE B 127 9.05 -14.54 42.29
C ILE B 127 10.57 -14.42 42.48
N VAL B 128 11.34 -15.03 41.59
CA VAL B 128 12.81 -15.11 41.74
C VAL B 128 13.38 -14.91 40.35
N LEU B 129 14.66 -15.19 40.11
CA LEU B 129 15.21 -14.98 38.78
C LEU B 129 15.89 -16.25 38.18
N ASN B 130 15.98 -16.41 36.88
CA ASN B 130 16.71 -17.58 36.29
C ASN B 130 18.20 -17.38 36.44
N LYS B 131 18.99 -18.36 36.02
CA LYS B 131 20.47 -18.25 35.99
C LYS B 131 20.77 -17.23 34.88
N GLN B 132 19.79 -16.92 34.02
CA GLN B 132 19.93 -15.85 32.98
C GLN B 132 19.42 -14.52 33.56
N GLN B 133 19.16 -14.45 34.87
CA GLN B 133 18.67 -13.22 35.57
C GLN B 133 17.38 -12.75 34.90
N ALA B 134 16.47 -13.67 34.54
CA ALA B 134 15.19 -13.36 33.86
C ALA B 134 14.00 -13.81 34.71
N SER B 135 13.24 -12.89 35.29
CA SER B 135 12.07 -13.20 36.16
C SER B 135 10.97 -13.85 35.34
N PHE B 136 9.87 -14.28 35.96
CA PHE B 136 8.71 -14.88 35.24
C PHE B 136 8.10 -13.83 34.31
N LEU B 137 8.04 -12.56 34.73
CA LEU B 137 7.46 -11.46 33.91
C LEU B 137 8.34 -11.24 32.67
N HIS B 138 9.67 -11.37 32.78
CA HIS B 138 10.61 -11.15 31.65
C HIS B 138 10.34 -12.19 30.57
N LEU B 139 10.31 -13.48 30.92
CA LEU B 139 10.16 -14.59 29.94
C LEU B 139 8.84 -14.44 29.18
N ALA B 140 7.76 -14.04 29.83
CA ALA B 140 6.46 -13.81 29.17
C ALA B 140 6.58 -12.73 28.10
N LEU B 141 7.25 -11.61 28.41
CA LEU B 141 7.36 -10.46 27.47
C LEU B 141 8.17 -10.89 26.25
N HIS B 142 9.24 -11.64 26.46
CA HIS B 142 10.16 -12.08 25.37
C HIS B 142 9.41 -13.04 24.45
N ASN B 143 8.49 -13.84 24.99
CA ASN B 143 7.69 -14.84 24.22
C ASN B 143 6.39 -14.18 23.72
N LYS B 144 6.19 -12.88 23.93
CA LYS B 144 5.02 -12.10 23.43
C LYS B 144 3.74 -12.76 23.94
N ARG B 145 3.71 -13.11 25.22
CA ARG B 145 2.54 -13.77 25.85
C ARG B 145 1.66 -12.65 26.41
N LYS B 146 0.71 -12.12 25.64
CA LYS B 146 -0.17 -11.00 26.01
C LYS B 146 -1.05 -11.34 27.17
N GLU B 147 -1.73 -12.46 27.17
CA GLU B 147 -2.71 -12.74 28.25
C GLU B 147 -1.95 -12.88 29.55
N VAL B 148 -0.82 -13.55 29.54
CA VAL B 148 -0.13 -13.78 30.82
C VAL B 148 0.32 -12.44 31.31
N VAL B 149 0.86 -11.54 30.47
CA VAL B 149 1.37 -10.25 31.04
C VAL B 149 0.20 -9.39 31.47
N LEU B 150 -0.95 -9.50 30.83
CA LEU B 150 -2.14 -8.70 31.17
C LEU B 150 -2.70 -9.20 32.48
N THR B 151 -2.49 -10.46 32.83
CA THR B 151 -2.99 -11.05 34.11
C THR B 151 -2.03 -10.67 35.20
N ILE B 152 -0.77 -10.52 34.86
CA ILE B 152 0.22 -10.05 35.84
C ILE B 152 -0.01 -8.58 36.17
N ILE B 153 -0.28 -7.73 35.19
CA ILE B 153 -0.59 -6.30 35.37
C ILE B 153 -1.88 -6.13 36.18
N ARG B 154 -2.92 -6.92 35.88
CA ARG B 154 -4.16 -6.97 36.65
C ARG B 154 -4.03 -7.68 38.00
N SER B 155 -2.89 -8.32 38.32
CA SER B 155 -2.68 -9.03 39.58
C SER B 155 -2.67 -8.13 40.80
N LYS B 156 -3.06 -8.68 41.96
CA LYS B 156 -2.85 -8.09 43.28
C LYS B 156 -1.38 -7.92 43.67
N ARG B 157 -0.43 -8.40 42.83
CA ARG B 157 1.01 -8.46 43.11
C ARG B 157 1.89 -7.73 42.10
N TRP B 158 1.32 -6.94 41.19
CA TRP B 158 2.07 -6.25 40.13
C TRP B 158 3.28 -5.46 40.64
N ASP B 159 3.08 -4.63 41.67
CA ASP B 159 4.12 -3.79 42.26
C ASP B 159 5.26 -4.59 42.92
N GLU B 160 5.08 -5.87 43.24
CA GLU B 160 6.15 -6.75 43.70
C GLU B 160 6.92 -7.34 42.51
N CYS B 161 6.23 -7.71 41.42
CA CYS B 161 6.86 -8.30 40.21
C CYS B 161 7.75 -7.28 39.50
N LEU B 162 7.28 -6.04 39.33
CA LEU B 162 8.02 -4.99 38.58
C LEU B 162 9.35 -4.71 39.29
N LYS B 163 9.37 -4.71 40.62
CA LYS B 163 10.59 -4.44 41.42
C LYS B 163 11.67 -5.49 41.16
N ILE B 164 11.31 -6.75 40.96
CA ILE B 164 12.30 -7.87 40.87
C ILE B 164 12.84 -7.93 39.44
N PHE B 165 14.03 -7.36 39.17
CA PHE B 165 14.68 -7.35 37.84
C PHE B 165 16.19 -7.09 37.98
N SER B 166 17.02 -7.43 36.98
CA SER B 166 18.50 -7.28 37.00
C SER B 166 18.91 -5.94 36.37
N HIS B 167 19.44 -4.97 37.14
CA HIS B 167 19.70 -3.64 36.54
C HIS B 167 20.87 -3.61 35.56
N ASN B 168 21.90 -4.42 35.78
CA ASN B 168 23.09 -4.48 34.93
C ASN B 168 22.90 -5.24 33.60
N SER B 169 21.80 -5.99 33.43
CA SER B 169 21.56 -6.77 32.20
C SER B 169 21.20 -5.89 30.99
N PRO B 170 21.76 -6.14 29.79
CA PRO B 170 21.30 -5.51 28.56
C PRO B 170 20.00 -6.12 28.01
N GLY B 171 19.75 -7.40 28.31
CA GLY B 171 18.61 -8.18 27.80
C GLY B 171 17.39 -8.19 28.72
N ASN B 172 17.56 -7.95 30.02
CA ASN B 172 16.49 -7.94 31.02
C ASN B 172 16.54 -6.62 31.82
N LYS B 173 16.26 -5.52 31.12
CA LYS B 173 16.19 -4.14 31.62
C LYS B 173 14.93 -3.95 32.49
N CYS B 174 14.64 -2.69 32.87
CA CYS B 174 13.35 -2.33 33.46
C CYS B 174 12.21 -2.93 32.63
N PRO B 175 11.32 -3.76 33.21
CA PRO B 175 10.23 -4.41 32.50
C PRO B 175 9.35 -3.45 31.70
N ILE B 176 9.23 -2.18 32.09
CA ILE B 176 8.44 -1.21 31.31
C ILE B 176 9.07 -0.97 29.93
N THR B 177 10.39 -0.91 29.86
CA THR B 177 11.09 -0.78 28.58
C THR B 177 11.00 -2.05 27.75
N GLU B 178 10.92 -3.22 28.38
CA GLU B 178 10.70 -4.50 27.69
C GLU B 178 9.24 -4.62 27.19
N MET B 179 8.25 -4.14 27.94
CA MET B 179 6.87 -4.05 27.48
C MET B 179 6.74 -3.15 26.26
N ILE B 180 7.44 -2.01 26.23
CA ILE B 180 7.45 -1.13 25.07
C ILE B 180 8.14 -1.80 23.88
N GLU B 181 9.22 -2.56 24.13
CA GLU B 181 10.01 -3.25 23.10
C GLU B 181 9.28 -4.45 22.47
N TYR B 182 8.31 -5.07 23.16
CA TYR B 182 7.60 -6.28 22.71
C TYR B 182 6.07 -6.22 22.68
N LEU B 183 5.42 -5.71 23.73
CA LEU B 183 3.96 -5.75 23.93
C LEU B 183 3.37 -4.36 24.26
N PRO B 184 3.36 -3.43 23.29
CA PRO B 184 2.88 -2.07 23.52
C PRO B 184 1.39 -2.02 23.83
N GLU B 185 0.61 -2.99 23.36
CA GLU B 185 -0.83 -3.04 23.64
C GLU B 185 -1.14 -3.43 25.11
N CYS B 186 -0.19 -4.03 25.82
CA CYS B 186 -0.23 -4.19 27.28
C CYS B 186 0.26 -2.94 28.01
N MET B 187 1.27 -2.25 27.48
CA MET B 187 1.70 -0.94 28.04
C MET B 187 0.59 0.10 27.97
N LYS B 188 -0.22 0.08 26.90
CA LYS B 188 -1.46 0.87 26.79
C LYS B 188 -2.41 0.64 27.98
N VAL B 189 -2.60 -0.61 28.41
CA VAL B 189 -3.43 -0.94 29.57
C VAL B 189 -2.78 -0.48 30.88
N LEU B 190 -1.47 -0.66 31.03
CA LEU B 190 -0.73 -0.20 32.20
C LEU B 190 -0.80 1.33 32.36
N LEU B 191 -0.80 2.09 31.26
CA LEU B 191 -1.04 3.53 31.27
C LEU B 191 -2.50 3.91 31.54
N ASP B 192 -3.49 3.10 31.17
CA ASP B 192 -4.89 3.37 31.53
C ASP B 192 -5.11 3.35 33.05
N PHE B 193 -4.41 2.49 33.79
CA PHE B 193 -4.38 2.51 35.26
C PHE B 193 -3.79 3.81 35.84
N CYS B 194 -3.03 4.57 35.06
CA CYS B 194 -2.48 5.87 35.46
C CYS B 194 -3.42 7.07 35.24
N MET B 195 -4.58 6.89 34.61
CA MET B 195 -5.60 7.94 34.45
C MET B 195 -6.75 7.75 35.44
N LEU B 196 -7.09 8.78 36.20
CA LEU B 196 -8.16 8.66 37.19
C LEU B 196 -9.29 9.76 37.08
N HIS B 197 -10.28 9.62 36.18
CA HIS B 197 -11.39 10.65 36.10
C HIS B 197 -12.19 10.54 37.44
N SER B 198 -12.72 11.67 38.01
CA SER B 198 -13.44 11.78 39.33
C SER B 198 -14.95 12.21 39.26
N THR B 199 -15.41 12.79 38.15
CA THR B 199 -16.82 13.20 38.15
C THR B 199 -17.71 12.70 36.99
N GLU B 200 -17.19 11.85 36.08
CA GLU B 200 -17.94 11.17 35.02
C GLU B 200 -18.78 12.01 34.02
N ASP B 201 -18.67 13.35 34.02
CA ASP B 201 -19.36 14.24 33.08
C ASP B 201 -18.58 15.53 32.84
N LYS B 202 -18.10 15.74 31.61
CA LYS B 202 -17.16 16.81 31.27
C LYS B 202 -17.72 18.23 31.30
N SER B 203 -19.04 18.40 31.34
CA SER B 203 -19.69 19.72 31.39
C SER B 203 -19.58 20.42 32.75
N CYS B 204 -19.37 19.67 33.84
CA CYS B 204 -19.37 20.21 35.21
C CYS B 204 -18.11 21.03 35.51
N ARG B 205 -18.24 22.19 36.14
CA ARG B 205 -17.09 23.06 36.46
C ARG B 205 -16.08 22.41 37.42
N ASP B 206 -16.56 21.55 38.32
CA ASP B 206 -15.74 20.75 39.24
C ASP B 206 -15.19 19.44 38.64
N TYR B 207 -15.47 19.12 37.37
CA TYR B 207 -14.94 17.91 36.71
C TYR B 207 -13.42 18.00 36.55
N TYR B 208 -12.71 16.95 36.97
CA TYR B 208 -11.26 16.87 36.81
C TYR B 208 -10.79 15.44 36.55
N ILE B 209 -9.60 15.35 35.97
CA ILE B 209 -8.90 14.10 35.69
C ILE B 209 -7.44 14.21 36.13
N GLU B 210 -6.88 13.14 36.69
CA GLU B 210 -5.49 13.11 37.17
C GLU B 210 -4.67 12.09 36.39
N TYR B 211 -3.42 12.46 36.11
CA TYR B 211 -2.42 11.65 35.43
C TYR B 211 -1.29 11.30 36.41
N ASN B 212 -0.98 10.01 36.55
CA ASN B 212 0.13 9.52 37.37
C ASN B 212 1.29 9.08 36.47
N PHE B 213 2.53 9.47 36.78
CA PHE B 213 3.68 9.22 35.91
C PHE B 213 4.63 8.12 36.37
N LYS B 214 4.33 7.34 37.41
CA LYS B 214 5.32 6.46 38.05
C LYS B 214 5.97 5.41 37.14
N TYR B 215 5.30 4.98 36.06
CA TYR B 215 5.88 4.04 35.09
C TYR B 215 6.80 4.67 34.02
N LEU B 216 6.83 6.00 33.86
CA LEU B 216 7.64 6.63 32.81
C LEU B 216 9.09 6.91 33.23
N GLN B 217 9.40 6.87 34.52
CA GLN B 217 10.69 7.21 35.11
C GLN B 217 11.65 5.99 35.25
N CYS B 218 12.77 6.20 35.95
CA CYS B 218 13.69 5.14 36.42
C CYS B 218 12.95 3.99 37.10
N LEU B 236 14.40 10.23 30.75
CA LEU B 236 13.13 9.97 30.07
C LEU B 236 13.08 8.55 29.46
N THR B 237 13.49 7.54 30.21
CA THR B 237 13.75 6.17 29.72
C THR B 237 12.59 5.54 28.97
N ALA B 238 11.36 5.68 29.46
CA ALA B 238 10.20 5.10 28.80
C ALA B 238 9.89 5.78 27.47
N LEU B 239 9.86 7.11 27.39
CA LEU B 239 9.56 7.78 26.13
C LEU B 239 10.70 7.63 25.11
N ASN B 240 11.96 7.54 25.55
CA ASN B 240 13.04 7.13 24.67
C ASN B 240 12.77 5.73 24.10
N ALA B 241 12.39 4.76 24.93
CA ALA B 241 12.07 3.42 24.45
C ALA B 241 10.87 3.43 23.49
N MET B 242 9.85 4.26 23.72
CA MET B 242 8.70 4.37 22.82
C MET B 242 9.10 4.95 21.47
N VAL B 243 9.98 5.95 21.45
CA VAL B 243 10.49 6.54 20.20
C VAL B 243 11.39 5.55 19.46
N GLN B 244 12.28 4.87 20.17
CA GLN B 244 13.22 3.90 19.50
C GLN B 244 12.45 2.69 18.86
N ASN B 245 11.32 2.34 19.49
CA ASN B 245 10.46 1.26 19.00
C ASN B 245 9.26 1.76 18.16
N ASN B 246 9.24 3.04 17.76
CA ASN B 246 8.24 3.64 16.87
C ASN B 246 6.78 3.57 17.38
N ARG B 247 6.55 3.59 18.70
CA ARG B 247 5.24 3.39 19.32
C ARG B 247 4.36 4.64 19.29
N ILE B 248 4.00 5.09 18.09
CA ILE B 248 3.26 6.35 17.88
C ILE B 248 1.94 6.42 18.65
N GLU B 249 1.26 5.29 18.86
CA GLU B 249 0.00 5.20 19.61
C GLU B 249 0.18 5.33 21.13
N LEU B 250 1.40 5.12 21.64
CA LEU B 250 1.76 5.33 23.05
C LEU B 250 2.31 6.74 23.26
N LEU B 251 3.09 7.27 22.29
CA LEU B 251 3.46 8.68 22.23
C LEU B 251 2.22 9.59 22.29
N ASN B 252 1.17 9.25 21.53
CA ASN B 252 -0.09 9.98 21.52
C ASN B 252 -1.07 9.58 22.63
N HIS B 253 -0.67 8.77 23.62
CA HIS B 253 -1.52 8.47 24.76
C HIS B 253 -1.62 9.69 25.71
N PRO B 254 -2.79 10.05 26.25
CA PRO B 254 -2.94 11.19 27.14
C PRO B 254 -1.96 11.26 28.31
N VAL B 255 -1.56 10.14 28.91
CA VAL B 255 -0.55 10.15 29.98
C VAL B 255 0.81 10.64 29.46
N CYS B 256 1.20 10.24 28.25
CA CYS B 256 2.46 10.66 27.65
C CYS B 256 2.41 12.11 27.18
N LYS B 257 1.30 12.56 26.58
CA LYS B 257 1.13 13.97 26.18
C LYS B 257 1.22 14.90 27.37
N GLU B 258 0.54 14.57 28.47
CA GLU B 258 0.61 15.34 29.70
C GLU B 258 1.96 15.20 30.42
N TYR B 259 2.65 14.06 30.33
CA TYR B 259 3.99 13.91 30.89
C TYR B 259 5.00 14.82 30.18
N LEU B 260 4.97 14.89 28.84
CA LEU B 260 5.82 15.81 28.07
C LEU B 260 5.49 17.26 28.37
N LEU B 261 4.21 17.65 28.32
CA LEU B 261 3.79 19.01 28.64
C LEU B 261 4.21 19.41 30.06
N MET B 262 4.10 18.50 31.02
CA MET B 262 4.59 18.70 32.38
C MET B 262 6.11 18.91 32.40
N LYS B 263 6.89 18.12 31.66
CA LYS B 263 8.36 18.28 31.56
C LYS B 263 8.76 19.61 30.90
N TRP B 264 7.99 20.05 29.90
CA TRP B 264 8.16 21.36 29.26
C TRP B 264 7.83 22.51 30.22
N LEU B 265 6.74 22.44 30.99
CA LEU B 265 6.42 23.41 32.05
C LEU B 265 7.31 23.29 33.29
N ALA B 266 7.99 22.17 33.51
CA ALA B 266 8.96 22.00 34.59
C ALA B 266 10.19 22.85 34.33
N TYR B 267 10.86 22.61 33.19
CA TYR B 267 12.10 23.31 32.85
C TYR B 267 12.27 23.55 31.34
N GLY B 268 11.65 22.76 30.45
CA GLY B 268 11.95 22.83 29.02
C GLY B 268 11.65 24.19 28.38
N PHE B 269 10.53 24.82 28.73
CA PHE B 269 10.21 26.17 28.28
C PHE B 269 11.23 27.19 28.77
N ARG B 270 11.46 27.25 30.08
CA ARG B 270 12.40 28.20 30.68
C ARG B 270 13.81 28.03 30.13
N ALA B 271 14.27 26.79 29.97
CA ALA B 271 15.59 26.51 29.41
C ALA B 271 15.68 26.92 27.93
N HIS B 272 14.61 26.76 27.19
CA HIS B 272 14.64 27.17 25.77
C HIS B 272 14.57 28.76 25.70
N MET B 273 13.63 29.40 26.42
CA MET B 273 13.56 30.90 26.38
C MET B 273 14.91 31.52 26.83
N MET B 274 15.55 30.88 27.81
CA MET B 274 16.83 31.39 28.29
C MET B 274 17.92 31.34 27.21
N ASN B 275 18.02 30.24 26.45
CA ASN B 275 19.01 30.12 25.37
C ASN B 275 18.65 31.00 24.16
N LEU B 276 17.40 30.92 23.69
CA LEU B 276 16.84 31.75 22.62
C LEU B 276 16.90 33.24 22.95
N GLY B 277 16.64 33.63 24.20
CA GLY B 277 16.78 35.00 24.67
C GLY B 277 18.22 35.49 24.68
N SER B 278 19.19 34.63 25.03
CA SER B 278 20.61 34.99 24.95
C SER B 278 21.07 35.27 23.52
N TYR B 279 20.42 34.63 22.54
CA TYR B 279 20.63 34.89 21.12
C TYR B 279 19.90 36.15 20.65
N CYS B 280 18.64 36.31 21.07
CA CYS B 280 17.80 37.45 20.75
C CYS B 280 18.43 38.79 21.18
N LEU B 281 19.24 38.76 22.26
CA LEU B 281 20.06 39.88 22.75
C LEU B 281 21.01 40.46 21.70
N GLY B 282 21.46 39.67 20.72
CA GLY B 282 22.25 40.16 19.58
C GLY B 282 21.41 40.37 18.31
N LEU B 283 20.42 39.50 18.09
CA LEU B 283 19.54 39.54 16.91
C LEU B 283 18.78 40.86 16.79
N ILE B 284 18.10 41.31 17.85
CA ILE B 284 17.24 42.50 17.78
C ILE B 284 18.08 43.78 17.66
N PRO B 285 19.04 44.07 18.57
CA PRO B 285 19.93 45.22 18.44
C PRO B 285 20.62 45.35 17.08
N MET B 286 21.10 44.26 16.46
CA MET B 286 21.71 44.38 15.14
C MET B 286 20.71 44.84 14.06
N THR B 287 19.45 44.41 14.10
CA THR B 287 18.45 44.98 13.18
C THR B 287 18.10 46.42 13.50
N ILE B 288 18.02 46.81 14.78
CA ILE B 288 17.76 48.20 15.17
C ILE B 288 18.88 49.11 14.64
N LEU B 289 20.12 48.66 14.78
CA LEU B 289 21.33 49.33 14.30
C LEU B 289 21.42 49.40 12.77
N VAL B 290 20.66 48.58 12.04
CA VAL B 290 20.47 48.66 10.59
C VAL B 290 19.32 49.57 10.20
N VAL B 291 18.10 49.36 10.71
CA VAL B 291 16.92 50.10 10.21
C VAL B 291 16.88 51.56 10.66
N ASN B 292 17.74 51.98 11.61
CA ASN B 292 17.87 53.38 12.05
C ASN B 292 19.06 54.12 11.42
N ILE B 293 19.83 53.49 10.55
CA ILE B 293 20.99 54.10 9.88
C ILE B 293 20.90 53.83 8.38
N LYS B 294 21.16 54.82 7.51
CA LYS B 294 21.16 54.62 6.06
C LYS B 294 22.33 53.71 5.66
N PRO B 295 22.11 52.54 5.02
CA PRO B 295 23.19 51.65 4.65
C PRO B 295 24.24 52.33 3.79
N GLY B 296 25.51 52.12 4.13
CA GLY B 296 26.66 52.74 3.47
C GLY B 296 27.17 54.01 4.16
N MET B 297 26.44 54.60 5.10
CA MET B 297 26.96 55.68 5.95
C MET B 297 27.81 55.11 7.08
N ALA B 298 28.99 55.67 7.34
CA ALA B 298 29.77 55.31 8.53
C ALA B 298 29.03 55.74 9.80
N PHE B 299 29.23 55.03 10.90
CA PHE B 299 28.67 55.43 12.18
C PHE B 299 29.58 55.06 13.35
N ASN B 300 29.41 55.78 14.45
CA ASN B 300 30.13 55.66 15.71
C ASN B 300 29.11 55.80 16.85
N SER B 301 29.50 55.47 18.07
CA SER B 301 28.67 55.77 19.25
C SER B 301 28.30 57.26 19.32
N THR B 302 29.18 58.12 18.83
CA THR B 302 28.99 59.57 18.78
C THR B 302 27.93 60.02 17.77
N GLY B 303 27.54 59.19 16.79
CA GLY B 303 26.46 59.51 15.84
C GLY B 303 26.61 58.86 14.45
N ILE B 304 25.87 59.38 13.47
CA ILE B 304 25.93 58.94 12.07
C ILE B 304 26.74 59.97 11.27
N ILE B 305 27.81 59.55 10.60
CA ILE B 305 28.62 60.40 9.72
C ILE B 305 27.88 60.63 8.38
N ASN B 306 27.86 61.87 7.90
CA ASN B 306 27.24 62.25 6.62
C ASN B 306 27.87 63.54 6.05
N ASN B 319 20.32 59.98 17.53
CA ASN B 319 20.03 58.64 18.05
C ASN B 319 21.23 58.04 18.81
N SER B 320 22.14 58.87 19.33
CA SER B 320 23.41 58.43 19.90
C SER B 320 23.25 57.37 20.99
N TYR B 321 22.32 57.53 21.92
CA TYR B 321 22.07 56.52 22.97
C TYR B 321 21.69 55.16 22.35
N LEU B 322 20.71 55.14 21.44
CA LEU B 322 20.26 53.91 20.77
C LEU B 322 21.39 53.28 19.99
N ILE B 323 22.12 54.09 19.24
CA ILE B 323 23.20 53.63 18.38
C ILE B 323 24.34 53.06 19.22
N LYS B 324 24.70 53.71 20.34
CA LYS B 324 25.73 53.24 21.27
C LYS B 324 25.30 51.97 22.00
N THR B 325 24.09 51.93 22.54
CA THR B 325 23.61 50.76 23.29
C THR B 325 23.42 49.54 22.40
N CYS B 326 22.94 49.68 21.17
CA CYS B 326 22.82 48.56 20.25
C CYS B 326 24.20 48.02 19.82
N MET B 327 25.16 48.91 19.59
CA MET B 327 26.54 48.49 19.36
C MET B 327 27.12 47.74 20.56
N ILE B 328 26.94 48.25 21.78
CA ILE B 328 27.41 47.58 22.98
C ILE B 328 26.77 46.20 23.11
N LEU B 329 25.45 46.09 22.93
CA LEU B 329 24.73 44.81 22.98
C LEU B 329 25.22 43.80 21.92
N VAL B 330 25.48 44.24 20.69
CA VAL B 330 26.06 43.38 19.66
C VAL B 330 27.49 42.97 20.01
N PHE B 331 28.31 43.87 20.55
CA PHE B 331 29.70 43.56 20.91
C PHE B 331 29.77 42.54 22.06
N LEU B 332 28.98 42.76 23.12
CA LEU B 332 28.84 41.81 24.22
C LEU B 332 28.28 40.47 23.74
N SER B 333 27.19 40.46 22.98
CA SER B 333 26.60 39.24 22.41
C SER B 333 27.59 38.46 21.55
N SER B 334 28.47 39.17 20.84
CA SER B 334 29.56 38.56 20.07
C SER B 334 30.61 37.89 20.95
N ILE B 335 31.17 38.57 21.96
CA ILE B 335 32.20 37.96 22.81
C ILE B 335 31.63 36.90 23.77
N PHE B 336 30.33 37.00 24.06
CA PHE B 336 29.63 35.96 24.87
C PHE B 336 29.54 34.71 23.93
N GLY B 337 29.30 35.01 22.64
CA GLY B 337 29.30 33.99 21.59
C GLY B 337 30.64 33.27 21.47
N TYR B 338 31.76 33.99 21.41
CA TYR B 338 33.10 33.39 21.46
C TYR B 338 33.34 32.59 22.77
N CYS B 339 32.84 33.06 23.91
CA CYS B 339 32.91 32.30 25.17
C CYS B 339 32.07 31.01 25.13
N LYS B 340 30.81 31.08 24.68
CA LYS B 340 29.91 29.92 24.56
C LYS B 340 30.46 28.88 23.56
N GLU B 341 31.11 29.33 22.49
CA GLU B 341 32.15 28.54 21.81
C GLU B 341 33.39 28.42 22.71
N ILE B 356 25.51 22.38 9.96
CA ILE B 356 26.21 23.67 9.71
C ILE B 356 26.08 24.66 10.87
N SER B 357 25.27 24.29 11.92
CA SER B 357 24.96 25.16 13.07
C SER B 357 26.20 25.85 13.68
N ASN B 358 27.26 25.07 13.93
CA ASN B 358 28.52 25.59 14.49
C ASN B 358 29.25 26.57 13.55
N VAL B 359 29.12 26.41 12.23
CA VAL B 359 29.71 27.32 11.23
C VAL B 359 28.98 28.65 11.19
N LEU B 360 27.60 28.61 11.25
CA LEU B 360 26.81 29.83 11.15
C LEU B 360 27.12 30.78 12.32
N GLU B 361 27.27 30.17 13.56
CA GLU B 361 27.61 30.90 14.79
C GLU B 361 29.01 31.54 14.70
N TRP B 362 30.01 30.86 14.09
CA TRP B 362 31.31 31.50 13.83
C TRP B 362 31.21 32.69 12.88
N ILE B 363 30.41 32.60 11.81
CA ILE B 363 30.22 33.69 10.85
C ILE B 363 29.57 34.89 11.54
N ILE B 364 28.51 34.67 12.33
CA ILE B 364 27.78 35.73 13.02
C ILE B 364 28.70 36.48 13.99
N TYR B 365 29.40 35.79 14.88
CA TYR B 365 30.20 36.46 15.90
C TYR B 365 31.44 37.13 15.30
N THR B 366 32.16 36.47 14.38
CA THR B 366 33.34 37.09 13.74
C THR B 366 32.98 38.33 12.92
N THR B 367 31.83 38.32 12.24
CA THR B 367 31.40 39.42 11.36
C THR B 367 30.67 40.51 12.14
N GLY B 368 29.90 40.14 13.15
CA GLY B 368 29.17 41.08 14.01
C GLY B 368 30.09 42.01 14.81
N ILE B 369 31.32 41.56 15.11
CA ILE B 369 32.32 42.43 15.77
C ILE B 369 32.64 43.58 14.82
N ILE B 370 32.90 43.31 13.55
CA ILE B 370 33.33 44.34 12.56
C ILE B 370 32.22 45.39 12.39
N PHE B 371 30.95 44.99 12.36
CA PHE B 371 29.83 45.93 12.11
C PHE B 371 29.83 46.99 13.20
N VAL B 372 30.25 46.63 14.42
CA VAL B 372 30.24 47.55 15.61
C VAL B 372 31.69 47.87 16.04
N LEU B 373 32.70 47.56 15.22
CA LEU B 373 34.14 47.85 15.51
C LEU B 373 34.40 49.37 15.45
N PRO B 374 33.96 50.15 14.43
CA PRO B 374 34.11 51.63 14.44
C PRO B 374 34.09 52.28 15.82
N LEU B 375 33.26 51.83 16.77
CA LEU B 375 33.25 52.32 18.18
C LEU B 375 34.63 52.89 18.56
N PHE B 376 35.72 52.12 18.40
CA PHE B 376 37.11 52.54 18.73
C PHE B 376 37.98 52.50 17.47
N VAL B 377 38.37 51.31 16.97
CA VAL B 377 39.19 51.20 15.71
C VAL B 377 38.38 51.78 14.57
N GLU B 378 38.91 52.76 13.85
CA GLU B 378 38.07 53.38 12.79
C GLU B 378 38.18 52.49 11.57
N ILE B 379 37.08 52.19 10.92
CA ILE B 379 37.06 51.22 9.79
C ILE B 379 36.24 51.86 8.68
N PRO B 380 36.64 51.71 7.42
CA PRO B 380 35.87 52.22 6.32
C PRO B 380 34.38 51.91 6.36
N ALA B 381 33.60 52.77 5.77
CA ALA B 381 32.16 52.57 5.70
C ALA B 381 31.90 51.31 4.94
N HIS B 382 32.61 51.10 3.86
CA HIS B 382 32.32 49.96 2.97
C HIS B 382 32.46 48.69 3.79
N LEU B 383 33.54 48.51 4.52
CA LEU B 383 33.75 47.26 5.28
C LEU B 383 32.73 47.30 6.37
N GLN B 384 32.43 48.45 6.92
CA GLN B 384 31.52 48.44 8.06
C GLN B 384 30.25 47.82 7.56
N TRP B 385 29.75 48.19 6.40
CA TRP B 385 28.43 47.72 5.93
C TRP B 385 28.56 46.52 4.99
N GLN B 386 29.74 46.06 4.67
CA GLN B 386 29.91 44.83 3.88
C GLN B 386 29.79 43.71 4.90
N CYS B 387 30.22 43.96 6.12
CA CYS B 387 30.18 42.91 7.18
C CYS B 387 28.82 42.99 7.84
N GLY B 388 28.20 44.14 7.83
CA GLY B 388 26.81 44.30 8.28
C GLY B 388 25.80 43.54 7.42
N ALA B 389 26.02 43.54 6.06
CA ALA B 389 25.16 42.81 5.13
C ALA B 389 25.17 41.30 5.37
N ILE B 390 26.40 40.77 5.71
CA ILE B 390 26.65 39.34 5.90
C ILE B 390 26.07 38.95 7.25
N ALA B 391 26.40 39.78 8.30
CA ALA B 391 26.04 39.51 9.67
C ALA B 391 24.53 39.49 9.88
N VAL B 392 23.79 40.48 9.35
CA VAL B 392 22.33 40.51 9.50
C VAL B 392 21.65 39.38 8.76
N TYR B 393 22.22 39.01 7.56
CA TYR B 393 21.68 37.89 6.83
C TYR B 393 21.73 36.64 7.71
N PHE B 394 22.97 36.35 8.27
CA PHE B 394 23.20 35.08 8.95
C PHE B 394 22.58 35.01 10.35
N TYR B 395 22.40 36.21 10.99
CA TYR B 395 21.67 36.30 12.26
C TYR B 395 20.24 35.77 12.12
N TRP B 396 19.52 36.13 11.06
CA TRP B 396 18.16 35.66 10.81
C TRP B 396 18.10 34.25 10.22
N MET B 397 19.09 33.84 9.37
CA MET B 397 19.06 32.47 8.86
C MET B 397 19.27 31.45 9.99
N ASN B 398 20.19 31.82 10.96
CA ASN B 398 20.56 30.93 12.04
C ASN B 398 19.51 30.95 13.16
N PHE B 399 18.61 32.00 13.14
CA PHE B 399 17.42 32.01 14.00
C PHE B 399 16.42 30.88 13.66
N LEU B 400 16.45 30.39 12.37
CA LEU B 400 15.62 29.25 11.99
C LEU B 400 16.00 27.96 12.76
N LEU B 401 17.30 27.90 13.21
CA LEU B 401 17.84 26.73 13.92
C LEU B 401 17.50 26.74 15.43
N TYR B 402 16.97 27.92 15.91
CA TYR B 402 16.32 28.03 17.20
C TYR B 402 14.84 27.66 17.12
N LEU B 403 14.21 28.11 16.04
CA LEU B 403 12.76 27.84 15.79
C LEU B 403 12.38 26.31 15.91
N GLN B 404 13.33 25.44 15.52
CA GLN B 404 13.15 23.97 15.53
C GLN B 404 12.74 23.39 16.88
N ARG B 405 13.21 23.95 17.98
CA ARG B 405 12.94 23.41 19.33
C ARG B 405 11.44 23.51 19.55
N PHE B 406 10.77 24.55 19.09
CA PHE B 406 9.30 24.67 19.18
C PHE B 406 8.68 23.54 18.36
N GLU B 407 7.63 22.87 18.84
CA GLU B 407 6.93 21.79 18.10
C GLU B 407 6.22 22.34 16.87
N ASN B 408 5.59 23.51 16.97
CA ASN B 408 4.74 24.07 15.88
C ASN B 408 5.59 24.26 14.63
N CYS B 409 6.86 24.60 14.77
CA CYS B 409 7.75 24.96 13.63
C CYS B 409 8.78 23.93 13.21
N GLY B 410 9.23 23.01 14.06
CA GLY B 410 10.42 22.21 13.76
C GLY B 410 10.31 21.30 12.53
N ILE B 411 9.11 20.77 12.24
CA ILE B 411 8.90 19.94 11.07
C ILE B 411 9.12 20.71 9.76
N PHE B 412 8.82 22.01 9.70
CA PHE B 412 9.09 22.82 8.52
C PHE B 412 10.57 23.03 8.28
N ILE B 413 11.38 23.22 9.33
CA ILE B 413 12.83 23.34 9.17
C ILE B 413 13.46 21.96 8.89
N VAL B 414 12.88 20.86 9.37
CA VAL B 414 13.27 19.50 8.94
C VAL B 414 13.02 19.30 7.45
N MET B 415 11.85 19.72 6.94
CA MET B 415 11.53 19.66 5.52
C MET B 415 12.42 20.60 4.69
N LEU B 416 12.79 21.79 5.29
CA LEU B 416 13.70 22.75 4.64
C LEU B 416 15.09 22.15 4.46
N GLU B 417 15.62 21.49 5.56
CA GLU B 417 16.95 20.88 5.52
C GLU B 417 16.97 19.66 4.58
N VAL B 418 15.93 18.83 4.56
CA VAL B 418 15.81 17.69 3.65
C VAL B 418 15.80 18.12 2.18
N ILE B 419 15.00 19.12 1.82
CA ILE B 419 14.93 19.59 0.42
C ILE B 419 16.17 20.37 0.00
N LEU B 420 16.80 21.14 0.95
CA LEU B 420 18.00 21.92 0.67
C LEU B 420 19.21 21.01 0.43
N LYS B 421 19.38 19.99 1.33
CA LYS B 421 20.40 18.94 1.19
C LYS B 421 20.25 18.19 -0.12
N THR B 422 19.01 17.89 -0.52
CA THR B 422 18.74 17.20 -1.80
C THR B 422 19.14 18.05 -3.00
N LEU B 423 18.78 19.33 -3.03
CA LEU B 423 19.21 20.23 -4.10
C LEU B 423 20.73 20.41 -4.15
N LEU B 424 21.39 20.49 -2.94
CA LEU B 424 22.85 20.65 -2.86
C LEU B 424 23.65 19.39 -3.28
N ARG B 425 23.05 18.17 -2.98
CA ARG B 425 23.56 16.90 -3.53
C ARG B 425 23.35 16.78 -5.04
N SER B 426 22.32 17.42 -5.57
CA SER B 426 21.97 17.35 -6.99
C SER B 426 22.74 18.35 -7.87
N THR B 427 23.03 19.55 -7.36
CA THR B 427 23.66 20.61 -8.15
C THR B 427 25.09 20.31 -8.60
N VAL B 428 25.77 19.32 -8.03
CA VAL B 428 27.07 18.84 -8.53
C VAL B 428 26.95 18.27 -9.95
N VAL B 429 25.77 17.76 -10.32
CA VAL B 429 25.43 17.30 -11.67
C VAL B 429 24.99 18.49 -12.53
N PHE B 430 24.04 19.29 -12.04
CA PHE B 430 23.35 20.28 -12.86
C PHE B 430 24.05 21.65 -12.99
N ILE B 431 25.17 21.89 -12.29
CA ILE B 431 26.14 22.90 -12.69
C ILE B 431 26.64 22.66 -14.12
N PHE B 432 26.97 21.43 -14.51
CA PHE B 432 27.49 21.16 -15.85
C PHE B 432 26.41 21.27 -16.94
N LEU B 433 25.14 21.02 -16.59
CA LEU B 433 24.00 21.29 -17.47
C LEU B 433 23.86 22.80 -17.75
N LEU B 434 24.00 23.66 -16.75
CA LEU B 434 23.96 25.12 -16.93
C LEU B 434 25.26 25.66 -17.56
N LEU B 435 26.41 25.07 -17.30
CA LEU B 435 27.69 25.46 -17.91
C LEU B 435 27.66 25.24 -19.43
N ALA B 436 27.06 24.15 -19.90
CA ALA B 436 26.84 23.91 -21.32
C ALA B 436 26.06 25.04 -22.00
N PHE B 437 24.86 25.39 -21.42
CA PHE B 437 24.06 26.45 -22.04
C PHE B 437 24.70 27.83 -21.90
N GLY B 438 25.40 28.09 -20.75
CA GLY B 438 26.06 29.37 -20.49
C GLY B 438 27.24 29.62 -21.42
N LEU B 439 28.11 28.64 -21.63
CA LEU B 439 29.20 28.73 -22.59
C LEU B 439 28.66 28.73 -24.03
N SER B 440 27.46 28.11 -24.28
CA SER B 440 26.86 28.14 -25.61
C SER B 440 26.31 29.53 -25.97
N PHE B 441 25.44 30.11 -25.06
CA PHE B 441 24.90 31.45 -25.27
C PHE B 441 25.95 32.55 -25.21
N TYR B 442 27.08 32.35 -24.52
CA TYR B 442 28.21 33.26 -24.61
C TYR B 442 28.73 33.41 -26.04
N ILE B 443 28.74 32.33 -26.85
CA ILE B 443 29.09 32.41 -28.27
C ILE B 443 27.94 33.03 -29.08
N LEU B 444 26.71 32.43 -28.95
CA LEU B 444 25.60 32.76 -29.84
C LEU B 444 25.14 34.22 -29.73
N LEU B 445 25.22 34.76 -28.46
CA LEU B 445 24.66 36.06 -28.07
C LEU B 445 25.73 37.06 -27.61
N ASN B 446 27.02 36.85 -27.93
CA ASN B 446 28.15 37.64 -27.40
C ASN B 446 27.97 39.15 -27.50
N LEU B 447 27.34 39.62 -28.58
CA LEU B 447 27.16 41.04 -28.88
C LEU B 447 26.08 41.73 -28.03
N GLN B 448 25.48 41.04 -27.05
CA GLN B 448 24.47 41.58 -26.14
C GLN B 448 24.99 41.73 -24.71
N ASP B 449 24.65 42.85 -24.06
CA ASP B 449 25.18 43.19 -22.73
C ASP B 449 25.01 42.09 -21.67
N PRO B 450 23.84 41.42 -21.55
CA PRO B 450 23.61 40.34 -20.59
C PRO B 450 24.53 39.12 -20.71
N PHE B 451 25.28 39.01 -21.80
CA PHE B 451 26.14 37.88 -22.14
C PHE B 451 27.59 38.32 -22.41
N SER B 452 27.97 39.55 -22.02
CA SER B 452 29.28 40.16 -22.34
C SER B 452 30.52 39.38 -21.89
N SER B 453 30.38 38.48 -20.91
CA SER B 453 31.46 37.70 -20.30
C SER B 453 30.92 36.33 -19.89
N PRO B 454 31.77 35.29 -19.82
CA PRO B 454 31.27 33.93 -19.61
C PRO B 454 30.62 33.73 -18.25
N LEU B 455 31.11 34.38 -17.18
CA LEU B 455 30.44 34.34 -15.88
C LEU B 455 29.08 35.05 -15.88
N LEU B 456 28.95 36.20 -16.54
CA LEU B 456 27.65 36.87 -16.67
C LEU B 456 26.66 36.00 -17.44
N SER B 457 27.12 35.30 -18.47
CA SER B 457 26.31 34.35 -19.23
C SER B 457 25.84 33.16 -18.39
N ILE B 458 26.65 32.68 -17.46
CA ILE B 458 26.28 31.60 -16.55
C ILE B 458 25.27 32.09 -15.50
N ILE B 459 25.34 33.34 -15.06
CA ILE B 459 24.39 33.89 -14.05
C ILE B 459 23.06 34.19 -14.75
N GLN B 460 23.08 34.58 -16.02
CA GLN B 460 21.84 34.79 -16.83
C GLN B 460 21.15 33.45 -17.04
N THR B 461 21.89 32.38 -17.32
CA THR B 461 21.35 31.03 -17.54
C THR B 461 20.65 30.58 -16.25
N PHE B 462 21.23 30.87 -15.09
CA PHE B 462 20.65 30.53 -13.77
C PHE B 462 19.37 31.34 -13.56
N SER B 463 19.36 32.61 -13.94
CA SER B 463 18.16 33.50 -13.85
C SER B 463 17.05 33.00 -14.76
N MET B 464 17.39 32.47 -15.94
CA MET B 464 16.40 31.98 -16.93
C MET B 464 15.83 30.62 -16.53
N MET B 465 16.37 29.94 -15.52
CA MET B 465 15.78 28.69 -15.02
C MET B 465 14.39 28.88 -14.41
N LEU B 466 14.13 30.05 -13.83
CA LEU B 466 12.84 30.43 -13.27
C LEU B 466 11.76 30.74 -14.34
N GLY B 467 12.07 30.57 -15.63
CA GLY B 467 11.17 30.79 -16.75
C GLY B 467 11.10 32.24 -17.25
N ASP B 468 11.86 33.17 -16.67
CA ASP B 468 12.02 34.52 -17.23
C ASP B 468 13.13 34.52 -18.30
N ILE B 469 12.80 33.99 -19.48
CA ILE B 469 13.71 33.78 -20.63
C ILE B 469 14.18 35.10 -21.27
N ASN B 470 13.49 36.23 -21.07
CA ASN B 470 13.73 37.49 -21.77
C ASN B 470 13.65 37.32 -23.31
N TYR B 471 12.73 36.49 -23.82
CA TYR B 471 12.68 36.08 -25.24
C TYR B 471 12.61 37.26 -26.22
N ARG B 472 11.62 38.16 -26.05
CA ARG B 472 11.50 39.31 -26.95
C ARG B 472 12.73 40.19 -26.90
N GLU B 473 13.26 40.39 -25.71
CA GLU B 473 14.35 41.33 -25.41
C GLU B 473 15.72 40.85 -25.91
N SER B 474 15.90 39.54 -26.13
CA SER B 474 17.21 38.91 -26.38
C SER B 474 17.32 38.10 -27.66
N PHE B 475 16.20 37.67 -28.23
CA PHE B 475 16.16 36.87 -29.46
C PHE B 475 15.36 37.58 -30.54
N LEU B 476 14.07 37.83 -30.32
CA LEU B 476 13.20 38.41 -31.34
C LEU B 476 13.63 39.82 -31.76
N GLU B 477 13.74 40.76 -30.83
CA GLU B 477 14.03 42.14 -31.19
C GLU B 477 15.42 42.31 -31.85
N PRO B 478 16.49 41.65 -31.40
CA PRO B 478 17.73 41.53 -32.17
C PRO B 478 17.56 40.91 -33.56
N TYR B 479 16.78 39.84 -33.71
CA TYR B 479 16.56 39.18 -35.00
C TYR B 479 15.86 40.09 -35.99
N LEU B 480 14.82 40.80 -35.57
CA LEU B 480 14.10 41.78 -36.37
C LEU B 480 14.91 43.07 -36.63
N ARG B 481 16.17 43.13 -36.20
CA ARG B 481 17.13 44.20 -36.54
C ARG B 481 18.44 43.68 -37.15
N ASN B 482 18.53 42.38 -37.46
CA ASN B 482 19.74 41.70 -37.93
C ASN B 482 20.94 41.81 -36.97
N GLU B 483 20.73 41.76 -35.66
CA GLU B 483 21.83 41.86 -34.68
C GLU B 483 22.16 40.48 -34.07
N LEU B 484 21.78 39.39 -34.72
CA LEU B 484 22.10 38.02 -34.25
C LEU B 484 23.08 37.44 -35.25
N ALA B 485 24.27 37.08 -34.81
CA ALA B 485 25.33 36.52 -35.67
C ALA B 485 24.85 35.20 -36.23
N HIS B 486 24.24 34.36 -35.40
CA HIS B 486 23.74 33.04 -35.81
C HIS B 486 22.25 33.07 -35.59
N PRO B 487 21.40 33.46 -36.56
CA PRO B 487 19.99 33.59 -36.24
C PRO B 487 19.23 32.28 -36.05
N VAL B 488 19.44 31.27 -36.88
CA VAL B 488 18.73 29.98 -36.82
C VAL B 488 19.20 29.14 -35.64
N LEU B 489 20.57 29.10 -35.44
CA LEU B 489 21.19 28.29 -34.40
C LEU B 489 20.86 28.79 -32.97
N SER B 490 20.77 30.16 -32.86
CA SER B 490 20.40 30.87 -31.63
C SER B 490 18.96 30.60 -31.21
N PHE B 491 18.00 30.67 -32.13
CA PHE B 491 16.61 30.30 -31.84
C PHE B 491 16.47 28.82 -31.52
N ALA B 492 17.23 27.96 -32.28
CA ALA B 492 17.17 26.52 -32.07
C ALA B 492 17.67 26.12 -30.67
N GLN B 493 18.62 26.95 -30.10
CA GLN B 493 19.18 26.70 -28.79
C GLN B 493 18.27 27.20 -27.66
N LEU B 494 17.44 28.24 -28.00
CA LEU B 494 16.44 28.82 -27.11
C LEU B 494 15.28 27.85 -26.83
N VAL B 495 14.77 27.16 -27.85
CA VAL B 495 13.78 26.09 -27.63
C VAL B 495 14.40 24.94 -26.86
N SER B 496 15.70 24.58 -27.19
CA SER B 496 16.38 23.49 -26.49
C SER B 496 16.59 23.77 -25.00
N PHE B 497 16.97 25.01 -24.66
CA PHE B 497 17.20 25.43 -23.25
C PHE B 497 15.88 25.32 -22.48
N THR B 498 14.78 25.80 -23.07
CA THR B 498 13.47 25.81 -22.38
C THR B 498 13.06 24.36 -22.09
N ILE B 499 13.28 23.45 -23.04
CA ILE B 499 12.91 22.01 -22.89
C ILE B 499 13.82 21.35 -21.86
N PHE B 500 15.11 21.74 -21.77
CA PHE B 500 16.12 21.05 -20.90
C PHE B 500 16.26 21.69 -19.52
N VAL B 501 15.94 22.99 -19.35
CA VAL B 501 16.16 23.73 -18.08
C VAL B 501 14.80 24.19 -17.54
N PRO B 502 14.15 25.34 -17.85
CA PRO B 502 12.83 25.68 -17.29
C PRO B 502 11.75 24.59 -17.19
N ILE B 503 11.76 23.58 -18.07
CA ILE B 503 10.71 22.51 -18.07
C ILE B 503 11.26 21.23 -17.41
N VAL B 504 12.29 20.59 -17.97
CA VAL B 504 12.80 19.31 -17.46
C VAL B 504 13.53 19.43 -16.13
N LEU B 505 14.52 20.31 -15.97
CA LEU B 505 15.26 20.45 -14.71
C LEU B 505 14.36 20.94 -13.58
N MET B 506 13.58 22.01 -13.79
CA MET B 506 12.66 22.49 -12.75
C MET B 506 11.60 21.47 -12.35
N ASN B 507 11.00 20.78 -13.31
CA ASN B 507 9.97 19.75 -13.01
C ASN B 507 10.66 18.62 -12.25
N LEU B 508 11.89 18.27 -12.58
CA LEU B 508 12.65 17.22 -11.85
C LEU B 508 12.91 17.65 -10.41
N LEU B 509 13.31 18.89 -10.21
CA LEU B 509 13.53 19.43 -8.85
C LEU B 509 12.18 19.41 -8.14
N ILE B 510 11.08 19.77 -8.80
CA ILE B 510 9.72 19.81 -8.18
C ILE B 510 9.33 18.40 -7.80
N GLY B 511 9.70 17.40 -8.59
CA GLY B 511 9.43 15.97 -8.35
C GLY B 511 10.23 15.39 -7.22
N LEU B 512 11.47 15.85 -7.01
CA LEU B 512 12.31 15.38 -5.88
C LEU B 512 11.78 16.01 -4.59
N ALA B 513 11.27 17.24 -4.66
CA ALA B 513 10.65 17.93 -3.53
C ALA B 513 9.31 17.29 -3.13
N VAL B 514 8.43 17.02 -4.09
CA VAL B 514 7.14 16.35 -3.84
C VAL B 514 7.34 14.93 -3.32
N GLY B 515 8.37 14.23 -3.79
CA GLY B 515 8.69 12.87 -3.35
C GLY B 515 9.23 12.80 -1.93
N ASP B 516 10.17 13.68 -1.58
CA ASP B 516 10.89 13.66 -0.30
C ASP B 516 10.08 14.28 0.85
N ILE B 517 9.32 15.33 0.62
CA ILE B 517 8.42 15.90 1.64
C ILE B 517 7.30 14.94 2.01
N ALA B 518 6.78 14.18 1.05
CA ALA B 518 5.82 13.13 1.33
C ALA B 518 6.40 12.00 2.22
N ASP B 519 7.72 11.84 2.22
CA ASP B 519 8.42 10.86 3.05
C ASP B 519 8.74 11.40 4.45
N VAL B 520 9.01 12.70 4.61
CA VAL B 520 8.99 13.34 5.93
C VAL B 520 7.58 13.29 6.53
N GLN B 521 6.60 13.75 5.76
CA GLN B 521 5.19 13.74 6.25
C GLN B 521 4.75 12.30 6.77
N LYS B 522 5.14 11.21 6.09
CA LYS B 522 4.75 9.84 6.58
C LYS B 522 5.09 9.58 8.11
N HIS B 523 6.26 10.08 8.59
CA HIS B 523 6.76 9.97 10.00
C HIS B 523 6.95 11.38 10.65
N ALA B 524 5.98 12.33 10.44
CA ALA B 524 6.08 13.73 11.00
C ALA B 524 5.41 13.71 12.40
N SER B 525 4.28 13.01 12.46
CA SER B 525 3.55 12.89 13.72
C SER B 525 4.36 12.23 14.84
N LEU B 526 5.28 11.32 14.51
CA LEU B 526 6.29 10.81 15.44
C LEU B 526 7.49 11.74 15.55
N LYS B 527 7.99 12.29 14.44
CA LYS B 527 9.20 13.13 14.39
C LYS B 527 9.10 14.35 15.31
N ARG B 528 7.92 14.95 15.47
CA ARG B 528 7.66 15.97 16.51
C ARG B 528 8.07 15.47 17.89
N ILE B 529 7.56 14.31 18.29
CA ILE B 529 7.79 13.79 19.64
C ILE B 529 9.21 13.28 19.81
N ALA B 530 9.81 12.71 18.76
CA ALA B 530 11.20 12.32 18.79
C ALA B 530 12.13 13.53 19.02
N MET B 531 11.82 14.68 18.41
CA MET B 531 12.55 15.93 18.66
C MET B 531 12.32 16.46 20.08
N GLN B 532 11.08 16.47 20.57
CA GLN B 532 10.78 16.93 21.92
C GLN B 532 11.44 16.08 23.00
N VAL B 533 11.37 14.74 22.92
CA VAL B 533 12.01 13.90 23.93
C VAL B 533 13.54 14.03 23.89
N GLU B 534 14.13 14.21 22.72
CA GLU B 534 15.57 14.43 22.59
C GLU B 534 16.00 15.79 23.15
N LEU B 535 15.16 16.83 23.00
CA LEU B 535 15.37 18.14 23.60
C LEU B 535 15.27 18.06 25.13
N HIS B 536 14.18 17.47 25.62
CA HIS B 536 13.97 17.38 27.09
C HIS B 536 15.05 16.49 27.79
N THR B 537 15.43 15.39 27.14
CA THR B 537 16.44 14.52 27.73
C THR B 537 17.84 15.12 27.66
N SER B 538 18.17 15.90 26.64
CA SER B 538 19.46 16.59 26.58
C SER B 538 19.56 17.60 27.72
N LEU B 539 18.48 18.31 28.02
CA LEU B 539 18.39 19.16 29.20
C LEU B 539 18.41 18.34 30.50
N GLU B 540 17.72 17.20 30.58
CA GLU B 540 17.72 16.35 31.79
C GLU B 540 19.11 15.79 32.11
N LYS B 541 19.96 15.59 31.09
CA LYS B 541 21.37 15.22 31.24
C LYS B 541 22.26 16.37 31.72
N LYS B 542 21.91 17.62 31.40
CA LYS B 542 22.71 18.82 31.68
C LYS B 542 22.32 19.57 32.96
N LEU B 543 21.04 19.61 33.30
CA LEU B 543 20.57 20.18 34.58
C LEU B 543 21.11 19.35 35.76
N PRO B 544 21.35 19.96 36.94
CA PRO B 544 21.89 19.25 38.09
C PRO B 544 20.81 18.43 38.81
N LEU B 545 21.19 17.26 39.34
CA LEU B 545 20.27 16.24 39.88
C LEU B 545 19.28 16.80 40.91
N TRP B 546 19.73 17.68 41.80
CA TRP B 546 18.88 18.30 42.81
C TRP B 546 17.80 19.19 42.19
N PHE B 547 18.06 19.83 41.06
CA PHE B 547 17.08 20.64 40.36
C PHE B 547 15.99 19.77 39.76
N LEU B 548 16.35 18.66 39.09
CA LEU B 548 15.35 17.74 38.54
C LEU B 548 14.45 17.19 39.67
N ARG B 549 15.04 16.75 40.78
CA ARG B 549 14.29 16.22 41.93
C ARG B 549 13.44 17.29 42.65
N LYS B 550 13.86 18.56 42.64
CA LYS B 550 13.05 19.66 43.18
C LYS B 550 11.88 20.06 42.27
N VAL B 551 12.12 20.11 40.96
CA VAL B 551 11.23 20.77 39.98
C VAL B 551 10.26 19.82 39.29
N ASP B 552 10.66 18.56 39.07
CA ASP B 552 9.82 17.54 38.40
C ASP B 552 8.66 17.13 39.32
N GLN B 553 7.60 16.55 38.78
CA GLN B 553 6.41 16.12 39.56
C GLN B 553 6.04 14.68 39.19
N LYS B 554 5.49 13.90 40.12
CA LYS B 554 5.17 12.46 39.91
C LYS B 554 3.70 12.30 39.53
N SER B 555 2.89 13.36 39.50
CA SER B 555 1.51 13.35 39.00
C SER B 555 0.97 14.77 38.84
N THR B 556 -0.01 14.99 37.96
CA THR B 556 -0.66 16.30 37.75
C THR B 556 -2.15 16.15 37.43
N ILE B 557 -2.97 17.11 37.90
CA ILE B 557 -4.41 17.22 37.63
C ILE B 557 -4.68 18.15 36.43
N VAL B 558 -5.76 17.89 35.69
CA VAL B 558 -6.30 18.73 34.62
C VAL B 558 -7.81 18.94 34.81
N TYR B 559 -8.31 20.14 34.49
CA TYR B 559 -9.73 20.51 34.52
C TYR B 559 -10.19 20.90 33.10
N PRO B 560 -10.60 19.95 32.24
CA PRO B 560 -11.00 20.22 30.85
C PRO B 560 -12.07 21.30 30.67
N SER B 592 -2.15 -2.01 10.37
CA SER B 592 -1.61 -3.03 11.28
C SER B 592 -1.16 -4.31 10.56
N LEU B 593 -1.43 -4.47 9.26
CA LEU B 593 -1.14 -5.70 8.51
C LEU B 593 0.34 -6.08 8.52
N GLU B 594 1.23 -5.10 8.73
CA GLU B 594 2.67 -5.28 8.92
C GLU B 594 3.03 -6.09 10.20
N MET B 595 2.05 -6.42 11.05
CA MET B 595 2.16 -7.36 12.18
C MET B 595 0.94 -8.28 12.36
N GLU B 596 -0.23 -7.94 11.80
CA GLU B 596 -1.45 -8.75 11.93
C GLU B 596 -1.26 -10.17 11.37
N ILE B 597 -0.59 -10.27 10.22
CA ILE B 597 -0.20 -11.52 9.57
C ILE B 597 0.87 -12.26 10.39
N LEU B 598 1.75 -11.52 11.07
CA LEU B 598 2.78 -12.13 11.92
C LEU B 598 2.17 -12.76 13.17
N LYS B 599 1.19 -12.14 13.81
CA LYS B 599 0.49 -12.80 14.93
C LYS B 599 -0.30 -14.03 14.43
N GLN B 600 -0.90 -13.92 13.25
CA GLN B 600 -1.57 -15.04 12.60
C GLN B 600 -0.60 -16.20 12.28
N LYS B 601 0.67 -15.91 11.97
CA LYS B 601 1.74 -16.91 11.81
C LYS B 601 1.98 -17.68 13.09
N TYR B 602 2.11 -17.02 14.23
CA TYR B 602 2.35 -17.70 15.50
C TYR B 602 1.14 -18.53 15.97
N ARG B 603 -0.08 -18.09 15.67
CA ARG B 603 -1.30 -18.88 15.90
C ARG B 603 -1.37 -20.10 14.97
N LEU B 604 -0.99 -19.95 13.71
CA LEU B 604 -0.89 -21.06 12.76
C LEU B 604 0.23 -22.04 13.12
N LYS B 605 1.31 -21.56 13.72
CA LYS B 605 2.46 -22.34 14.19
C LYS B 605 2.11 -23.18 15.42
N ASP B 606 1.41 -22.62 16.39
CA ASP B 606 0.91 -23.38 17.55
C ASP B 606 -0.22 -24.35 17.16
N LEU B 607 -1.06 -23.98 16.19
CA LEU B 607 -2.07 -24.88 15.61
C LEU B 607 -1.43 -26.11 14.95
N THR B 608 -0.38 -25.96 14.14
CA THR B 608 0.33 -27.12 13.56
C THR B 608 1.14 -27.89 14.59
N PHE B 609 1.67 -27.26 15.65
CA PHE B 609 2.26 -27.98 16.78
C PHE B 609 1.24 -28.80 17.58
N LEU B 610 0.01 -28.30 17.79
CA LEU B 610 -1.06 -29.06 18.46
C LEU B 610 -1.46 -30.28 17.62
N LEU B 611 -1.67 -30.11 16.32
CA LEU B 611 -1.98 -31.23 15.44
C LEU B 611 -0.86 -32.27 15.40
N GLU B 612 0.40 -31.85 15.36
CA GLU B 612 1.56 -32.75 15.44
C GLU B 612 1.59 -33.57 16.75
N LYS B 613 1.23 -32.98 17.90
CA LYS B 613 1.07 -33.71 19.17
C LYS B 613 -0.10 -34.69 19.16
N GLN B 614 -1.15 -34.42 18.39
CA GLN B 614 -2.40 -35.24 18.33
C GLN B 614 -2.26 -36.42 17.38
N HIS B 615 -1.46 -36.33 16.33
CA HIS B 615 -1.17 -37.43 15.39
C HIS B 615 -0.41 -38.51 16.12
N GLU B 616 0.39 -38.16 17.11
CA GLU B 616 1.22 -39.10 17.90
C GLU B 616 0.34 -39.85 18.88
N LEU B 617 -0.81 -39.30 19.28
CA LEU B 617 -1.76 -40.05 20.12
C LEU B 617 -2.63 -40.99 19.29
N ILE B 618 -3.03 -40.60 18.09
CA ILE B 618 -3.84 -41.47 17.18
C ILE B 618 -3.00 -42.70 16.87
N LYS B 619 -1.71 -42.54 16.55
CA LYS B 619 -0.78 -43.67 16.38
C LYS B 619 -0.67 -44.54 17.62
N LEU B 620 -0.63 -43.97 18.81
CA LEU B 620 -0.58 -44.71 20.08
C LEU B 620 -1.84 -45.54 20.28
N ILE B 621 -3.01 -45.04 19.87
CA ILE B 621 -4.24 -45.83 19.88
C ILE B 621 -4.07 -47.07 19.02
N ILE B 622 -3.69 -46.97 17.75
CA ILE B 622 -3.59 -48.15 16.87
C ILE B 622 -2.52 -49.13 17.36
N GLN B 623 -1.46 -48.62 17.95
CA GLN B 623 -0.40 -49.42 18.55
C GLN B 623 -0.85 -50.24 19.75
N LYS B 624 -1.70 -49.71 20.64
CA LYS B 624 -2.14 -50.38 21.87
C LYS B 624 -3.53 -51.01 21.79
N MET B 625 -4.34 -50.63 20.80
CA MET B 625 -5.71 -51.07 20.57
C MET B 625 -5.85 -52.59 20.54
N GLU B 626 -6.91 -53.16 21.11
CA GLU B 626 -7.18 -54.58 20.92
C GLU B 626 -7.87 -54.79 19.57
N ILE B 627 -7.24 -55.51 18.65
CA ILE B 627 -7.79 -55.89 17.34
C ILE B 627 -8.05 -57.39 17.34
N ILE B 628 -9.30 -57.79 17.15
CA ILE B 628 -9.81 -59.16 17.03
C ILE B 628 -11.04 -59.07 16.12
N SER B 629 -11.34 -60.13 15.35
CA SER B 629 -12.46 -60.17 14.40
C SER B 629 -12.38 -59.14 13.26
N GLU B 630 -11.17 -58.65 12.95
CA GLU B 630 -10.87 -57.71 11.85
C GLU B 630 -9.54 -58.06 11.17
N THR B 631 -9.17 -59.34 11.20
CA THR B 631 -7.85 -59.89 10.84
C THR B 631 -7.99 -61.32 10.32
N SER C 1 -23.47 -41.50 37.82
CA SER C 1 -22.14 -41.41 37.15
C SER C 1 -21.97 -42.42 36.02
N PRO C 2 -22.28 -43.69 36.26
CA PRO C 2 -22.22 -44.65 35.18
C PRO C 2 -23.15 -44.06 34.05
N LEU C 3 -24.37 -43.68 34.45
CA LEU C 3 -25.33 -43.13 33.46
C LEU C 3 -24.85 -41.74 32.92
N HIS C 4 -24.18 -40.96 33.76
CA HIS C 4 -23.73 -39.65 33.29
C HIS C 4 -22.73 -39.87 32.17
N PHE C 5 -21.83 -40.85 32.26
CA PHE C 5 -20.85 -41.15 31.19
C PHE C 5 -21.53 -41.69 29.95
N ALA C 6 -22.48 -42.60 30.08
CA ALA C 6 -23.04 -43.21 28.87
C ALA C 6 -23.78 -42.14 28.14
N ALA C 7 -24.67 -41.48 28.82
CA ALA C 7 -25.48 -40.46 28.19
C ALA C 7 -24.63 -39.38 27.51
N SER C 8 -23.53 -38.96 28.15
CA SER C 8 -22.67 -37.90 27.64
C SER C 8 -21.91 -38.27 26.36
N TYR C 9 -21.69 -39.56 26.11
CA TYR C 9 -20.96 -40.04 24.94
C TYR C 9 -21.83 -40.86 23.98
N GLY C 10 -23.15 -40.75 24.10
CA GLY C 10 -24.06 -41.26 23.09
C GLY C 10 -24.22 -42.76 23.09
N ARG C 11 -23.87 -43.42 24.20
CA ARG C 11 -23.76 -44.87 24.33
C ARG C 11 -25.13 -45.51 24.51
N ILE C 12 -25.96 -45.38 23.48
CA ILE C 12 -27.38 -45.70 23.55
C ILE C 12 -27.63 -47.13 24.01
N ASN C 13 -26.87 -48.09 23.51
CA ASN C 13 -27.01 -49.50 23.86
C ASN C 13 -26.41 -49.86 25.24
N THR C 14 -25.75 -48.92 25.93
CA THR C 14 -25.48 -48.97 27.37
C THR C 14 -26.61 -48.31 28.16
N CYS C 15 -27.14 -47.21 27.66
CA CYS C 15 -28.29 -46.59 28.36
C CYS C 15 -29.47 -47.67 28.44
N GLN C 16 -29.81 -48.33 27.32
CA GLN C 16 -30.93 -49.35 27.36
C GLN C 16 -30.70 -50.44 28.44
N ARG C 17 -29.49 -50.46 29.01
CA ARG C 17 -29.18 -51.44 30.07
C ARG C 17 -29.17 -50.77 31.45
N LEU C 18 -28.62 -49.57 31.57
CA LEU C 18 -28.67 -48.77 32.81
C LEU C 18 -30.11 -48.43 33.22
N LEU C 19 -30.99 -48.10 32.26
CA LEU C 19 -32.41 -47.84 32.49
C LEU C 19 -33.30 -49.07 32.27
N GLN C 20 -32.76 -50.29 32.30
CA GLN C 20 -33.55 -51.51 32.09
C GLN C 20 -34.57 -51.77 33.23
N ASP C 21 -34.32 -51.22 34.42
CA ASP C 21 -35.27 -51.15 35.53
C ASP C 21 -35.38 -49.71 36.04
N ILE C 22 -36.57 -49.30 36.50
CA ILE C 22 -36.90 -47.90 36.78
C ILE C 22 -37.86 -47.71 37.97
N SER C 23 -37.81 -48.60 38.97
CA SER C 23 -38.67 -48.55 40.16
C SER C 23 -38.53 -47.25 40.98
N ASP C 24 -37.40 -46.56 40.86
CA ASP C 24 -37.25 -45.15 41.19
C ASP C 24 -36.46 -44.44 40.09
N THR C 25 -36.90 -43.24 39.67
CA THR C 25 -36.24 -42.47 38.61
C THR C 25 -35.10 -41.59 39.12
N ARG C 26 -34.75 -41.67 40.40
CA ARG C 26 -33.71 -40.84 41.02
C ARG C 26 -32.34 -40.94 40.34
N LEU C 27 -32.05 -42.05 39.64
CA LEU C 27 -30.86 -42.20 38.80
C LEU C 27 -31.04 -41.46 37.46
N LEU C 28 -32.18 -41.63 36.78
CA LEU C 28 -32.52 -40.95 35.54
C LEU C 28 -32.53 -39.42 35.70
N ASN C 29 -32.98 -38.93 36.85
CA ASN C 29 -33.05 -37.49 37.18
C ASN C 29 -31.84 -37.02 38.02
N GLU C 30 -30.78 -37.80 38.12
CA GLU C 30 -29.69 -37.57 39.10
C GLU C 30 -28.94 -36.25 38.91
N GLY C 31 -28.35 -35.75 39.98
CA GLY C 31 -27.49 -34.56 39.97
C GLY C 31 -26.05 -34.85 39.55
N ASP C 32 -25.19 -33.84 39.61
CA ASP C 32 -23.80 -33.87 39.12
C ASP C 32 -22.95 -32.81 39.83
N LEU C 33 -21.62 -32.90 39.74
CA LEU C 33 -20.68 -31.90 40.25
C LEU C 33 -20.95 -30.48 39.71
N HIS C 34 -21.40 -30.35 38.46
CA HIS C 34 -21.85 -29.08 37.88
C HIS C 34 -23.38 -28.93 37.85
N GLY C 35 -24.13 -29.81 38.50
CA GLY C 35 -25.58 -29.72 38.64
C GLY C 35 -26.37 -30.09 37.38
N MET C 36 -25.70 -30.62 36.38
CA MET C 36 -26.32 -31.24 35.22
C MET C 36 -26.96 -32.59 35.54
N THR C 37 -27.60 -33.20 34.56
CA THR C 37 -28.36 -34.45 34.67
C THR C 37 -28.25 -35.19 33.33
N PRO C 38 -28.39 -36.50 33.28
CA PRO C 38 -28.25 -37.28 32.03
C PRO C 38 -28.67 -36.54 30.70
N LEU C 39 -29.90 -36.07 30.73
CA LEU C 39 -30.51 -35.38 29.60
C LEU C 39 -29.78 -34.10 29.18
N HIS C 40 -29.16 -33.38 30.12
CA HIS C 40 -28.28 -32.25 29.78
C HIS C 40 -26.99 -32.74 29.14
N LEU C 41 -26.38 -33.81 29.65
CA LEU C 41 -25.13 -34.33 29.09
C LEU C 41 -25.33 -34.80 27.66
N ALA C 42 -26.42 -35.50 27.39
CA ALA C 42 -26.76 -35.97 26.06
C ALA C 42 -27.02 -34.80 25.10
N ALA C 43 -27.82 -33.81 25.53
CA ALA C 43 -28.07 -32.62 24.72
C ALA C 43 -26.79 -31.81 24.48
N LYS C 44 -25.95 -31.60 25.49
CA LYS C 44 -24.68 -30.88 25.43
C LYS C 44 -23.73 -31.43 24.39
N ASN C 45 -23.74 -32.74 24.11
CA ASN C 45 -22.77 -33.37 23.18
C ASN C 45 -23.46 -33.70 21.86
N GLY C 46 -24.77 -33.46 21.71
CA GLY C 46 -25.47 -33.62 20.44
C GLY C 46 -26.06 -34.98 20.18
N HIS C 47 -26.16 -35.85 21.17
CA HIS C 47 -26.63 -37.25 20.96
C HIS C 47 -28.14 -37.27 20.99
N ASP C 48 -28.81 -37.30 19.83
CA ASP C 48 -30.29 -37.19 19.72
C ASP C 48 -30.98 -38.53 19.90
N LYS C 49 -30.28 -39.64 19.73
CA LYS C 49 -30.85 -40.99 19.95
C LYS C 49 -30.87 -41.20 21.46
N VAL C 50 -29.84 -40.72 22.18
CA VAL C 50 -29.80 -40.78 23.67
C VAL C 50 -30.81 -39.78 24.25
N VAL C 51 -30.97 -38.60 23.65
CA VAL C 51 -31.91 -37.56 24.16
C VAL C 51 -33.30 -38.12 24.02
N GLN C 52 -33.59 -38.80 22.91
CA GLN C 52 -34.89 -39.45 22.64
C GLN C 52 -35.14 -40.64 23.57
N LEU C 53 -34.14 -41.44 23.91
CA LEU C 53 -34.31 -42.59 24.85
C LEU C 53 -34.63 -42.06 26.24
N LEU C 54 -33.94 -41.03 26.70
CA LEU C 54 -34.12 -40.51 28.07
C LEU C 54 -35.51 -39.87 28.19
N LEU C 55 -35.97 -39.10 27.20
CA LEU C 55 -37.28 -38.38 27.24
C LEU C 55 -38.40 -39.40 27.12
N LYS C 56 -38.24 -40.44 26.30
CA LYS C 56 -39.17 -41.59 26.24
C LYS C 56 -39.26 -42.33 27.57
N LYS C 57 -38.14 -42.50 28.28
CA LYS C 57 -38.06 -43.03 29.65
C LYS C 57 -38.61 -42.09 30.72
N GLY C 58 -38.96 -40.85 30.38
CA GLY C 58 -39.65 -39.93 31.28
C GLY C 58 -38.73 -39.02 32.12
N ALA C 59 -37.60 -38.59 31.54
CA ALA C 59 -36.77 -37.53 32.12
C ALA C 59 -37.53 -36.21 32.29
N LEU C 60 -37.01 -35.30 33.12
CA LEU C 60 -37.60 -33.98 33.42
C LEU C 60 -36.66 -32.87 32.95
N PHE C 61 -37.20 -31.85 32.28
CA PHE C 61 -36.37 -30.73 31.85
C PHE C 61 -36.03 -29.97 33.12
N LEU C 62 -34.94 -30.30 33.81
CA LEU C 62 -34.49 -29.59 35.03
C LEU C 62 -33.59 -28.43 34.60
N SER C 63 -32.87 -27.79 35.51
CA SER C 63 -31.91 -26.71 35.19
C SER C 63 -30.61 -26.94 35.94
N ASP C 64 -29.48 -26.53 35.39
CA ASP C 64 -28.15 -26.78 35.99
C ASP C 64 -27.81 -25.66 36.96
N HIS C 65 -26.66 -25.72 37.62
CA HIS C 65 -26.22 -24.69 38.59
C HIS C 65 -26.16 -23.34 37.90
N ASN C 66 -25.72 -23.28 36.63
CA ASN C 66 -25.64 -22.02 35.83
C ASN C 66 -27.03 -21.63 35.34
N GLY C 67 -28.06 -22.46 35.52
CA GLY C 67 -29.45 -22.15 35.15
C GLY C 67 -29.82 -22.64 33.77
N TRP C 68 -28.93 -23.34 33.07
CA TRP C 68 -29.16 -23.78 31.67
C TRP C 68 -30.08 -25.00 31.64
N THR C 69 -31.11 -25.00 30.79
CA THR C 69 -32.02 -26.15 30.58
C THR C 69 -31.40 -27.00 29.49
N ALA C 70 -31.86 -28.22 29.22
CA ALA C 70 -31.39 -29.15 28.18
C ALA C 70 -31.34 -28.49 26.80
N LEU C 71 -32.39 -27.75 26.44
CA LEU C 71 -32.45 -27.05 25.16
C LEU C 71 -31.41 -25.94 25.05
N HIS C 72 -30.94 -25.35 26.16
CA HIS C 72 -29.87 -24.35 26.11
C HIS C 72 -28.56 -24.99 25.71
N HIS C 73 -28.32 -26.23 26.17
CA HIS C 73 -27.07 -26.96 25.82
C HIS C 73 -27.13 -27.33 24.30
N ALA C 74 -28.26 -27.90 23.90
CA ALA C 74 -28.44 -28.22 22.49
C ALA C 74 -28.25 -27.01 21.59
N SER C 75 -28.78 -25.85 21.99
CA SER C 75 -28.67 -24.60 21.24
C SER C 75 -27.26 -24.03 21.22
N MET C 76 -26.58 -24.03 22.37
CA MET C 76 -25.19 -23.63 22.50
C MET C 76 -24.27 -24.44 21.58
N GLY C 77 -24.57 -25.72 21.35
CA GLY C 77 -23.81 -26.59 20.46
C GLY C 77 -24.28 -26.58 19.00
N GLY C 78 -25.48 -26.09 18.71
CA GLY C 78 -26.05 -26.07 17.37
C GLY C 78 -26.57 -27.43 16.89
N TYR C 79 -26.89 -28.34 17.80
CA TYR C 79 -27.23 -29.73 17.50
C TYR C 79 -28.71 -29.88 17.13
N THR C 80 -29.10 -29.43 15.95
CA THR C 80 -30.49 -29.33 15.51
C THR C 80 -31.30 -30.62 15.63
N GLN C 81 -30.64 -31.77 15.62
CA GLN C 81 -31.36 -33.08 15.79
C GLN C 81 -31.92 -33.18 17.26
N THR C 82 -31.03 -32.99 18.23
CA THR C 82 -31.45 -33.01 19.65
C THR C 82 -32.46 -31.90 19.94
N MET C 83 -32.26 -30.76 19.32
CA MET C 83 -33.08 -29.57 19.47
C MET C 83 -34.50 -29.85 18.97
N LYS C 84 -34.61 -30.47 17.79
CA LYS C 84 -35.87 -30.89 17.18
C LYS C 84 -36.56 -31.98 17.97
N VAL C 85 -35.82 -32.93 18.53
CA VAL C 85 -36.36 -33.93 19.47
C VAL C 85 -36.94 -33.26 20.71
N ILE C 86 -36.23 -32.32 21.33
CA ILE C 86 -36.70 -31.63 22.53
C ILE C 86 -37.97 -30.83 22.22
N LEU C 87 -37.95 -30.00 21.17
CA LEU C 87 -39.10 -29.19 20.72
C LEU C 87 -40.34 -30.04 20.41
N ASP C 88 -40.18 -31.24 19.84
CA ASP C 88 -41.29 -32.18 19.62
C ASP C 88 -41.94 -32.75 20.89
N THR C 89 -41.35 -32.60 22.08
CA THR C 89 -41.97 -33.07 23.35
C THR C 89 -42.78 -32.01 24.07
N ASN C 90 -42.16 -30.92 24.55
CA ASN C 90 -42.79 -29.96 25.46
C ASN C 90 -42.54 -28.50 25.04
N LEU C 91 -43.62 -27.72 24.89
CA LEU C 91 -43.54 -26.30 24.57
C LEU C 91 -42.89 -25.48 25.70
N LYS C 92 -43.19 -25.81 26.96
CA LYS C 92 -42.69 -25.12 28.15
C LYS C 92 -41.16 -25.22 28.37
N CYS C 93 -40.45 -26.00 27.55
CA CYS C 93 -38.98 -26.01 27.52
C CYS C 93 -38.40 -24.84 26.68
N THR C 94 -39.18 -24.29 25.74
CA THR C 94 -38.66 -23.37 24.70
C THR C 94 -38.30 -21.98 25.20
N ASP C 95 -39.10 -21.41 26.10
CA ASP C 95 -38.94 -20.02 26.58
C ASP C 95 -38.20 -19.89 27.93
N ARG C 96 -37.60 -20.97 28.44
CA ARG C 96 -36.94 -21.01 29.76
C ARG C 96 -35.74 -20.08 29.83
N LEU C 97 -35.53 -19.42 30.96
CA LEU C 97 -34.51 -18.39 31.19
C LEU C 97 -33.41 -18.87 32.16
N ASP C 98 -32.13 -18.68 31.83
CA ASP C 98 -31.02 -19.00 32.74
C ASP C 98 -30.81 -17.94 33.85
N GLU C 99 -29.76 -18.05 34.66
CA GLU C 99 -29.51 -17.10 35.75
C GLU C 99 -29.17 -15.67 35.30
N ASP C 100 -28.84 -15.45 34.01
CA ASP C 100 -28.62 -14.14 33.40
C ASP C 100 -29.79 -13.72 32.48
N GLY C 101 -30.84 -14.54 32.40
CA GLY C 101 -32.01 -14.26 31.58
C GLY C 101 -31.78 -14.50 30.08
N ASN C 102 -30.77 -15.30 29.71
CA ASN C 102 -30.68 -15.82 28.35
C ASN C 102 -31.69 -16.95 28.15
N THR C 103 -32.39 -16.94 27.01
CA THR C 103 -33.18 -18.09 26.54
C THR C 103 -32.35 -18.95 25.60
N ALA C 104 -32.90 -20.07 25.14
CA ALA C 104 -32.26 -20.94 24.15
C ALA C 104 -31.79 -20.17 22.91
N LEU C 105 -32.64 -19.25 22.42
CA LEU C 105 -32.39 -18.49 21.20
C LEU C 105 -31.22 -17.51 21.35
N HIS C 106 -30.96 -16.98 22.55
CA HIS C 106 -29.80 -16.13 22.79
C HIS C 106 -28.49 -16.90 22.65
N PHE C 107 -28.46 -18.19 23.00
CA PHE C 107 -27.28 -19.02 22.85
C PHE C 107 -27.05 -19.39 21.40
N ALA C 108 -28.09 -19.83 20.68
CA ALA C 108 -27.96 -20.16 19.26
C ALA C 108 -27.43 -18.97 18.45
N ALA C 109 -27.94 -17.78 18.75
CA ALA C 109 -27.50 -16.54 18.14
C ALA C 109 -26.07 -16.17 18.53
N ARG C 110 -25.73 -16.08 19.82
CA ARG C 110 -24.38 -15.69 20.27
C ARG C 110 -23.30 -16.60 19.71
N GLU C 111 -23.53 -17.90 19.70
CA GLU C 111 -22.55 -18.89 19.25
C GLU C 111 -22.51 -19.04 17.72
N GLY C 112 -23.46 -18.45 16.99
CA GLY C 112 -23.40 -18.37 15.53
C GLY C 112 -24.01 -19.55 14.77
N HIS C 113 -24.93 -20.29 15.39
CA HIS C 113 -25.55 -21.48 14.72
C HIS C 113 -26.81 -21.05 13.99
N ALA C 114 -26.66 -20.65 12.72
CA ALA C 114 -27.81 -20.20 11.88
C ALA C 114 -28.77 -21.36 11.66
N LYS C 115 -28.30 -22.60 11.70
CA LYS C 115 -29.18 -23.80 11.59
C LYS C 115 -30.07 -23.87 12.83
N ALA C 116 -29.54 -23.54 14.01
CA ALA C 116 -30.27 -23.61 15.30
C ALA C 116 -31.15 -22.37 15.51
N VAL C 117 -30.70 -21.18 15.07
CA VAL C 117 -31.46 -19.91 15.21
C VAL C 117 -32.69 -20.02 14.31
N ALA C 118 -32.60 -20.64 13.15
CA ALA C 118 -33.73 -20.77 12.19
C ALA C 118 -34.78 -21.75 12.70
N LEU C 119 -34.39 -22.85 13.35
CA LEU C 119 -35.31 -23.85 13.94
C LEU C 119 -36.04 -23.23 15.12
N LEU C 120 -35.37 -22.47 15.98
CA LEU C 120 -36.06 -21.98 17.22
C LEU C 120 -36.99 -20.86 16.80
N LEU C 121 -36.57 -20.01 15.88
CA LEU C 121 -37.31 -18.85 15.42
C LEU C 121 -38.55 -19.23 14.60
N SER C 122 -38.52 -20.39 13.93
CA SER C 122 -39.67 -21.01 13.24
C SER C 122 -40.71 -21.60 14.21
N HIS C 123 -40.29 -22.07 15.38
CA HIS C 123 -41.18 -22.31 16.53
C HIS C 123 -41.48 -21.00 17.27
N ASN C 124 -42.34 -21.03 18.29
CA ASN C 124 -42.66 -19.84 19.10
C ASN C 124 -41.59 -19.55 20.17
N ALA C 125 -40.34 -19.31 19.77
CA ALA C 125 -39.22 -19.11 20.70
C ALA C 125 -39.25 -17.84 21.56
N ASP C 126 -40.30 -17.00 21.47
CA ASP C 126 -40.57 -15.90 22.38
C ASP C 126 -39.38 -14.93 22.57
N ILE C 127 -39.08 -14.14 21.53
CA ILE C 127 -38.01 -13.14 21.54
C ILE C 127 -38.16 -12.22 22.76
N VAL C 128 -37.09 -12.08 23.52
CA VAL C 128 -37.15 -11.22 24.72
C VAL C 128 -35.74 -10.76 25.28
N LEU C 129 -35.53 -9.44 25.45
CA LEU C 129 -34.24 -8.89 25.98
C LEU C 129 -33.81 -9.65 27.24
N ASN C 130 -32.53 -9.93 27.41
CA ASN C 130 -31.96 -10.62 28.60
C ASN C 130 -31.77 -9.57 29.70
N LYS C 131 -31.24 -9.95 30.86
CA LYS C 131 -31.05 -9.04 32.03
C LYS C 131 -30.06 -7.93 31.65
N GLN C 132 -29.21 -8.14 30.65
CA GLN C 132 -28.22 -7.15 30.14
C GLN C 132 -28.89 -6.29 29.05
N GLN C 133 -30.21 -6.35 28.89
CA GLN C 133 -31.01 -5.52 27.94
C GLN C 133 -30.58 -5.79 26.50
N ALA C 134 -30.26 -7.04 26.16
CA ALA C 134 -29.85 -7.43 24.80
C ALA C 134 -30.71 -8.58 24.30
N SER C 135 -31.33 -8.44 23.12
CA SER C 135 -32.18 -9.48 22.51
C SER C 135 -31.28 -10.50 21.79
N PHE C 136 -31.85 -11.57 21.24
CA PHE C 136 -31.08 -12.60 20.50
C PHE C 136 -30.44 -11.93 19.28
N LEU C 137 -31.15 -11.00 18.63
CA LEU C 137 -30.63 -10.29 17.42
C LEU C 137 -29.40 -9.48 17.84
N HIS C 138 -29.44 -8.82 18.99
CA HIS C 138 -28.30 -7.99 19.50
C HIS C 138 -27.07 -8.85 19.79
N LEU C 139 -27.25 -10.03 20.41
CA LEU C 139 -26.11 -10.91 20.79
C LEU C 139 -25.36 -11.35 19.54
N ALA C 140 -26.07 -11.61 18.43
CA ALA C 140 -25.44 -11.98 17.15
C ALA C 140 -24.61 -10.80 16.64
N LEU C 141 -25.21 -9.62 16.46
CA LEU C 141 -24.48 -8.45 15.88
C LEU C 141 -23.11 -8.19 16.61
N HIS C 142 -23.07 -8.23 17.96
CA HIS C 142 -21.78 -8.01 18.67
C HIS C 142 -20.76 -9.12 18.15
N ASN C 143 -21.14 -10.41 18.22
CA ASN C 143 -20.24 -11.53 17.76
C ASN C 143 -20.05 -11.56 16.24
N LYS C 144 -20.51 -10.54 15.52
CA LYS C 144 -20.32 -10.57 14.06
C LYS C 144 -20.83 -11.86 13.40
N ARG C 145 -21.96 -12.38 13.85
CA ARG C 145 -22.55 -13.64 13.35
C ARG C 145 -23.31 -13.42 12.04
N LYS C 146 -22.55 -13.07 10.99
CA LYS C 146 -23.12 -12.71 9.66
C LYS C 146 -24.09 -13.77 9.17
N GLU C 147 -23.69 -15.03 9.18
CA GLU C 147 -24.54 -16.08 8.58
C GLU C 147 -25.86 -16.05 9.33
N VAL C 148 -25.82 -15.91 10.66
CA VAL C 148 -27.05 -15.93 11.50
C VAL C 148 -27.92 -14.69 11.36
N VAL C 149 -27.35 -13.48 11.28
CA VAL C 149 -28.13 -12.21 11.20
C VAL C 149 -28.72 -12.14 9.82
N LEU C 150 -28.12 -12.79 8.83
CA LEU C 150 -28.65 -12.85 7.45
C LEU C 150 -29.84 -13.82 7.47
N THR C 151 -29.82 -14.85 8.31
CA THR C 151 -30.98 -15.75 8.49
C THR C 151 -32.14 -15.11 9.25
N ILE C 152 -31.88 -14.20 10.20
CA ILE C 152 -32.91 -13.42 10.89
C ILE C 152 -33.57 -12.42 9.94
N ILE C 153 -32.80 -11.72 9.10
CA ILE C 153 -33.31 -10.79 8.08
C ILE C 153 -34.18 -11.51 7.05
N ARG C 154 -33.79 -12.72 6.65
CA ARG C 154 -34.57 -13.60 5.75
C ARG C 154 -35.81 -14.21 6.41
N SER C 155 -35.94 -14.15 7.73
CA SER C 155 -37.02 -14.78 8.48
C SER C 155 -38.41 -14.20 8.18
N LYS C 156 -39.45 -15.04 8.31
CA LYS C 156 -40.86 -14.61 8.39
C LYS C 156 -41.17 -13.70 9.59
N ARG C 157 -40.22 -13.47 10.49
CA ARG C 157 -40.39 -12.74 11.76
C ARG C 157 -39.49 -11.49 11.91
N TRP C 158 -38.79 -11.08 10.86
CA TRP C 158 -37.84 -9.95 10.93
C TRP C 158 -38.43 -8.69 11.56
N ASP C 159 -39.63 -8.29 11.14
CA ASP C 159 -40.32 -7.09 11.63
C ASP C 159 -40.72 -7.15 13.11
N GLU C 160 -40.76 -8.34 13.72
CA GLU C 160 -40.89 -8.49 15.18
C GLU C 160 -39.53 -8.43 15.87
N CYS C 161 -38.49 -9.06 15.29
CA CYS C 161 -37.11 -9.03 15.85
C CYS C 161 -36.57 -7.61 15.88
N LEU C 162 -36.77 -6.84 14.81
CA LEU C 162 -36.23 -5.45 14.67
C LEU C 162 -36.85 -4.55 15.73
N LYS C 163 -38.15 -4.70 16.00
CA LYS C 163 -38.88 -3.86 16.98
C LYS C 163 -38.33 -4.00 18.40
N ILE C 164 -37.84 -5.17 18.78
CA ILE C 164 -37.48 -5.47 20.19
C ILE C 164 -36.09 -4.90 20.55
N PHE C 165 -36.00 -3.73 21.19
CA PHE C 165 -34.73 -3.09 21.68
C PHE C 165 -35.09 -1.97 22.67
N SER C 166 -34.12 -1.40 23.41
CA SER C 166 -34.33 -0.35 24.46
C SER C 166 -33.81 1.04 24.02
N HIS C 167 -34.61 2.12 24.11
CA HIS C 167 -34.10 3.47 23.79
C HIS C 167 -33.16 4.03 24.87
N ASN C 168 -33.32 3.57 26.12
CA ASN C 168 -32.45 3.89 27.25
C ASN C 168 -31.00 3.44 27.04
N SER C 169 -30.76 2.35 26.30
CA SER C 169 -29.43 1.73 26.19
C SER C 169 -28.47 2.51 25.26
N PRO C 170 -27.21 2.76 25.68
CA PRO C 170 -26.16 3.25 24.79
C PRO C 170 -25.52 2.12 23.95
N GLY C 171 -25.55 0.88 24.44
CA GLY C 171 -24.84 -0.28 23.88
C GLY C 171 -25.69 -1.23 23.04
N ASN C 172 -27.02 -1.18 23.19
CA ASN C 172 -27.99 -1.99 22.44
C ASN C 172 -29.07 -1.07 21.84
N LYS C 173 -28.64 -0.21 20.92
CA LYS C 173 -29.45 0.79 20.21
C LYS C 173 -30.40 0.12 19.20
N CYS C 174 -31.04 0.92 18.34
CA CYS C 174 -31.75 0.42 17.16
C CYS C 174 -30.87 -0.57 16.41
N PRO C 175 -31.31 -1.83 16.18
CA PRO C 175 -30.52 -2.85 15.51
C PRO C 175 -29.90 -2.40 14.19
N ILE C 176 -30.53 -1.49 13.45
CA ILE C 176 -29.97 -0.98 12.19
C ILE C 176 -28.66 -0.22 12.42
N THR C 177 -28.58 0.57 13.50
CA THR C 177 -27.36 1.29 13.86
C THR C 177 -26.27 0.34 14.37
N GLU C 178 -26.64 -0.78 14.99
CA GLU C 178 -25.71 -1.83 15.39
C GLU C 178 -25.23 -2.66 14.18
N MET C 179 -26.10 -2.93 13.21
CA MET C 179 -25.70 -3.54 11.94
C MET C 179 -24.70 -2.68 11.19
N ILE C 180 -24.89 -1.37 11.12
CA ILE C 180 -23.93 -0.47 10.50
C ILE C 180 -22.60 -0.46 11.28
N GLU C 181 -22.66 -0.52 12.61
CA GLU C 181 -21.49 -0.51 13.48
C GLU C 181 -20.67 -1.81 13.43
N TYR C 182 -21.27 -2.95 13.05
CA TYR C 182 -20.62 -4.27 13.05
C TYR C 182 -20.66 -5.07 11.74
N LEU C 183 -21.81 -5.16 11.06
CA LEU C 183 -22.06 -6.04 9.91
C LEU C 183 -22.69 -5.29 8.73
N PRO C 184 -21.92 -4.42 8.06
CA PRO C 184 -22.45 -3.58 6.98
C PRO C 184 -22.85 -4.40 5.76
N GLU C 185 -22.24 -5.56 5.52
CA GLU C 185 -22.62 -6.41 4.39
C GLU C 185 -24.00 -7.06 4.58
N CYS C 186 -24.49 -7.18 5.81
CA CYS C 186 -25.87 -7.55 6.12
C CYS C 186 -26.82 -6.34 5.96
N MET C 187 -26.38 -5.13 6.31
CA MET C 187 -27.17 -3.91 6.03
C MET C 187 -27.34 -3.68 4.53
N LYS C 188 -26.32 -3.98 3.72
CA LYS C 188 -26.43 -4.01 2.26
C LYS C 188 -27.53 -4.96 1.79
N VAL C 189 -27.57 -6.18 2.34
CA VAL C 189 -28.61 -7.17 2.04
C VAL C 189 -29.99 -6.69 2.47
N LEU C 190 -30.10 -6.09 3.65
CA LEU C 190 -31.35 -5.53 4.17
C LEU C 190 -31.89 -4.38 3.29
N LEU C 191 -31.02 -3.47 2.84
CA LEU C 191 -31.39 -2.38 1.93
C LEU C 191 -31.85 -2.88 0.56
N ASP C 192 -31.38 -4.03 0.06
CA ASP C 192 -31.83 -4.57 -1.22
C ASP C 192 -33.33 -4.93 -1.21
N PHE C 193 -33.91 -5.28 -0.05
CA PHE C 193 -35.36 -5.47 0.09
C PHE C 193 -36.14 -4.16 -0.04
N CYS C 194 -35.50 -3.01 0.12
CA CYS C 194 -36.12 -1.70 -0.11
C CYS C 194 -36.21 -1.30 -1.59
N MET C 195 -35.55 -2.01 -2.51
CA MET C 195 -35.63 -1.73 -3.95
C MET C 195 -36.60 -2.70 -4.65
N LEU C 196 -37.56 -2.17 -5.40
CA LEU C 196 -38.56 -3.05 -6.04
C LEU C 196 -38.44 -3.11 -7.61
N HIS C 197 -37.78 -4.12 -8.22
CA HIS C 197 -37.71 -4.20 -9.72
C HIS C 197 -39.17 -4.44 -10.21
N SER C 198 -39.59 -3.83 -11.35
CA SER C 198 -40.99 -3.87 -11.93
C SER C 198 -41.11 -4.62 -13.31
N THR C 199 -40.37 -4.12 -14.29
CA THR C 199 -40.48 -4.66 -15.66
C THR C 199 -39.22 -5.27 -16.30
N GLU C 200 -38.11 -5.42 -15.58
CA GLU C 200 -36.89 -6.10 -16.04
C GLU C 200 -36.22 -5.64 -17.36
N ASP C 201 -36.57 -4.47 -17.91
CA ASP C 201 -35.97 -3.90 -19.12
C ASP C 201 -35.96 -2.37 -19.09
N LYS C 202 -34.78 -1.76 -18.91
CA LYS C 202 -34.62 -0.33 -18.64
C LYS C 202 -34.95 0.62 -19.80
N SER C 203 -35.02 0.11 -21.04
CA SER C 203 -35.36 0.90 -22.23
C SER C 203 -36.85 1.25 -22.35
N CYS C 204 -37.74 0.51 -21.70
CA CYS C 204 -39.19 0.64 -21.86
C CYS C 204 -39.73 1.91 -21.19
N ARG C 205 -40.61 2.66 -21.85
CA ARG C 205 -41.15 3.93 -21.33
C ARG C 205 -41.94 3.76 -20.01
N ASP C 206 -42.63 2.62 -19.85
CA ASP C 206 -43.37 2.26 -18.64
C ASP C 206 -42.51 1.63 -17.53
N TYR C 207 -41.21 1.38 -17.75
CA TYR C 207 -40.32 0.82 -16.74
C TYR C 207 -40.11 1.79 -15.57
N TYR C 208 -40.23 1.29 -14.34
CA TYR C 208 -39.96 2.06 -13.12
C TYR C 208 -39.37 1.20 -12.01
N ILE C 209 -38.72 1.88 -11.07
CA ILE C 209 -38.14 1.29 -9.86
C ILE C 209 -38.52 2.12 -8.63
N GLU C 210 -38.88 1.47 -7.54
CA GLU C 210 -39.31 2.10 -6.30
C GLU C 210 -38.30 1.85 -5.18
N TYR C 211 -38.05 2.89 -4.39
CA TYR C 211 -37.21 2.85 -3.20
C TYR C 211 -38.07 3.07 -1.96
N ASN C 212 -38.08 2.12 -1.04
CA ASN C 212 -38.62 2.31 0.32
C ASN C 212 -37.51 2.85 1.25
N PHE C 213 -37.87 3.57 2.31
CA PHE C 213 -36.90 4.15 3.22
C PHE C 213 -37.07 3.73 4.69
N LYS C 214 -37.95 2.77 5.03
CA LYS C 214 -38.30 2.51 6.44
C LYS C 214 -37.14 2.15 7.37
N TYR C 215 -36.03 1.60 6.85
CA TYR C 215 -34.85 1.30 7.65
C TYR C 215 -33.89 2.48 7.88
N LEU C 216 -34.00 3.60 7.14
CA LEU C 216 -33.09 4.75 7.32
C LEU C 216 -33.53 5.71 8.43
N GLN C 217 -34.83 5.74 8.76
CA GLN C 217 -35.42 6.63 9.77
C GLN C 217 -35.20 6.15 11.22
N CYS C 218 -35.83 6.84 12.18
CA CYS C 218 -35.93 6.43 13.59
C CYS C 218 -36.37 4.96 13.74
N LEU C 236 -31.62 11.74 10.84
CA LEU C 236 -30.99 10.90 9.83
C LEU C 236 -30.12 9.80 10.48
N THR C 237 -30.65 9.08 11.46
CA THR C 237 -29.90 8.18 12.35
C THR C 237 -29.07 7.12 11.62
N ALA C 238 -29.58 6.53 10.55
CA ALA C 238 -28.82 5.54 9.80
C ALA C 238 -27.63 6.16 9.07
N LEU C 239 -27.81 7.25 8.32
CA LEU C 239 -26.69 7.81 7.55
C LEU C 239 -25.65 8.48 8.45
N ASN C 240 -26.04 9.05 9.59
CA ASN C 240 -25.06 9.45 10.61
C ASN C 240 -24.23 8.26 11.08
N ALA C 241 -24.86 7.11 11.37
CA ALA C 241 -24.13 5.92 11.76
C ALA C 241 -23.22 5.41 10.62
N MET C 242 -23.65 5.48 9.37
CA MET C 242 -22.82 5.07 8.23
C MET C 242 -21.60 5.98 8.07
N VAL C 243 -21.76 7.26 8.34
CA VAL C 243 -20.61 8.18 8.24
C VAL C 243 -19.64 7.92 9.47
N GLN C 244 -20.16 7.86 10.71
CA GLN C 244 -19.25 7.61 11.88
C GLN C 244 -18.45 6.29 11.71
N ASN C 245 -19.06 5.34 11.01
CA ASN C 245 -18.39 4.05 10.76
C ASN C 245 -17.72 3.97 9.37
N ASN C 246 -17.58 5.08 8.65
CA ASN C 246 -16.88 5.19 7.37
C ASN C 246 -17.41 4.24 6.26
N ARG C 247 -18.71 3.92 6.25
CA ARG C 247 -19.32 2.91 5.37
C ARG C 247 -19.58 3.44 3.96
N ILE C 248 -18.54 3.76 3.23
CA ILE C 248 -18.63 4.37 1.89
C ILE C 248 -19.48 3.56 0.91
N GLU C 249 -19.46 2.23 1.01
CA GLU C 249 -20.22 1.33 0.12
C GLU C 249 -21.74 1.33 0.43
N LEU C 250 -22.14 1.75 1.63
CA LEU C 250 -23.54 1.90 2.04
C LEU C 250 -24.03 3.33 1.76
N LEU C 251 -23.18 4.35 2.00
CA LEU C 251 -23.40 5.73 1.56
C LEU C 251 -23.74 5.78 0.06
N ASN C 252 -22.98 5.04 -0.76
CA ASN C 252 -23.15 4.99 -2.20
C ASN C 252 -24.14 3.92 -2.68
N HIS C 253 -24.91 3.28 -1.79
CA HIS C 253 -25.98 2.38 -2.21
C HIS C 253 -27.16 3.18 -2.80
N PRO C 254 -27.78 2.76 -3.92
CA PRO C 254 -28.87 3.50 -4.55
C PRO C 254 -30.01 3.92 -3.61
N VAL C 255 -30.38 3.11 -2.61
CA VAL C 255 -31.40 3.50 -1.62
C VAL C 255 -30.95 4.71 -0.80
N CYS C 256 -29.68 4.79 -0.42
CA CYS C 256 -29.13 5.91 0.34
C CYS C 256 -28.94 7.16 -0.53
N LYS C 257 -28.51 7.01 -1.79
CA LYS C 257 -28.43 8.13 -2.72
C LYS C 257 -29.79 8.75 -2.96
N GLU C 258 -30.80 7.93 -3.24
CA GLU C 258 -32.18 8.39 -3.41
C GLU C 258 -32.80 8.91 -2.13
N TYR C 259 -32.44 8.39 -0.95
CA TYR C 259 -32.88 8.95 0.33
C TYR C 259 -32.36 10.37 0.53
N LEU C 260 -31.06 10.62 0.30
CA LEU C 260 -30.48 11.97 0.39
C LEU C 260 -31.07 12.90 -0.66
N LEU C 261 -31.13 12.50 -1.93
CA LEU C 261 -31.73 13.32 -2.98
C LEU C 261 -33.19 13.65 -2.68
N MET C 262 -33.95 12.69 -2.15
CA MET C 262 -35.30 12.94 -1.68
C MET C 262 -35.31 13.98 -0.56
N LYS C 263 -34.45 13.85 0.45
CA LYS C 263 -34.37 14.79 1.58
C LYS C 263 -33.99 16.21 1.13
N TRP C 264 -33.09 16.31 0.15
CA TRP C 264 -32.70 17.58 -0.47
C TRP C 264 -33.85 18.22 -1.25
N LEU C 265 -34.62 17.47 -2.04
CA LEU C 265 -35.84 17.96 -2.68
C LEU C 265 -36.99 18.22 -1.69
N ALA C 266 -36.99 17.58 -0.53
CA ALA C 266 -37.99 17.78 0.51
C ALA C 266 -37.89 19.18 1.11
N TYR C 267 -36.70 19.53 1.62
CA TYR C 267 -36.44 20.85 2.20
C TYR C 267 -35.03 21.39 1.98
N GLY C 268 -34.01 20.54 1.76
CA GLY C 268 -32.62 20.98 1.78
C GLY C 268 -32.26 22.01 0.69
N PHE C 269 -32.80 21.86 -0.51
CA PHE C 269 -32.62 22.85 -1.59
C PHE C 269 -33.25 24.18 -1.23
N ARG C 270 -34.54 24.19 -0.87
CA ARG C 270 -35.28 25.41 -0.52
C ARG C 270 -34.64 26.11 0.68
N ALA C 271 -34.23 25.36 1.69
CA ALA C 271 -33.56 25.91 2.86
C ALA C 271 -32.18 26.50 2.54
N HIS C 272 -31.48 25.94 1.56
CA HIS C 272 -30.13 26.50 1.21
C HIS C 272 -30.33 27.81 0.38
N MET C 273 -31.17 27.71 -0.65
CA MET C 273 -31.47 28.85 -1.51
C MET C 273 -32.12 30.01 -0.75
N MET C 274 -32.86 29.76 0.32
CA MET C 274 -33.41 30.81 1.17
C MET C 274 -32.32 31.53 1.97
N ASN C 275 -31.33 30.82 2.51
CA ASN C 275 -30.21 31.43 3.22
C ASN C 275 -29.22 32.12 2.25
N LEU C 276 -28.81 31.44 1.19
CA LEU C 276 -27.96 31.98 0.12
C LEU C 276 -28.59 33.18 -0.57
N GLY C 277 -29.90 33.17 -0.82
CA GLY C 277 -30.64 34.30 -1.37
C GLY C 277 -30.64 35.52 -0.43
N SER C 278 -30.76 35.31 0.88
CA SER C 278 -30.66 36.40 1.86
C SER C 278 -29.28 37.06 1.87
N TYR C 279 -28.23 36.32 1.50
CA TYR C 279 -26.88 36.85 1.31
C TYR C 279 -26.72 37.54 -0.05
N CYS C 280 -27.26 36.92 -1.11
CA CYS C 280 -27.23 37.43 -2.47
C CYS C 280 -27.88 38.82 -2.58
N LEU C 281 -28.87 39.10 -1.72
CA LEU C 281 -29.55 40.38 -1.55
C LEU C 281 -28.61 41.54 -1.18
N GLY C 282 -27.44 41.28 -0.60
CA GLY C 282 -26.37 42.27 -0.42
C GLY C 282 -25.27 42.17 -1.46
N LEU C 283 -24.89 40.94 -1.85
CA LEU C 283 -23.81 40.66 -2.79
C LEU C 283 -24.00 41.32 -4.15
N ILE C 284 -25.19 41.18 -4.76
CA ILE C 284 -25.44 41.70 -6.11
C ILE C 284 -25.63 43.22 -6.11
N PRO C 285 -26.50 43.82 -5.28
CA PRO C 285 -26.61 45.28 -5.17
C PRO C 285 -25.29 45.99 -4.89
N MET C 286 -24.44 45.50 -3.99
CA MET C 286 -23.14 46.14 -3.78
C MET C 286 -22.23 46.05 -5.02
N THR C 287 -22.28 44.95 -5.76
CA THR C 287 -21.51 44.81 -7.01
C THR C 287 -22.04 45.76 -8.10
N ILE C 288 -23.35 45.91 -8.22
CA ILE C 288 -23.99 46.88 -9.14
C ILE C 288 -23.60 48.31 -8.78
N LEU C 289 -23.60 48.62 -7.49
CA LEU C 289 -23.23 49.92 -6.92
C LEU C 289 -21.74 50.25 -7.10
N VAL C 290 -20.88 49.26 -7.35
CA VAL C 290 -19.50 49.45 -7.81
C VAL C 290 -19.45 49.68 -9.32
N VAL C 291 -19.91 48.74 -10.13
CA VAL C 291 -19.60 48.78 -11.58
C VAL C 291 -20.34 49.89 -12.33
N ASN C 292 -21.33 50.54 -11.73
CA ASN C 292 -22.04 51.69 -12.31
C ASN C 292 -21.54 53.07 -11.81
N ILE C 293 -20.55 53.12 -10.92
CA ILE C 293 -19.99 54.38 -10.40
C ILE C 293 -18.47 54.35 -10.50
N LYS C 294 -17.83 55.40 -11.01
CA LYS C 294 -16.37 55.45 -11.11
C LYS C 294 -15.73 55.44 -9.70
N PRO C 295 -14.86 54.47 -9.37
CA PRO C 295 -14.27 54.41 -8.04
C PRO C 295 -13.55 55.69 -7.65
N GLY C 296 -13.80 56.17 -6.44
CA GLY C 296 -13.26 57.43 -5.92
C GLY C 296 -14.19 58.63 -6.07
N MET C 297 -15.24 58.57 -6.88
CA MET C 297 -16.29 59.60 -6.90
C MET C 297 -17.25 59.40 -5.73
N ALA C 298 -17.58 60.46 -4.98
CA ALA C 298 -18.64 60.37 -3.98
C ALA C 298 -20.00 60.13 -4.63
N PHE C 299 -20.92 59.45 -3.95
CA PHE C 299 -22.26 59.23 -4.48
C PHE C 299 -23.33 59.25 -3.40
N ASN C 300 -24.54 59.58 -3.84
CA ASN C 300 -25.75 59.84 -3.05
C ASN C 300 -26.96 59.28 -3.81
N SER C 301 -28.10 59.18 -3.14
CA SER C 301 -29.36 58.89 -3.82
C SER C 301 -29.66 59.91 -4.91
N THR C 302 -29.28 61.17 -4.66
CA THR C 302 -29.43 62.29 -5.59
C THR C 302 -28.55 62.16 -6.85
N GLY C 303 -27.53 61.30 -6.86
CA GLY C 303 -26.70 61.04 -8.04
C GLY C 303 -25.23 60.76 -7.72
N ILE C 304 -24.37 60.89 -8.75
CA ILE C 304 -22.91 60.76 -8.61
C ILE C 304 -22.31 62.17 -8.60
N ILE C 305 -21.54 62.51 -7.57
CA ILE C 305 -20.81 63.79 -7.46
C ILE C 305 -19.58 63.76 -8.37
N ASN C 306 -19.38 64.80 -9.18
CA ASN C 306 -18.23 64.95 -10.08
C ASN C 306 -17.98 66.43 -10.43
N ASN C 319 -28.32 57.67 -12.94
CA ASN C 319 -28.65 56.36 -12.37
C ASN C 319 -29.30 56.47 -10.97
N SER C 320 -29.99 57.57 -10.67
CA SER C 320 -30.47 57.90 -9.32
C SER C 320 -31.30 56.79 -8.68
N TYR C 321 -32.32 56.26 -9.34
CA TYR C 321 -33.14 55.20 -8.75
C TYR C 321 -32.32 53.92 -8.51
N LEU C 322 -31.46 53.53 -9.45
CA LEU C 322 -30.60 52.34 -9.32
C LEU C 322 -29.66 52.49 -8.14
N ILE C 323 -29.03 53.65 -8.02
CA ILE C 323 -28.10 53.92 -6.95
C ILE C 323 -28.86 53.94 -5.62
N LYS C 324 -30.02 54.59 -5.54
CA LYS C 324 -30.84 54.65 -4.32
C LYS C 324 -31.31 53.27 -3.89
N THR C 325 -31.83 52.46 -4.79
CA THR C 325 -32.30 51.12 -4.47
C THR C 325 -31.16 50.17 -4.10
N CYS C 326 -30.00 50.22 -4.77
CA CYS C 326 -28.89 49.36 -4.41
C CYS C 326 -28.28 49.73 -3.05
N MET C 327 -28.17 51.03 -2.75
CA MET C 327 -27.80 51.49 -1.43
C MET C 327 -28.78 51.02 -0.36
N ILE C 328 -30.08 51.16 -0.59
CA ILE C 328 -31.11 50.70 0.35
C ILE C 328 -31.00 49.20 0.58
N LEU C 329 -30.86 48.40 -0.48
CA LEU C 329 -30.68 46.95 -0.38
C LEU C 329 -29.42 46.55 0.41
N VAL C 330 -28.31 47.26 0.24
CA VAL C 330 -27.09 47.03 1.03
C VAL C 330 -27.30 47.44 2.48
N PHE C 331 -27.98 48.55 2.76
CA PHE C 331 -28.23 49.01 4.13
C PHE C 331 -29.15 48.04 4.88
N LEU C 332 -30.29 47.78 4.28
CA LEU C 332 -31.23 46.85 4.90
C LEU C 332 -30.42 45.59 5.13
N SER C 333 -29.68 45.09 4.15
CA SER C 333 -29.00 43.77 4.28
C SER C 333 -28.08 43.82 5.46
N SER C 334 -27.32 44.88 5.62
CA SER C 334 -26.33 44.96 6.71
C SER C 334 -26.97 44.91 8.09
N ILE C 335 -28.03 45.70 8.35
CA ILE C 335 -28.68 45.76 9.69
C ILE C 335 -29.44 44.45 9.88
N PHE C 336 -29.98 43.90 8.80
CA PHE C 336 -30.72 42.62 8.94
C PHE C 336 -29.69 41.54 9.34
N GLY C 337 -28.46 41.72 8.86
CA GLY C 337 -27.35 40.83 9.17
C GLY C 337 -26.80 41.01 10.55
N TYR C 338 -26.83 42.23 11.07
CA TYR C 338 -26.48 42.45 12.48
C TYR C 338 -27.55 41.72 13.30
N CYS C 339 -28.82 41.70 12.83
CA CYS C 339 -29.89 40.95 13.53
C CYS C 339 -29.63 39.44 13.43
N LYS C 340 -29.46 38.87 12.22
CA LYS C 340 -29.13 37.44 12.08
C LYS C 340 -27.92 37.04 12.93
N GLU C 341 -26.94 37.94 13.05
CA GLU C 341 -26.04 37.97 14.21
C GLU C 341 -26.80 38.39 15.46
N ILE C 356 -13.44 30.96 10.39
CA ILE C 356 -13.39 32.45 10.27
C ILE C 356 -14.73 33.05 9.81
N SER C 357 -15.74 32.16 9.49
CA SER C 357 -17.05 32.58 8.97
C SER C 357 -17.71 33.70 9.80
N ASN C 358 -17.72 33.55 11.13
CA ASN C 358 -18.30 34.53 12.04
C ASN C 358 -17.53 35.88 12.07
N VAL C 359 -16.25 35.90 11.68
CA VAL C 359 -15.47 37.14 11.54
C VAL C 359 -15.81 37.84 10.23
N LEU C 360 -15.85 37.08 9.09
CA LEU C 360 -16.03 37.69 7.78
C LEU C 360 -17.37 38.44 7.69
N GLU C 361 -18.46 37.80 8.26
CA GLU C 361 -19.81 38.38 8.28
C GLU C 361 -19.84 39.72 9.03
N TRP C 362 -19.10 39.87 10.13
CA TRP C 362 -18.98 41.16 10.83
C TRP C 362 -18.20 42.19 10.03
N ILE C 363 -17.12 41.82 9.32
CA ILE C 363 -16.39 42.76 8.44
C ILE C 363 -17.32 43.27 7.33
N ILE C 364 -18.06 42.37 6.69
CA ILE C 364 -18.96 42.70 5.59
C ILE C 364 -20.05 43.66 6.05
N TYR C 365 -20.80 43.33 7.10
CA TYR C 365 -21.93 44.15 7.54
C TYR C 365 -21.47 45.50 8.11
N THR C 366 -20.43 45.54 8.93
CA THR C 366 -19.93 46.80 9.47
C THR C 366 -19.40 47.73 8.38
N THR C 367 -18.65 47.20 7.42
CA THR C 367 -18.03 47.99 6.35
C THR C 367 -19.03 48.37 5.26
N GLY C 368 -19.99 47.49 4.98
CA GLY C 368 -21.06 47.73 4.01
C GLY C 368 -21.99 48.89 4.40
N ILE C 369 -22.16 49.17 5.69
CA ILE C 369 -22.80 50.41 6.15
C ILE C 369 -22.01 51.62 5.65
N ILE C 370 -20.71 51.70 5.91
CA ILE C 370 -19.91 52.91 5.64
C ILE C 370 -19.83 53.22 4.13
N PHE C 371 -19.77 52.21 3.26
CA PHE C 371 -19.83 52.42 1.80
C PHE C 371 -21.11 53.14 1.34
N VAL C 372 -22.16 53.09 2.13
CA VAL C 372 -23.53 53.48 1.76
C VAL C 372 -24.06 54.65 2.59
N LEU C 373 -23.42 54.97 3.72
CA LEU C 373 -23.86 56.02 4.65
C LEU C 373 -24.25 57.35 4.01
N PRO C 374 -23.56 57.89 2.98
CA PRO C 374 -24.02 59.09 2.29
C PRO C 374 -25.52 59.14 2.04
N LEU C 375 -26.21 58.00 2.08
CA LEU C 375 -27.68 57.97 1.94
C LEU C 375 -28.22 58.86 3.06
N PHE C 376 -27.59 58.85 4.23
CA PHE C 376 -27.98 59.70 5.39
C PHE C 376 -26.82 60.62 5.81
N VAL C 377 -25.71 60.11 6.36
CA VAL C 377 -24.57 60.94 6.91
C VAL C 377 -23.53 61.17 5.81
N GLU C 378 -23.10 62.42 5.58
CA GLU C 378 -22.05 62.73 4.57
C GLU C 378 -20.73 62.11 5.03
N ILE C 379 -19.99 61.47 4.13
CA ILE C 379 -18.69 60.80 4.44
C ILE C 379 -17.69 61.35 3.43
N PRO C 380 -16.38 61.48 3.73
CA PRO C 380 -15.43 61.91 2.72
C PRO C 380 -15.44 60.87 1.59
N ALA C 381 -15.18 61.28 0.36
CA ALA C 381 -15.19 60.37 -0.81
C ALA C 381 -14.14 59.29 -0.59
N HIS C 382 -13.02 59.64 0.02
CA HIS C 382 -11.89 58.71 0.25
C HIS C 382 -12.28 57.58 1.20
N LEU C 383 -13.10 57.83 2.22
CA LEU C 383 -13.53 56.77 3.17
C LEU C 383 -14.63 56.00 2.48
N GLN C 384 -15.42 56.66 1.69
CA GLN C 384 -16.53 55.95 1.07
C GLN C 384 -15.90 54.82 0.28
N TRP C 385 -14.79 55.01 -0.43
CA TRP C 385 -14.28 53.91 -1.29
C TRP C 385 -13.19 53.07 -0.62
N GLN C 386 -12.57 53.49 0.46
CA GLN C 386 -11.72 52.64 1.30
C GLN C 386 -12.55 51.51 1.93
N CYS C 387 -13.74 51.84 2.45
CA CYS C 387 -14.68 50.85 2.96
C CYS C 387 -15.27 50.02 1.84
N GLY C 388 -15.64 50.62 0.70
CA GLY C 388 -16.14 49.91 -0.47
C GLY C 388 -15.18 48.84 -0.98
N ALA C 389 -13.84 49.18 -1.07
CA ALA C 389 -12.83 48.23 -1.52
C ALA C 389 -12.75 46.97 -0.65
N ILE C 390 -12.97 47.17 0.70
CA ILE C 390 -12.84 46.11 1.71
C ILE C 390 -14.11 45.26 1.66
N ALA C 391 -15.29 45.96 1.64
CA ALA C 391 -16.59 45.32 1.68
C ALA C 391 -16.86 44.47 0.43
N VAL C 392 -16.56 45.00 -0.75
CA VAL C 392 -16.78 44.33 -2.03
C VAL C 392 -15.90 43.09 -2.15
N TYR C 393 -14.64 43.21 -1.61
CA TYR C 393 -13.74 42.08 -1.59
C TYR C 393 -14.34 40.95 -0.74
N PHE C 394 -14.72 41.30 0.54
CA PHE C 394 -15.09 40.28 1.51
C PHE C 394 -16.46 39.67 1.25
N TYR C 395 -17.37 40.45 0.57
CA TYR C 395 -18.64 39.92 0.08
C TYR C 395 -18.42 38.75 -0.88
N TRP C 396 -17.52 38.90 -1.87
CA TRP C 396 -17.24 37.85 -2.85
C TRP C 396 -16.34 36.73 -2.32
N MET C 397 -15.44 37.02 -1.31
CA MET C 397 -14.68 35.94 -0.70
C MET C 397 -15.56 35.03 0.17
N ASN C 398 -16.49 35.68 0.95
CA ASN C 398 -17.29 34.95 1.93
C ASN C 398 -18.47 34.23 1.26
N PHE C 399 -18.72 34.56 -0.06
CA PHE C 399 -19.60 33.78 -0.91
C PHE C 399 -19.11 32.34 -1.13
N LEU C 400 -17.74 32.14 -1.06
CA LEU C 400 -17.16 30.80 -1.18
C LEU C 400 -17.64 29.86 -0.04
N LEU C 401 -18.01 30.47 1.14
CA LEU C 401 -18.43 29.73 2.33
C LEU C 401 -19.92 29.37 2.32
N TYR C 402 -20.65 29.93 1.28
CA TYR C 402 -21.96 29.43 0.88
C TYR C 402 -21.83 28.32 -0.17
N LEU C 403 -20.81 28.34 -1.03
CA LEU C 403 -20.57 27.25 -1.99
C LEU C 403 -20.14 25.92 -1.34
N GLN C 404 -19.76 25.91 -0.07
CA GLN C 404 -19.40 24.60 0.54
C GLN C 404 -20.64 23.68 0.78
N ARG C 405 -21.82 24.21 0.54
CA ARG C 405 -23.09 23.49 0.72
C ARG C 405 -23.64 22.87 -0.58
N PHE C 406 -22.94 22.98 -1.70
CA PHE C 406 -23.23 22.23 -2.94
C PHE C 406 -22.19 21.12 -3.14
N GLU C 407 -22.62 19.90 -3.47
CA GLU C 407 -21.73 18.73 -3.56
C GLU C 407 -20.55 18.92 -4.53
N ASN C 408 -20.80 19.49 -5.71
CA ASN C 408 -19.77 19.70 -6.73
C ASN C 408 -18.85 20.90 -6.47
N CYS C 409 -19.19 21.78 -5.53
CA CYS C 409 -18.29 22.86 -5.09
C CYS C 409 -17.50 22.49 -3.84
N GLY C 410 -18.16 21.92 -2.83
CA GLY C 410 -17.67 21.99 -1.46
C GLY C 410 -16.32 21.37 -1.20
N ILE C 411 -15.97 20.30 -1.93
CA ILE C 411 -14.66 19.66 -1.80
C ILE C 411 -13.51 20.59 -2.21
N PHE C 412 -13.71 21.49 -3.18
CA PHE C 412 -12.67 22.44 -3.56
C PHE C 412 -12.44 23.50 -2.49
N ILE C 413 -13.46 23.93 -1.76
CA ILE C 413 -13.28 24.85 -0.63
C ILE C 413 -12.71 24.12 0.60
N VAL C 414 -12.97 22.83 0.78
CA VAL C 414 -12.25 22.01 1.77
C VAL C 414 -10.76 21.92 1.44
N MET C 415 -10.42 21.66 0.18
CA MET C 415 -9.02 21.64 -0.27
C MET C 415 -8.37 23.01 -0.17
N LEU C 416 -9.17 24.10 -0.44
CA LEU C 416 -8.68 25.48 -0.34
C LEU C 416 -8.31 25.82 1.11
N GLU C 417 -9.22 25.43 2.08
CA GLU C 417 -8.97 25.67 3.50
C GLU C 417 -7.81 24.82 4.03
N VAL C 418 -7.68 23.56 3.63
CA VAL C 418 -6.57 22.69 4.05
C VAL C 418 -5.22 23.24 3.59
N ILE C 419 -5.10 23.67 2.33
CA ILE C 419 -3.84 24.23 1.82
C ILE C 419 -3.56 25.63 2.38
N LEU C 420 -4.64 26.46 2.62
CA LEU C 420 -4.47 27.82 3.16
C LEU C 420 -3.98 27.77 4.62
N LYS C 421 -4.62 26.87 5.45
CA LYS C 421 -4.18 26.59 6.82
C LYS C 421 -2.76 26.07 6.86
N THR C 422 -2.39 25.18 5.94
CA THR C 422 -1.03 24.61 5.86
C THR C 422 0.01 25.69 5.56
N LEU C 423 -0.29 26.62 4.66
CA LEU C 423 0.59 27.76 4.37
C LEU C 423 0.66 28.75 5.53
N LEU C 424 -0.50 29.05 6.20
CA LEU C 424 -0.53 30.00 7.32
C LEU C 424 0.17 29.50 8.59
N ARG C 425 0.10 28.13 8.84
CA ARG C 425 0.90 27.47 9.89
C ARG C 425 2.40 27.49 9.58
N SER C 426 2.76 27.51 8.30
CA SER C 426 4.16 27.48 7.84
C SER C 426 4.81 28.87 7.78
N THR C 427 4.02 29.93 7.52
CA THR C 427 4.54 31.29 7.31
C THR C 427 5.23 31.88 8.55
N VAL C 428 4.86 31.43 9.76
CA VAL C 428 5.54 31.86 11.01
C VAL C 428 7.04 31.53 11.00
N VAL C 429 7.43 30.43 10.36
CA VAL C 429 8.83 30.04 10.13
C VAL C 429 9.43 30.85 8.99
N PHE C 430 8.76 30.85 7.83
CA PHE C 430 9.37 31.35 6.59
C PHE C 430 9.27 32.87 6.41
N ILE C 431 8.58 33.61 7.27
CA ILE C 431 8.78 35.06 7.44
C ILE C 431 10.23 35.39 7.83
N PHE C 432 10.88 34.60 8.69
CA PHE C 432 12.27 34.87 9.07
C PHE C 432 13.27 34.49 7.98
N LEU C 433 12.98 33.44 7.18
CA LEU C 433 13.71 33.13 5.95
C LEU C 433 13.62 34.28 4.93
N LEU C 434 12.48 34.95 4.85
CA LEU C 434 12.23 36.07 3.96
C LEU C 434 12.85 37.38 4.48
N LEU C 435 12.78 37.63 5.79
CA LEU C 435 13.33 38.80 6.46
C LEU C 435 14.86 38.90 6.32
N ALA C 436 15.56 37.76 6.40
CA ALA C 436 17.00 37.68 6.17
C ALA C 436 17.43 38.28 4.84
N PHE C 437 16.74 37.84 3.73
CA PHE C 437 17.05 38.38 2.41
C PHE C 437 16.58 39.83 2.25
N GLY C 438 15.45 40.18 2.93
CA GLY C 438 14.88 41.52 2.90
C GLY C 438 15.83 42.57 3.46
N LEU C 439 16.42 42.33 4.64
CA LEU C 439 17.46 43.20 5.17
C LEU C 439 18.74 43.10 4.35
N SER C 440 19.13 41.88 3.89
CA SER C 440 20.39 41.75 3.16
C SER C 440 20.41 42.60 1.89
N PHE C 441 19.31 42.56 1.07
CA PHE C 441 19.18 43.41 -0.10
C PHE C 441 18.92 44.88 0.23
N TYR C 442 18.38 45.23 1.39
CA TYR C 442 18.31 46.62 1.83
C TYR C 442 19.71 47.22 2.01
N ILE C 443 20.68 46.44 2.50
CA ILE C 443 22.09 46.86 2.55
C ILE C 443 22.71 46.88 1.15
N LEU C 444 22.66 45.71 0.44
CA LEU C 444 23.45 45.52 -0.78
C LEU C 444 23.01 46.45 -1.93
N LEU C 445 21.65 46.71 -1.99
CA LEU C 445 21.01 47.39 -3.12
C LEU C 445 20.40 48.76 -2.75
N ASN C 446 20.76 49.34 -1.61
CA ASN C 446 20.11 50.53 -1.02
C ASN C 446 19.86 51.68 -2.01
N LEU C 447 20.80 51.90 -2.93
CA LEU C 447 20.76 53.01 -3.87
C LEU C 447 19.80 52.81 -5.06
N GLN C 448 18.98 51.76 -4.98
CA GLN C 448 17.95 51.43 -6.01
C GLN C 448 16.56 51.60 -5.41
N ASP C 449 15.59 52.06 -6.20
CA ASP C 449 14.22 52.38 -5.72
C ASP C 449 13.46 51.17 -5.21
N PRO C 450 13.59 49.95 -5.76
CA PRO C 450 12.83 48.86 -5.21
C PRO C 450 13.21 48.64 -3.74
N PHE C 451 14.42 48.98 -3.31
CA PHE C 451 14.92 48.74 -1.94
C PHE C 451 15.22 50.03 -1.17
N SER C 452 14.51 51.15 -1.38
CA SER C 452 14.73 52.41 -0.67
C SER C 452 14.47 52.38 0.85
N SER C 453 13.72 51.41 1.34
CA SER C 453 13.32 51.25 2.74
C SER C 453 13.17 49.77 3.06
N PRO C 454 13.36 49.32 4.31
CA PRO C 454 13.37 47.90 4.62
C PRO C 454 12.01 47.24 4.36
N LEU C 455 10.89 47.92 4.62
CA LEU C 455 9.57 47.36 4.29
C LEU C 455 9.36 47.19 2.79
N LEU C 456 9.67 48.23 2.02
CA LEU C 456 9.54 48.15 0.56
C LEU C 456 10.39 46.96 0.16
N SER C 457 11.57 46.80 0.74
CA SER C 457 12.51 45.71 0.35
C SER C 457 11.93 44.35 0.70
N ILE C 458 11.27 44.20 1.84
CA ILE C 458 10.67 42.91 2.23
C ILE C 458 9.56 42.60 1.22
N ILE C 459 8.79 43.58 0.79
CA ILE C 459 7.73 43.35 -0.23
C ILE C 459 8.42 42.94 -1.53
N GLN C 460 9.53 43.56 -1.87
CA GLN C 460 10.24 43.25 -3.12
C GLN C 460 10.68 41.81 -3.03
N THR C 461 11.20 41.34 -1.91
CA THR C 461 11.67 39.95 -1.75
C THR C 461 10.47 39.00 -1.82
N PHE C 462 9.33 39.37 -1.28
CA PHE C 462 8.11 38.54 -1.36
C PHE C 462 7.68 38.42 -2.82
N SER C 463 7.81 39.48 -3.61
CA SER C 463 7.45 39.46 -5.04
C SER C 463 8.43 38.59 -5.82
N MET C 464 9.72 38.64 -5.50
CA MET C 464 10.75 37.78 -6.08
C MET C 464 10.54 36.29 -5.82
N MET C 465 9.78 35.88 -4.80
CA MET C 465 9.49 34.47 -4.54
C MET C 465 8.78 33.77 -5.70
N LEU C 466 7.93 34.48 -6.42
CA LEU C 466 7.23 33.97 -7.60
C LEU C 466 8.14 33.77 -8.83
N GLY C 467 9.43 34.08 -8.72
CA GLY C 467 10.44 33.89 -9.76
C GLY C 467 10.64 35.09 -10.69
N ASP C 468 9.89 36.18 -10.52
CA ASP C 468 10.16 37.45 -11.23
C ASP C 468 11.24 38.26 -10.49
N ILE C 469 12.51 37.85 -10.63
CA ILE C 469 13.68 38.43 -9.97
C ILE C 469 13.98 39.88 -10.38
N ASN C 470 13.68 40.20 -11.64
CA ASN C 470 14.02 41.51 -12.22
C ASN C 470 15.56 41.61 -12.26
N TYR C 471 16.19 40.49 -12.64
CA TYR C 471 17.65 40.34 -12.59
C TYR C 471 18.42 41.34 -13.44
N ARG C 472 18.07 41.51 -14.72
CA ARG C 472 18.74 42.49 -15.57
C ARG C 472 18.56 43.91 -15.04
N GLU C 473 17.37 44.21 -14.52
CA GLU C 473 16.96 45.56 -14.13
C GLU C 473 17.59 46.02 -12.80
N SER C 474 17.91 45.09 -11.90
CA SER C 474 18.47 45.38 -10.56
C SER C 474 19.86 44.85 -10.25
N PHE C 475 20.45 44.00 -11.08
CA PHE C 475 21.81 43.51 -10.87
C PHE C 475 22.69 43.80 -12.08
N LEU C 476 22.40 43.22 -13.24
CA LEU C 476 23.30 43.33 -14.39
C LEU C 476 23.40 44.75 -14.97
N GLU C 477 22.30 45.45 -15.19
CA GLU C 477 22.36 46.80 -15.75
C GLU C 477 23.05 47.80 -14.79
N PRO C 478 22.76 47.82 -13.47
CA PRO C 478 23.58 48.54 -12.50
C PRO C 478 25.06 48.16 -12.50
N TYR C 479 25.38 46.88 -12.59
CA TYR C 479 26.77 46.40 -12.59
C TYR C 479 27.55 46.90 -13.80
N LEU C 480 26.96 46.82 -14.99
CA LEU C 480 27.55 47.34 -16.23
C LEU C 480 27.55 48.88 -16.31
N ARG C 481 27.16 49.58 -15.24
CA ARG C 481 27.27 51.04 -15.06
C ARG C 481 28.05 51.44 -13.80
N ASN C 482 28.65 50.48 -13.08
CA ASN C 482 29.32 50.68 -11.79
C ASN C 482 28.42 51.28 -10.69
N GLU C 483 27.14 50.94 -10.65
CA GLU C 483 26.21 51.52 -9.66
C GLU C 483 25.88 50.51 -8.57
N LEU C 484 26.69 49.49 -8.35
CA LEU C 484 26.50 48.52 -7.26
C LEU C 484 27.63 48.72 -6.29
N ALA C 485 27.36 49.01 -5.03
CA ALA C 485 28.37 49.25 -4.00
C ALA C 485 29.18 48.00 -3.77
N HIS C 486 28.51 46.85 -3.69
CA HIS C 486 29.16 45.55 -3.42
C HIS C 486 28.86 44.70 -4.63
N PRO C 487 29.67 44.69 -5.70
CA PRO C 487 29.27 43.96 -6.88
C PRO C 487 29.33 42.43 -6.79
N VAL C 488 30.36 41.87 -6.16
CA VAL C 488 30.53 40.41 -6.02
C VAL C 488 29.56 39.82 -5.01
N LEU C 489 29.45 40.51 -3.83
CA LEU C 489 28.62 40.05 -2.71
C LEU C 489 27.12 40.07 -3.05
N SER C 490 26.72 41.10 -3.86
CA SER C 490 25.37 41.29 -4.38
C SER C 490 24.96 40.19 -5.35
N PHE C 491 25.80 39.85 -6.32
CA PHE C 491 25.53 38.73 -7.24
C PHE C 491 25.50 37.39 -6.50
N ALA C 492 26.40 37.24 -5.52
CA ALA C 492 26.50 36.00 -4.72
C ALA C 492 25.24 35.82 -3.87
N GLN C 493 24.56 36.90 -3.45
CA GLN C 493 23.30 36.86 -2.64
C GLN C 493 22.10 36.67 -3.57
N LEU C 494 22.25 36.89 -4.87
CA LEU C 494 21.21 36.68 -5.88
C LEU C 494 21.10 35.22 -6.30
N VAL C 495 22.23 34.55 -6.51
CA VAL C 495 22.24 33.11 -6.75
C VAL C 495 21.74 32.33 -5.55
N SER C 496 22.19 32.70 -4.30
CA SER C 496 21.71 31.98 -3.12
C SER C 496 20.24 32.27 -2.74
N PHE C 497 19.74 33.53 -3.01
CA PHE C 497 18.31 33.82 -2.94
C PHE C 497 17.52 32.96 -3.92
N THR C 498 17.95 32.88 -5.17
CA THR C 498 17.29 32.07 -6.20
C THR C 498 17.24 30.58 -5.83
N ILE C 499 18.28 30.07 -5.17
CA ILE C 499 18.30 28.70 -4.62
C ILE C 499 17.32 28.54 -3.46
N PHE C 500 17.39 29.45 -2.43
CA PHE C 500 16.59 29.24 -1.23
C PHE C 500 15.08 29.42 -1.45
N VAL C 501 14.70 30.55 -2.17
CA VAL C 501 13.33 31.06 -2.13
C VAL C 501 12.50 30.69 -3.38
N PRO C 502 12.81 31.12 -4.63
CA PRO C 502 12.12 30.69 -5.84
C PRO C 502 12.22 29.21 -6.18
N ILE C 503 13.27 28.51 -5.73
CA ILE C 503 13.44 27.06 -5.92
C ILE C 503 13.05 26.32 -4.64
N VAL C 504 13.86 26.31 -3.59
CA VAL C 504 13.62 25.48 -2.40
C VAL C 504 12.30 25.78 -1.69
N LEU C 505 12.02 27.02 -1.30
CA LEU C 505 10.79 27.34 -0.55
C LEU C 505 9.54 27.12 -1.40
N MET C 506 9.50 27.60 -2.64
CA MET C 506 8.35 27.33 -3.52
C MET C 506 8.11 25.84 -3.79
N ASN C 507 9.17 25.03 -3.98
CA ASN C 507 9.01 23.60 -4.14
C ASN C 507 8.62 22.88 -2.84
N LEU C 508 8.97 23.40 -1.67
CA LEU C 508 8.49 22.91 -0.38
C LEU C 508 6.99 23.15 -0.20
N LEU C 509 6.48 24.29 -0.64
CA LEU C 509 5.04 24.57 -0.67
C LEU C 509 4.29 23.72 -1.71
N ILE C 510 4.83 23.50 -2.91
CA ILE C 510 4.27 22.53 -3.86
C ILE C 510 4.31 21.11 -3.28
N GLY C 511 5.35 20.74 -2.54
CA GLY C 511 5.46 19.45 -1.86
C GLY C 511 4.36 19.23 -0.83
N LEU C 512 4.17 20.18 0.09
CA LEU C 512 3.06 20.22 1.06
C LEU C 512 1.71 20.18 0.34
N ALA C 513 1.50 21.01 -0.67
CA ALA C 513 0.24 21.09 -1.39
C ALA C 513 -0.12 19.78 -2.08
N VAL C 514 0.81 19.13 -2.78
CA VAL C 514 0.57 17.80 -3.37
C VAL C 514 0.30 16.78 -2.28
N GLY C 515 1.09 16.79 -1.21
CA GLY C 515 0.99 15.83 -0.11
C GLY C 515 -0.36 15.85 0.60
N ASP C 516 -0.85 17.04 0.96
CA ASP C 516 -2.07 17.21 1.73
C ASP C 516 -3.34 17.11 0.87
N ILE C 517 -3.34 17.59 -0.37
CA ILE C 517 -4.48 17.40 -1.29
C ILE C 517 -4.67 15.92 -1.64
N ALA C 518 -3.62 15.12 -1.74
CA ALA C 518 -3.76 13.68 -1.93
C ALA C 518 -4.41 13.00 -0.72
N ASP C 519 -4.25 13.55 0.48
CA ASP C 519 -4.87 13.06 1.71
C ASP C 519 -6.31 13.55 1.90
N VAL C 520 -6.72 14.65 1.25
CA VAL C 520 -8.14 14.99 1.07
C VAL C 520 -8.78 14.10 -0.01
N GLN C 521 -8.17 13.95 -1.18
CA GLN C 521 -8.71 13.10 -2.25
C GLN C 521 -8.84 11.62 -1.85
N LYS C 522 -8.06 11.14 -0.88
CA LYS C 522 -8.21 9.81 -0.26
C LYS C 522 -9.57 9.59 0.41
N HIS C 523 -10.32 10.64 0.74
CA HIS C 523 -11.64 10.41 1.33
C HIS C 523 -12.76 11.29 0.73
N ALA C 524 -12.41 12.02 -0.33
CA ALA C 524 -13.33 12.97 -0.93
C ALA C 524 -14.72 12.39 -1.25
N SER C 525 -14.75 11.17 -1.78
CA SER C 525 -15.98 10.46 -2.12
C SER C 525 -16.88 10.20 -0.90
N LEU C 526 -16.31 10.04 0.30
CA LEU C 526 -17.06 10.04 1.56
C LEU C 526 -17.33 11.45 2.08
N LYS C 527 -16.35 12.36 2.02
CA LYS C 527 -16.45 13.72 2.55
C LYS C 527 -17.61 14.51 1.93
N ARG C 528 -17.90 14.32 0.64
CA ARG C 528 -19.12 14.85 -0.01
C ARG C 528 -20.37 14.48 0.77
N ILE C 529 -20.55 13.19 1.02
CA ILE C 529 -21.76 12.65 1.66
C ILE C 529 -21.79 12.99 3.15
N ALA C 530 -20.65 13.02 3.82
CA ALA C 530 -20.56 13.49 5.20
C ALA C 530 -21.01 14.95 5.34
N MET C 531 -20.57 15.83 4.44
CA MET C 531 -21.02 17.22 4.43
C MET C 531 -22.52 17.34 4.13
N GLN C 532 -23.06 16.58 3.17
CA GLN C 532 -24.50 16.58 2.89
C GLN C 532 -25.33 16.12 4.07
N VAL C 533 -25.00 14.93 4.60
CA VAL C 533 -25.80 14.34 5.70
C VAL C 533 -25.73 15.34 6.85
N GLU C 534 -24.56 15.92 7.14
CA GLU C 534 -24.41 16.86 8.27
C GLU C 534 -25.27 18.09 7.99
N LEU C 535 -25.22 18.61 6.78
CA LEU C 535 -25.98 19.83 6.42
C LEU C 535 -27.44 19.49 6.61
N HIS C 536 -27.89 18.34 6.11
CA HIS C 536 -29.32 17.95 6.17
C HIS C 536 -29.72 17.75 7.61
N THR C 537 -28.90 17.16 8.47
CA THR C 537 -29.22 16.85 9.89
C THR C 537 -29.27 18.13 10.71
N SER C 538 -28.50 19.16 10.32
CA SER C 538 -28.52 20.46 11.02
C SER C 538 -29.88 21.08 10.76
N LEU C 539 -30.35 21.05 9.51
CA LEU C 539 -31.69 21.54 9.19
C LEU C 539 -32.79 20.73 9.87
N GLU C 540 -32.69 19.40 9.93
CA GLU C 540 -33.70 18.56 10.58
C GLU C 540 -33.80 18.82 12.10
N LYS C 541 -32.71 19.28 12.73
CA LYS C 541 -32.68 19.76 14.12
C LYS C 541 -33.36 21.12 14.31
N LYS C 542 -33.52 21.91 13.24
CA LYS C 542 -34.01 23.31 13.29
C LYS C 542 -35.42 23.49 12.71
N LEU C 543 -35.78 22.77 11.66
CA LEU C 543 -37.14 22.78 11.11
C LEU C 543 -38.15 22.21 12.13
N PRO C 544 -39.39 22.71 12.17
CA PRO C 544 -40.39 22.25 13.13
C PRO C 544 -40.98 20.89 12.73
N LEU C 545 -41.28 20.07 13.74
CA LEU C 545 -41.69 18.67 13.60
C LEU C 545 -42.93 18.49 12.70
N TRP C 546 -43.90 19.39 12.78
CA TRP C 546 -45.10 19.33 11.94
C TRP C 546 -44.77 19.54 10.46
N PHE C 547 -43.85 20.46 10.16
CA PHE C 547 -43.40 20.70 8.78
C PHE C 547 -42.66 19.47 8.27
N LEU C 548 -41.73 18.94 9.08
CA LEU C 548 -40.97 17.76 8.73
C LEU C 548 -41.88 16.57 8.42
N ARG C 549 -42.92 16.32 9.24
CA ARG C 549 -43.92 15.28 9.00
C ARG C 549 -44.77 15.51 7.74
N LYS C 550 -45.10 16.76 7.41
CA LYS C 550 -45.83 17.09 6.17
C LYS C 550 -44.97 16.94 4.91
N VAL C 551 -43.67 17.22 5.04
CA VAL C 551 -42.70 17.32 3.94
C VAL C 551 -42.04 15.97 3.60
N ASP C 552 -41.67 15.17 4.59
CA ASP C 552 -40.95 13.92 4.35
C ASP C 552 -41.85 12.80 3.77
N GLN C 553 -41.27 11.84 3.04
CA GLN C 553 -42.00 10.77 2.37
C GLN C 553 -41.31 9.41 2.56
N LYS C 554 -42.03 8.36 2.95
CA LYS C 554 -41.43 7.08 3.34
C LYS C 554 -40.94 6.23 2.16
N SER C 555 -41.30 6.58 0.93
CA SER C 555 -40.85 5.90 -0.30
C SER C 555 -40.95 6.84 -1.51
N THR C 556 -40.14 6.61 -2.55
CA THR C 556 -40.18 7.37 -3.83
C THR C 556 -39.89 6.48 -5.03
N ILE C 557 -40.31 6.91 -6.22
CA ILE C 557 -40.20 6.18 -7.51
C ILE C 557 -39.26 6.92 -8.46
N VAL C 558 -38.54 6.17 -9.30
CA VAL C 558 -37.68 6.66 -10.39
C VAL C 558 -38.04 5.95 -11.70
N TYR C 559 -37.94 6.68 -12.82
CA TYR C 559 -38.13 6.17 -14.18
C TYR C 559 -36.85 6.41 -15.01
N PRO C 560 -35.85 5.52 -14.96
CA PRO C 560 -34.56 5.70 -15.64
C PRO C 560 -34.65 5.99 -17.14
N SER C 592 -9.94 -4.28 0.60
CA SER C 592 -10.57 -4.92 1.76
C SER C 592 -9.57 -5.55 2.75
N LEU C 593 -8.27 -5.60 2.45
CA LEU C 593 -7.26 -6.26 3.29
C LEU C 593 -7.16 -5.66 4.70
N GLU C 594 -7.55 -4.41 4.86
CA GLU C 594 -7.64 -3.71 6.15
C GLU C 594 -8.71 -4.31 7.10
N MET C 595 -9.49 -5.30 6.64
CA MET C 595 -10.32 -6.19 7.46
C MET C 595 -10.28 -7.66 7.02
N GLU C 596 -9.82 -8.00 5.82
CA GLU C 596 -9.81 -9.39 5.30
C GLU C 596 -9.07 -10.36 6.25
N ILE C 597 -7.92 -9.90 6.77
CA ILE C 597 -7.09 -10.65 7.72
C ILE C 597 -7.72 -10.73 9.11
N LEU C 598 -8.62 -9.82 9.48
CA LEU C 598 -9.36 -9.93 10.73
C LEU C 598 -10.35 -11.09 10.68
N LYS C 599 -11.04 -11.31 9.55
CA LYS C 599 -11.91 -12.49 9.42
C LYS C 599 -11.10 -13.80 9.38
N GLN C 600 -9.91 -13.74 8.81
CA GLN C 600 -8.95 -14.84 8.83
C GLN C 600 -8.54 -15.21 10.28
N LYS C 601 -8.30 -14.21 11.13
CA LYS C 601 -8.01 -14.39 12.57
C LYS C 601 -9.09 -15.22 13.24
N TYR C 602 -10.35 -14.82 13.13
CA TYR C 602 -11.46 -15.49 13.78
C TYR C 602 -11.75 -16.90 13.24
N ARG C 603 -11.48 -17.16 11.95
CA ARG C 603 -11.61 -18.51 11.39
C ARG C 603 -10.53 -19.44 11.91
N LEU C 604 -9.29 -18.96 11.99
CA LEU C 604 -8.18 -19.70 12.58
C LEU C 604 -8.36 -19.91 14.09
N LYS C 605 -8.98 -18.97 14.79
CA LYS C 605 -9.31 -19.05 16.21
C LYS C 605 -10.36 -20.11 16.54
N ASP C 606 -11.46 -20.18 15.80
CA ASP C 606 -12.44 -21.26 16.02
C ASP C 606 -11.91 -22.62 15.53
N LEU C 607 -11.02 -22.62 14.52
CA LEU C 607 -10.31 -23.84 14.10
C LEU C 607 -9.39 -24.39 15.20
N THR C 608 -8.59 -23.56 15.88
CA THR C 608 -7.76 -24.03 17.00
C THR C 608 -8.59 -24.41 18.23
N PHE C 609 -9.73 -23.76 18.46
CA PHE C 609 -10.70 -24.20 19.48
C PHE C 609 -11.33 -25.56 19.16
N LEU C 610 -11.70 -25.84 17.90
CA LEU C 610 -12.19 -27.16 17.48
C LEU C 610 -11.11 -28.23 17.65
N LEU C 611 -9.87 -27.96 17.24
CA LEU C 611 -8.77 -28.91 17.40
C LEU C 611 -8.49 -29.23 18.87
N GLU C 612 -8.46 -28.25 19.76
CA GLU C 612 -8.21 -28.50 21.18
C GLU C 612 -9.38 -29.25 21.87
N LYS C 613 -10.59 -29.24 21.32
CA LYS C 613 -11.72 -30.08 21.84
C LYS C 613 -11.54 -31.51 21.34
N GLN C 614 -11.14 -31.68 20.08
CA GLN C 614 -10.90 -33.01 19.45
C GLN C 614 -9.78 -33.72 20.17
N HIS C 615 -8.75 -33.00 20.63
CA HIS C 615 -7.58 -33.55 21.38
C HIS C 615 -8.02 -34.08 22.74
N GLU C 616 -8.99 -33.43 23.39
CA GLU C 616 -9.50 -33.84 24.72
C GLU C 616 -10.34 -35.11 24.55
N LEU C 617 -10.84 -35.38 23.34
CA LEU C 617 -11.54 -36.64 23.11
C LEU C 617 -10.58 -37.79 22.79
N ILE C 618 -9.51 -37.54 22.05
CA ILE C 618 -8.50 -38.56 21.76
C ILE C 618 -7.82 -39.04 23.03
N LYS C 619 -7.52 -38.13 23.97
CA LYS C 619 -7.07 -38.52 25.32
C LYS C 619 -8.11 -39.35 26.06
N LEU C 620 -9.40 -39.05 25.94
CA LEU C 620 -10.47 -39.82 26.59
C LEU C 620 -10.55 -41.24 26.05
N ILE C 621 -10.28 -41.45 24.76
CA ILE C 621 -10.17 -42.80 24.19
C ILE C 621 -9.06 -43.57 24.91
N ILE C 622 -7.82 -43.11 24.96
CA ILE C 622 -6.72 -43.88 25.54
C ILE C 622 -6.96 -44.18 27.03
N GLN C 623 -7.59 -43.24 27.73
CA GLN C 623 -7.98 -43.38 29.11
C GLN C 623 -9.04 -44.46 29.37
N LYS C 624 -9.95 -44.73 28.41
CA LYS C 624 -11.04 -45.71 28.53
C LYS C 624 -10.87 -46.99 27.70
N MET C 625 -10.00 -46.96 26.71
CA MET C 625 -9.74 -48.02 25.75
C MET C 625 -9.38 -49.34 26.43
N GLU C 626 -9.97 -50.46 26.04
CA GLU C 626 -9.53 -51.73 26.57
C GLU C 626 -8.20 -52.13 25.90
N ILE C 627 -7.11 -52.17 26.68
CA ILE C 627 -5.77 -52.59 26.23
C ILE C 627 -5.47 -53.96 26.84
N ILE C 628 -5.26 -54.93 25.97
CA ILE C 628 -4.92 -56.33 26.24
C ILE C 628 -4.09 -56.80 25.04
N SER C 629 -3.22 -57.79 25.20
CA SER C 629 -2.25 -58.26 24.19
C SER C 629 -1.14 -57.26 23.91
N GLU C 630 -1.45 -56.05 23.47
CA GLU C 630 -0.45 -55.02 23.18
C GLU C 630 -0.05 -54.21 24.43
N THR C 631 -0.08 -54.81 25.61
CA THR C 631 0.24 -54.17 26.90
C THR C 631 1.70 -53.72 26.97
N SER D 1 -29.35 -52.59 8.33
CA SER D 1 -28.79 -51.75 9.42
C SER D 1 -27.48 -52.33 9.96
N PRO D 2 -27.37 -53.63 10.34
CA PRO D 2 -26.07 -54.19 10.71
C PRO D 2 -25.08 -54.18 9.55
N LEU D 3 -25.53 -54.44 8.32
CA LEU D 3 -24.66 -54.43 7.11
C LEU D 3 -24.54 -53.00 6.59
N HIS D 4 -25.44 -52.08 6.93
CA HIS D 4 -25.25 -50.68 6.54
C HIS D 4 -24.09 -50.13 7.33
N PHE D 5 -23.90 -50.49 8.59
CA PHE D 5 -22.80 -49.88 9.41
C PHE D 5 -21.49 -50.53 9.05
N ALA D 6 -21.47 -51.83 8.88
CA ALA D 6 -20.28 -52.54 8.47
C ALA D 6 -19.74 -52.05 7.12
N ALA D 7 -20.62 -51.81 6.15
CA ALA D 7 -20.24 -51.26 4.87
C ALA D 7 -19.78 -49.80 4.97
N SER D 8 -20.52 -48.96 5.68
CA SER D 8 -20.23 -47.54 5.82
C SER D 8 -18.87 -47.26 6.43
N TYR D 9 -18.38 -48.10 7.34
CA TYR D 9 -17.10 -47.93 8.03
C TYR D 9 -16.03 -48.94 7.61
N GLY D 10 -16.20 -49.63 6.48
CA GLY D 10 -15.12 -50.37 5.85
C GLY D 10 -14.81 -51.72 6.46
N ARG D 11 -15.73 -52.26 7.24
CA ARG D 11 -15.55 -53.44 8.10
C ARG D 11 -15.66 -54.73 7.30
N ILE D 12 -14.74 -54.93 6.38
CA ILE D 12 -14.75 -56.00 5.40
C ILE D 12 -14.94 -57.38 6.03
N ASN D 13 -14.25 -57.66 7.14
CA ASN D 13 -14.34 -58.94 7.83
C ASN D 13 -15.63 -59.11 8.65
N THR D 14 -16.46 -58.08 8.81
CA THR D 14 -17.85 -58.17 9.28
C THR D 14 -18.79 -58.40 8.11
N CYS D 15 -18.58 -57.72 6.98
CA CYS D 15 -19.37 -57.93 5.76
C CYS D 15 -19.27 -59.38 5.29
N GLN D 16 -18.08 -59.97 5.39
CA GLN D 16 -17.91 -61.41 4.98
C GLN D 16 -18.70 -62.41 5.90
N ARG D 17 -19.20 -61.91 7.02
CA ARG D 17 -20.03 -62.68 7.95
C ARG D 17 -21.50 -62.36 7.79
N LEU D 18 -21.86 -61.09 7.60
CA LEU D 18 -23.23 -60.65 7.30
C LEU D 18 -23.75 -61.26 5.98
N LEU D 19 -22.93 -61.30 4.93
CA LEU D 19 -23.28 -61.89 3.63
C LEU D 19 -22.95 -63.39 3.53
N GLN D 20 -22.59 -64.03 4.66
CA GLN D 20 -22.36 -65.50 4.72
C GLN D 20 -23.63 -66.12 5.32
N ASP D 21 -24.00 -65.71 6.54
CA ASP D 21 -25.23 -66.21 7.22
C ASP D 21 -26.45 -65.78 6.40
N ILE D 22 -26.47 -64.55 5.88
CA ILE D 22 -27.61 -64.01 5.08
C ILE D 22 -27.42 -64.45 3.62
N SER D 23 -27.84 -65.67 3.28
CA SER D 23 -27.76 -66.20 1.89
C SER D 23 -28.64 -65.34 0.98
N ASP D 24 -29.81 -64.92 1.48
CA ASP D 24 -30.76 -64.07 0.69
C ASP D 24 -30.08 -62.74 0.38
N THR D 25 -30.31 -62.18 -0.81
CA THR D 25 -29.69 -60.90 -1.26
C THR D 25 -30.66 -59.74 -1.04
N ARG D 26 -31.75 -59.94 -0.29
CA ARG D 26 -32.71 -58.85 0.07
C ARG D 26 -31.98 -57.82 0.95
N LEU D 27 -31.16 -58.28 1.90
CA LEU D 27 -30.42 -57.39 2.85
C LEU D 27 -29.23 -56.75 2.12
N LEU D 28 -28.69 -57.41 1.09
CA LEU D 28 -27.59 -56.84 0.30
C LEU D 28 -28.07 -55.62 -0.52
N ASN D 29 -29.28 -55.66 -1.04
CA ASN D 29 -29.89 -54.58 -1.84
C ASN D 29 -30.77 -53.64 -0.99
N GLU D 30 -30.73 -53.74 0.34
CA GLU D 30 -31.69 -53.08 1.24
C GLU D 30 -31.63 -51.54 1.16
N GLY D 31 -32.72 -50.88 1.54
CA GLY D 31 -32.82 -49.42 1.60
C GLY D 31 -32.42 -48.83 2.96
N ASP D 32 -32.59 -47.52 3.11
CA ASP D 32 -32.18 -46.73 4.29
C ASP D 32 -33.11 -45.51 4.44
N LEU D 33 -33.04 -44.79 5.57
CA LEU D 33 -33.76 -43.53 5.79
C LEU D 33 -33.54 -42.51 4.67
N HIS D 34 -32.31 -42.50 4.16
CA HIS D 34 -31.91 -41.61 3.06
C HIS D 34 -31.94 -42.32 1.69
N GLY D 35 -32.48 -43.54 1.69
CA GLY D 35 -32.66 -44.33 0.46
C GLY D 35 -31.38 -44.91 -0.14
N MET D 36 -30.25 -44.77 0.55
CA MET D 36 -29.00 -45.44 0.21
C MET D 36 -29.04 -46.95 0.51
N THR D 37 -28.01 -47.66 0.07
CA THR D 37 -27.87 -49.12 0.15
C THR D 37 -26.40 -49.44 0.43
N PRO D 38 -26.07 -50.59 1.08
CA PRO D 38 -24.69 -50.89 1.47
C PRO D 38 -23.65 -50.46 0.44
N LEU D 39 -23.89 -50.75 -0.83
CA LEU D 39 -22.94 -50.42 -1.91
C LEU D 39 -22.76 -48.91 -1.89
N HIS D 40 -23.82 -48.11 -1.82
CA HIS D 40 -23.73 -46.62 -1.83
C HIS D 40 -23.04 -46.11 -0.57
N LEU D 41 -23.25 -46.73 0.59
CA LEU D 41 -22.60 -46.34 1.87
C LEU D 41 -21.10 -46.61 1.77
N ALA D 42 -20.69 -47.70 1.12
CA ALA D 42 -19.26 -48.08 1.07
C ALA D 42 -18.55 -47.16 0.09
N ALA D 43 -19.09 -46.95 -1.10
CA ALA D 43 -18.56 -45.99 -2.06
C ALA D 43 -18.42 -44.60 -1.45
N LYS D 44 -19.42 -44.11 -0.71
CA LYS D 44 -19.43 -42.77 -0.08
C LYS D 44 -18.24 -42.51 0.82
N ASN D 45 -17.74 -43.52 1.54
CA ASN D 45 -16.59 -43.38 2.45
C ASN D 45 -15.28 -43.93 1.90
N GLY D 46 -15.27 -44.46 0.68
CA GLY D 46 -14.04 -44.76 -0.04
C GLY D 46 -13.47 -46.15 0.19
N HIS D 47 -14.31 -47.04 0.72
CA HIS D 47 -13.91 -48.40 1.15
C HIS D 47 -13.99 -49.33 -0.03
N ASP D 48 -12.95 -49.31 -0.85
CA ASP D 48 -12.91 -50.12 -2.08
C ASP D 48 -12.93 -51.59 -1.78
N LYS D 49 -12.27 -52.06 -0.77
CA LYS D 49 -12.22 -53.51 -0.56
C LYS D 49 -13.66 -53.91 -0.30
N VAL D 50 -14.40 -53.15 0.50
CA VAL D 50 -15.81 -53.44 0.83
C VAL D 50 -16.63 -53.34 -0.42
N VAL D 51 -16.38 -52.36 -1.27
CA VAL D 51 -17.18 -52.14 -2.52
C VAL D 51 -16.92 -53.29 -3.48
N GLN D 52 -15.74 -53.88 -3.47
CA GLN D 52 -15.40 -54.93 -4.43
C GLN D 52 -16.01 -56.22 -3.91
N LEU D 53 -16.24 -56.27 -2.60
CA LEU D 53 -16.85 -57.46 -2.01
C LEU D 53 -18.36 -57.50 -2.26
N LEU D 54 -19.05 -56.37 -2.12
CA LEU D 54 -20.48 -56.27 -2.42
C LEU D 54 -20.76 -56.43 -3.92
N LEU D 55 -19.90 -55.95 -4.82
CA LEU D 55 -20.05 -56.23 -6.25
C LEU D 55 -19.79 -57.69 -6.60
N LYS D 56 -18.78 -58.33 -5.99
CA LYS D 56 -18.53 -59.78 -6.10
C LYS D 56 -19.72 -60.60 -5.59
N LYS D 57 -20.34 -60.20 -4.48
CA LYS D 57 -21.59 -60.77 -3.94
C LYS D 57 -22.84 -60.44 -4.75
N GLY D 58 -22.75 -59.59 -5.78
CA GLY D 58 -23.84 -59.35 -6.72
C GLY D 58 -24.81 -58.22 -6.33
N ALA D 59 -24.32 -57.15 -5.73
CA ALA D 59 -25.10 -55.91 -5.52
C ALA D 59 -25.57 -55.29 -6.84
N LEU D 60 -26.56 -54.38 -6.78
CA LEU D 60 -27.13 -53.68 -7.94
C LEU D 60 -26.86 -52.17 -7.84
N PHE D 61 -26.38 -51.57 -8.90
CA PHE D 61 -26.13 -50.12 -8.91
C PHE D 61 -27.52 -49.52 -8.87
N LEU D 62 -28.15 -49.43 -7.71
CA LEU D 62 -29.50 -48.85 -7.55
C LEU D 62 -29.31 -47.34 -7.41
N SER D 63 -30.32 -46.58 -7.02
CA SER D 63 -30.23 -45.11 -6.93
C SER D 63 -30.77 -44.60 -5.61
N ASP D 64 -30.27 -43.45 -5.16
CA ASP D 64 -30.62 -42.86 -3.86
C ASP D 64 -31.90 -42.04 -3.96
N HIS D 65 -32.43 -41.53 -2.84
CA HIS D 65 -33.61 -40.63 -2.85
C HIS D 65 -33.23 -39.38 -3.63
N ASN D 66 -31.99 -38.92 -3.53
CA ASN D 66 -31.48 -37.72 -4.25
C ASN D 66 -31.14 -38.09 -5.69
N GLY D 67 -31.19 -39.37 -6.06
CA GLY D 67 -30.95 -39.84 -7.43
C GLY D 67 -29.50 -40.24 -7.63
N TRP D 68 -28.68 -40.17 -6.58
CA TRP D 68 -27.23 -40.43 -6.71
C TRP D 68 -26.93 -41.92 -6.80
N THR D 69 -26.07 -42.34 -7.73
CA THR D 69 -25.55 -43.72 -7.88
C THR D 69 -24.36 -43.96 -6.94
N ALA D 70 -23.90 -45.20 -6.76
CA ALA D 70 -22.64 -45.48 -6.05
C ALA D 70 -21.47 -44.69 -6.64
N LEU D 71 -21.37 -44.63 -7.96
CA LEU D 71 -20.31 -43.89 -8.63
C LEU D 71 -20.41 -42.38 -8.41
N HIS D 72 -21.60 -41.82 -8.18
CA HIS D 72 -21.72 -40.41 -7.85
C HIS D 72 -21.13 -40.14 -6.47
N HIS D 73 -21.34 -41.05 -5.53
CA HIS D 73 -20.78 -40.88 -4.16
C HIS D 73 -19.23 -41.03 -4.22
N ALA D 74 -18.78 -42.07 -4.90
CA ALA D 74 -17.34 -42.28 -5.05
C ALA D 74 -16.65 -41.07 -5.67
N SER D 75 -17.27 -40.44 -6.67
CA SER D 75 -16.75 -39.28 -7.37
C SER D 75 -16.79 -38.02 -6.53
N MET D 76 -17.91 -37.77 -5.84
CA MET D 76 -18.09 -36.69 -4.88
C MET D 76 -17.01 -36.69 -3.79
N GLY D 77 -16.54 -37.86 -3.37
CA GLY D 77 -15.44 -38.00 -2.41
C GLY D 77 -14.04 -38.06 -3.03
N GLY D 78 -13.92 -38.26 -4.34
CA GLY D 78 -12.64 -38.37 -5.03
C GLY D 78 -11.90 -39.68 -4.79
N TYR D 79 -12.60 -40.75 -4.42
CA TYR D 79 -12.00 -42.03 -4.03
C TYR D 79 -11.66 -42.90 -5.23
N THR D 80 -10.54 -42.61 -5.89
CA THR D 80 -10.14 -43.25 -7.16
C THR D 80 -10.07 -44.77 -7.11
N GLN D 81 -9.76 -45.33 -5.95
CA GLN D 81 -9.71 -46.82 -5.82
C GLN D 81 -11.15 -47.43 -5.98
N THR D 82 -12.12 -46.80 -5.33
CA THR D 82 -13.52 -47.26 -5.45
C THR D 82 -14.06 -47.03 -6.86
N MET D 83 -13.73 -45.91 -7.49
CA MET D 83 -14.16 -45.65 -8.86
C MET D 83 -13.55 -46.66 -9.81
N LYS D 84 -12.26 -46.96 -9.68
CA LYS D 84 -11.56 -47.94 -10.51
C LYS D 84 -12.15 -49.34 -10.33
N VAL D 85 -12.50 -49.73 -9.10
CA VAL D 85 -13.24 -50.96 -8.81
C VAL D 85 -14.62 -50.95 -9.47
N ILE D 86 -15.38 -49.86 -9.35
CA ILE D 86 -16.73 -49.77 -9.95
C ILE D 86 -16.65 -49.87 -11.47
N LEU D 87 -15.84 -49.03 -12.12
CA LEU D 87 -15.68 -48.94 -13.58
C LEU D 87 -15.15 -50.24 -14.21
N ASP D 88 -14.36 -51.03 -13.49
CA ASP D 88 -13.99 -52.39 -13.92
C ASP D 88 -15.15 -53.41 -13.92
N THR D 89 -16.38 -53.01 -13.60
CA THR D 89 -17.61 -53.82 -13.68
C THR D 89 -18.74 -53.05 -14.35
N ASN D 90 -19.75 -53.74 -14.91
CA ASN D 90 -21.05 -53.17 -15.31
C ASN D 90 -20.95 -51.79 -16.02
N LEU D 91 -20.06 -51.69 -17.02
CA LEU D 91 -19.45 -50.42 -17.45
C LEU D 91 -20.40 -49.37 -18.05
N LYS D 92 -21.64 -49.72 -18.38
CA LYS D 92 -22.68 -48.76 -18.75
C LYS D 92 -23.05 -47.77 -17.63
N CYS D 93 -22.68 -48.08 -16.38
CA CYS D 93 -23.03 -47.31 -15.19
C CYS D 93 -22.58 -45.84 -15.22
N THR D 94 -21.47 -45.52 -15.90
CA THR D 94 -20.84 -44.19 -15.87
C THR D 94 -21.76 -43.02 -16.26
N ASP D 95 -22.69 -43.23 -17.19
CA ASP D 95 -23.55 -42.17 -17.73
C ASP D 95 -24.79 -41.81 -16.89
N ARG D 96 -25.03 -42.44 -15.74
CA ARG D 96 -26.27 -42.26 -14.95
C ARG D 96 -26.44 -40.82 -14.44
N LEU D 97 -27.68 -40.31 -14.43
CA LEU D 97 -28.05 -38.93 -14.11
C LEU D 97 -28.86 -38.83 -12.81
N ASP D 98 -28.53 -37.89 -11.92
CA ASP D 98 -29.33 -37.68 -10.71
C ASP D 98 -30.60 -36.83 -10.95
N GLU D 99 -31.33 -36.44 -9.89
CA GLU D 99 -32.55 -35.64 -10.05
C GLU D 99 -32.33 -34.22 -10.60
N ASP D 100 -31.08 -33.73 -10.69
CA ASP D 100 -30.69 -32.47 -11.32
C ASP D 100 -29.87 -32.69 -12.61
N GLY D 101 -29.78 -33.93 -13.09
CA GLY D 101 -29.05 -34.25 -14.31
C GLY D 101 -27.53 -34.11 -14.17
N ASN D 102 -26.99 -34.09 -12.94
CA ASN D 102 -25.57 -34.25 -12.74
C ASN D 102 -25.17 -35.71 -12.98
N THR D 103 -24.10 -35.93 -13.73
CA THR D 103 -23.42 -37.22 -13.84
C THR D 103 -22.27 -37.31 -12.85
N ALA D 104 -21.65 -38.48 -12.73
CA ALA D 104 -20.47 -38.68 -11.89
C ALA D 104 -19.36 -37.65 -12.14
N LEU D 105 -19.14 -37.30 -13.41
CA LEU D 105 -18.13 -36.35 -13.84
C LEU D 105 -18.43 -34.91 -13.41
N HIS D 106 -19.71 -34.53 -13.28
CA HIS D 106 -20.06 -33.22 -12.73
C HIS D 106 -19.71 -33.11 -11.25
N PHE D 107 -19.81 -34.19 -10.48
CA PHE D 107 -19.45 -34.18 -9.06
C PHE D 107 -17.94 -34.15 -8.87
N ALA D 108 -17.20 -34.96 -9.62
CA ALA D 108 -15.74 -34.97 -9.55
C ALA D 108 -15.16 -33.58 -9.84
N ALA D 109 -15.71 -32.91 -10.86
CA ALA D 109 -15.32 -31.56 -11.23
C ALA D 109 -15.73 -30.52 -10.18
N ARG D 110 -17.00 -30.48 -9.77
CA ARG D 110 -17.49 -29.47 -8.81
C ARG D 110 -16.75 -29.51 -7.48
N GLU D 111 -16.47 -30.69 -6.96
CA GLU D 111 -15.80 -30.86 -5.67
C GLU D 111 -14.27 -30.72 -5.75
N GLY D 112 -13.70 -30.85 -6.93
CA GLY D 112 -12.28 -30.54 -7.12
C GLY D 112 -11.36 -31.71 -7.01
N HIS D 113 -11.76 -32.87 -7.52
CA HIS D 113 -10.91 -34.07 -7.47
C HIS D 113 -10.32 -34.29 -8.86
N ALA D 114 -9.05 -33.95 -9.00
CA ALA D 114 -8.33 -34.07 -10.28
C ALA D 114 -8.03 -35.49 -10.69
N LYS D 115 -7.63 -36.39 -9.82
CA LYS D 115 -7.30 -37.74 -10.31
C LYS D 115 -8.61 -38.40 -10.63
N ALA D 116 -9.73 -37.86 -10.17
CA ALA D 116 -11.08 -38.40 -10.40
C ALA D 116 -11.69 -37.91 -11.69
N VAL D 117 -11.47 -36.67 -12.06
CA VAL D 117 -11.99 -36.09 -13.33
C VAL D 117 -11.15 -36.73 -14.39
N ALA D 118 -9.87 -36.89 -14.14
CA ALA D 118 -8.95 -37.52 -15.09
C ALA D 118 -9.24 -39.02 -15.28
N LEU D 119 -9.63 -39.76 -14.24
CA LEU D 119 -10.05 -41.16 -14.37
C LEU D 119 -11.32 -41.28 -15.21
N LEU D 120 -12.40 -40.60 -14.83
CA LEU D 120 -13.69 -40.72 -15.51
C LEU D 120 -13.61 -40.25 -16.96
N LEU D 121 -12.84 -39.20 -17.21
CA LEU D 121 -12.64 -38.62 -18.54
C LEU D 121 -11.70 -39.45 -19.42
N SER D 122 -10.80 -40.25 -18.82
CA SER D 122 -9.97 -41.24 -19.51
C SER D 122 -10.75 -42.48 -19.91
N HIS D 123 -11.70 -42.92 -19.09
CA HIS D 123 -12.83 -43.75 -19.53
C HIS D 123 -13.78 -42.94 -20.42
N ASN D 124 -14.69 -43.60 -21.12
CA ASN D 124 -15.58 -42.92 -22.06
C ASN D 124 -16.81 -42.28 -21.38
N ALA D 125 -16.59 -41.48 -20.31
CA ALA D 125 -17.68 -40.71 -19.71
C ALA D 125 -18.28 -39.74 -20.72
N ASP D 126 -19.61 -39.75 -20.82
CA ASP D 126 -20.34 -38.89 -21.74
C ASP D 126 -20.47 -37.48 -21.17
N ILE D 127 -19.74 -36.52 -21.73
CA ILE D 127 -19.88 -35.11 -21.35
C ILE D 127 -21.27 -34.63 -21.77
N VAL D 128 -22.05 -34.17 -20.81
CA VAL D 128 -23.46 -33.79 -21.06
C VAL D 128 -23.69 -32.51 -20.30
N LEU D 129 -24.91 -31.99 -20.22
CA LEU D 129 -25.22 -30.72 -19.51
C LEU D 129 -26.27 -31.02 -18.45
N ASN D 130 -26.18 -30.38 -17.29
CA ASN D 130 -27.12 -30.60 -16.16
C ASN D 130 -28.41 -29.85 -16.47
N LYS D 131 -29.42 -29.97 -15.62
CA LYS D 131 -30.74 -29.31 -15.83
C LYS D 131 -30.51 -27.80 -15.80
N GLN D 132 -29.40 -27.32 -15.25
CA GLN D 132 -29.03 -25.89 -15.20
C GLN D 132 -28.21 -25.55 -16.46
N GLN D 133 -28.18 -26.43 -17.46
CA GLN D 133 -27.49 -26.20 -18.76
C GLN D 133 -26.01 -25.92 -18.51
N ALA D 134 -25.37 -26.68 -17.62
CA ALA D 134 -23.95 -26.48 -17.26
C ALA D 134 -23.14 -27.75 -17.48
N SER D 135 -22.02 -27.64 -18.18
CA SER D 135 -21.10 -28.79 -18.32
C SER D 135 -20.34 -29.05 -17.02
N PHE D 136 -19.61 -30.16 -16.95
CA PHE D 136 -18.65 -30.38 -15.87
C PHE D 136 -17.57 -29.29 -15.81
N LEU D 137 -17.13 -28.83 -16.98
CA LEU D 137 -16.08 -27.79 -17.08
C LEU D 137 -16.66 -26.50 -16.54
N HIS D 138 -17.95 -26.22 -16.77
CA HIS D 138 -18.61 -25.03 -16.20
C HIS D 138 -18.65 -25.10 -14.67
N LEU D 139 -18.93 -26.28 -14.08
CA LEU D 139 -19.02 -26.46 -12.60
C LEU D 139 -17.62 -26.32 -12.00
N ALA D 140 -16.57 -26.78 -12.68
CA ALA D 140 -15.21 -26.54 -12.24
C ALA D 140 -14.87 -25.04 -12.18
N LEU D 141 -15.08 -24.36 -13.31
CA LEU D 141 -14.74 -22.91 -13.43
C LEU D 141 -15.48 -22.04 -12.34
N HIS D 142 -16.78 -22.26 -12.11
CA HIS D 142 -17.49 -21.46 -11.07
C HIS D 142 -16.73 -21.70 -9.69
N ASN D 143 -16.55 -22.98 -9.28
CA ASN D 143 -15.85 -23.30 -7.98
C ASN D 143 -14.34 -22.99 -8.03
N LYS D 144 -13.86 -22.33 -9.08
CA LYS D 144 -12.41 -22.04 -9.10
C LYS D 144 -11.52 -23.28 -8.92
N ARG D 145 -11.92 -24.41 -9.49
CA ARG D 145 -11.20 -25.69 -9.37
C ARG D 145 -10.00 -25.75 -10.31
N LYS D 146 -8.94 -25.02 -9.98
CA LYS D 146 -7.73 -24.85 -10.81
C LYS D 146 -7.19 -26.17 -11.33
N GLU D 147 -6.93 -27.13 -10.44
CA GLU D 147 -6.30 -28.42 -10.84
C GLU D 147 -7.26 -29.20 -11.74
N VAL D 148 -8.55 -29.27 -11.44
CA VAL D 148 -9.45 -30.10 -12.27
C VAL D 148 -9.47 -29.47 -13.66
N VAL D 149 -9.56 -28.15 -13.79
CA VAL D 149 -9.63 -27.44 -15.10
C VAL D 149 -8.28 -27.55 -15.79
N LEU D 150 -7.19 -27.58 -15.06
CA LEU D 150 -5.81 -27.74 -15.61
C LEU D 150 -5.63 -29.15 -16.16
N THR D 151 -6.28 -30.17 -15.57
CA THR D 151 -6.19 -31.58 -16.08
C THR D 151 -7.13 -31.73 -17.28
N ILE D 152 -8.22 -30.96 -17.34
CA ILE D 152 -9.11 -30.99 -18.50
C ILE D 152 -8.43 -30.38 -19.72
N ILE D 153 -7.78 -29.22 -19.57
CA ILE D 153 -7.02 -28.55 -20.64
C ILE D 153 -5.90 -29.45 -21.16
N ARG D 154 -5.16 -30.10 -20.25
CA ARG D 154 -4.12 -31.09 -20.59
C ARG D 154 -4.68 -32.44 -21.07
N SER D 155 -5.99 -32.67 -21.04
CA SER D 155 -6.61 -33.93 -21.44
C SER D 155 -6.51 -34.23 -22.93
N LYS D 156 -6.52 -35.52 -23.29
CA LYS D 156 -6.73 -36.00 -24.67
C LYS D 156 -8.10 -35.64 -25.25
N ARG D 157 -9.02 -35.07 -24.47
CA ARG D 157 -10.43 -34.79 -24.84
C ARG D 157 -10.82 -33.30 -24.80
N TRP D 158 -9.87 -32.39 -24.64
CA TRP D 158 -10.14 -30.96 -24.45
C TRP D 158 -11.08 -30.36 -25.51
N ASP D 159 -10.81 -30.60 -26.79
CA ASP D 159 -11.59 -30.08 -27.91
C ASP D 159 -13.04 -30.62 -27.97
N GLU D 160 -13.35 -31.72 -27.28
CA GLU D 160 -14.73 -32.19 -27.11
C GLU D 160 -15.41 -31.46 -25.94
N CYS D 161 -14.66 -31.14 -24.88
CA CYS D 161 -15.14 -30.42 -23.70
C CYS D 161 -15.56 -28.99 -24.05
N LEU D 162 -14.67 -28.24 -24.72
CA LEU D 162 -14.89 -26.81 -25.06
C LEU D 162 -16.08 -26.66 -26.00
N LYS D 163 -16.33 -27.64 -26.85
CA LYS D 163 -17.41 -27.59 -27.87
C LYS D 163 -18.80 -27.49 -27.24
N ILE D 164 -19.06 -28.16 -26.12
CA ILE D 164 -20.45 -28.26 -25.56
C ILE D 164 -20.72 -27.10 -24.60
N PHE D 165 -21.52 -26.10 -25.00
CA PHE D 165 -21.97 -24.97 -24.14
C PHE D 165 -23.19 -24.36 -24.84
N SER D 166 -24.01 -23.55 -24.14
CA SER D 166 -25.27 -22.96 -24.71
C SER D 166 -25.07 -21.47 -25.03
N HIS D 167 -25.35 -21.03 -26.28
CA HIS D 167 -25.28 -19.60 -26.60
C HIS D 167 -26.36 -18.77 -25.91
N ASN D 168 -27.52 -19.38 -25.63
CA ASN D 168 -28.65 -18.76 -24.94
C ASN D 168 -28.34 -18.40 -23.47
N SER D 169 -27.40 -19.09 -22.82
CA SER D 169 -27.12 -18.88 -21.39
C SER D 169 -26.32 -17.59 -21.11
N PRO D 170 -26.74 -16.75 -20.14
CA PRO D 170 -25.93 -15.65 -19.64
C PRO D 170 -24.84 -16.10 -18.66
N GLY D 171 -25.08 -17.21 -17.94
CA GLY D 171 -24.23 -17.70 -16.85
C GLY D 171 -23.23 -18.79 -17.25
N ASN D 172 -23.48 -19.52 -18.35
CA ASN D 172 -22.62 -20.60 -18.85
C ASN D 172 -22.27 -20.33 -20.32
N LYS D 173 -21.53 -19.25 -20.54
CA LYS D 173 -21.06 -18.77 -21.86
C LYS D 173 -19.96 -19.71 -22.42
N CYS D 174 -19.31 -19.27 -23.50
CA CYS D 174 -18.07 -19.90 -23.99
C CYS D 174 -17.10 -20.11 -22.83
N PRO D 175 -16.63 -21.34 -22.56
CA PRO D 175 -15.71 -21.63 -21.47
C PRO D 175 -14.47 -20.74 -21.42
N ILE D 176 -13.98 -20.22 -22.56
CA ILE D 176 -12.83 -19.33 -22.58
C ILE D 176 -13.15 -18.02 -21.86
N THR D 177 -14.35 -17.47 -22.08
CA THR D 177 -14.78 -16.24 -21.41
C THR D 177 -15.07 -16.47 -19.93
N GLU D 178 -15.46 -17.68 -19.54
CA GLU D 178 -15.60 -18.06 -18.13
C GLU D 178 -14.23 -18.30 -17.47
N MET D 179 -13.25 -18.87 -18.16
CA MET D 179 -11.89 -18.99 -17.65
C MET D 179 -11.28 -17.63 -17.38
N ILE D 180 -11.49 -16.65 -18.25
CA ILE D 180 -11.03 -15.28 -18.03
C ILE D 180 -11.73 -14.65 -16.82
N GLU D 181 -13.03 -14.92 -16.65
CA GLU D 181 -13.85 -14.40 -15.57
C GLU D 181 -13.52 -14.99 -14.18
N TYR D 182 -12.91 -16.20 -14.13
CA TYR D 182 -12.61 -16.91 -12.87
C TYR D 182 -11.16 -17.40 -12.67
N LEU D 183 -10.54 -18.02 -13.67
CA LEU D 183 -9.24 -18.71 -13.57
C LEU D 183 -8.26 -18.28 -14.67
N PRO D 184 -7.73 -17.04 -14.60
CA PRO D 184 -6.87 -16.50 -15.65
C PRO D 184 -5.53 -17.23 -15.76
N GLU D 185 -5.04 -17.84 -14.68
CA GLU D 185 -3.78 -18.60 -14.71
C GLU D 185 -3.92 -19.92 -15.50
N CYS D 186 -5.13 -20.48 -15.59
CA CYS D 186 -5.44 -21.57 -16.51
C CYS D 186 -5.55 -21.08 -17.95
N MET D 187 -6.10 -19.89 -18.19
CA MET D 187 -6.11 -19.29 -19.53
C MET D 187 -4.69 -18.96 -20.03
N LYS D 188 -3.80 -18.51 -19.15
CA LYS D 188 -2.37 -18.36 -19.45
C LYS D 188 -1.78 -19.69 -19.93
N VAL D 189 -2.03 -20.78 -19.21
CA VAL D 189 -1.60 -22.13 -19.58
C VAL D 189 -2.21 -22.58 -20.91
N LEU D 190 -3.48 -22.28 -21.16
CA LEU D 190 -4.15 -22.59 -22.41
C LEU D 190 -3.54 -21.84 -23.61
N LEU D 191 -3.20 -20.56 -23.44
CA LEU D 191 -2.54 -19.75 -24.46
C LEU D 191 -1.11 -20.22 -24.76
N ASP D 192 -0.39 -20.82 -23.82
CA ASP D 192 0.95 -21.37 -24.10
C ASP D 192 0.93 -22.49 -25.16
N PHE D 193 -0.14 -23.28 -25.24
CA PHE D 193 -0.33 -24.27 -26.32
C PHE D 193 -0.50 -23.62 -27.70
N CYS D 194 -0.85 -22.33 -27.75
CA CYS D 194 -0.95 -21.58 -29.00
C CYS D 194 0.38 -21.02 -29.51
N MET D 195 1.44 -20.96 -28.68
CA MET D 195 2.78 -20.44 -29.05
C MET D 195 3.68 -21.62 -29.41
N LEU D 196 3.90 -21.93 -30.69
CA LEU D 196 4.65 -23.15 -31.09
C LEU D 196 6.01 -22.75 -31.65
N HIS D 197 7.09 -22.87 -30.87
CA HIS D 197 8.46 -22.48 -31.28
C HIS D 197 8.99 -23.56 -32.23
N SER D 198 10.11 -23.34 -32.94
CA SER D 198 10.65 -24.29 -33.96
C SER D 198 12.12 -24.69 -33.80
N THR D 199 13.05 -23.76 -33.56
CA THR D 199 14.51 -23.98 -33.58
C THR D 199 15.28 -23.77 -32.27
N GLU D 200 14.64 -23.34 -31.18
CA GLU D 200 15.24 -23.20 -29.84
C GLU D 200 16.52 -22.33 -29.71
N ASP D 201 16.85 -21.48 -30.67
CA ASP D 201 18.01 -20.57 -30.64
C ASP D 201 17.73 -19.26 -31.37
N LYS D 202 17.45 -18.19 -30.63
CA LYS D 202 16.93 -16.92 -31.16
C LYS D 202 17.90 -16.12 -32.04
N SER D 203 19.20 -16.43 -32.02
CA SER D 203 20.21 -15.78 -32.87
C SER D 203 20.21 -16.28 -34.33
N CYS D 204 19.64 -17.44 -34.62
CA CYS D 204 19.71 -18.08 -35.93
C CYS D 204 18.79 -17.42 -36.97
N ARG D 205 19.24 -17.24 -38.21
CA ARG D 205 18.48 -16.54 -39.25
C ARG D 205 17.16 -17.27 -39.64
N ASP D 206 17.16 -18.60 -39.59
CA ASP D 206 15.99 -19.44 -39.86
C ASP D 206 15.06 -19.64 -38.65
N TYR D 207 15.38 -19.07 -37.47
CA TYR D 207 14.55 -19.19 -36.26
C TYR D 207 13.19 -18.51 -36.44
N TYR D 208 12.11 -19.23 -36.13
CA TYR D 208 10.75 -18.69 -36.18
C TYR D 208 9.85 -19.28 -35.11
N ILE D 209 8.82 -18.51 -34.76
CA ILE D 209 7.78 -18.87 -33.79
C ILE D 209 6.40 -18.57 -34.38
N GLU D 210 5.44 -19.47 -34.21
CA GLU D 210 4.07 -19.33 -34.71
C GLU D 210 3.08 -19.11 -33.57
N TYR D 211 2.15 -18.18 -33.76
CA TYR D 211 1.05 -17.89 -32.85
C TYR D 211 -0.26 -18.37 -33.48
N ASN D 212 -1.03 -19.19 -32.77
CA ASN D 212 -2.34 -19.66 -33.19
C ASN D 212 -3.43 -18.91 -32.42
N PHE D 213 -4.50 -18.45 -33.09
CA PHE D 213 -5.50 -17.60 -32.47
C PHE D 213 -6.84 -18.28 -32.16
N LYS D 214 -6.98 -19.61 -32.29
CA LYS D 214 -8.31 -20.27 -32.27
C LYS D 214 -9.15 -20.05 -30.99
N TYR D 215 -8.53 -19.76 -29.85
CA TYR D 215 -9.25 -19.47 -28.61
C TYR D 215 -9.74 -18.02 -28.43
N LEU D 216 -9.20 -17.07 -29.17
CA LEU D 216 -9.48 -15.65 -28.90
C LEU D 216 -10.78 -15.21 -29.56
N GLN D 217 -11.38 -15.96 -30.47
CA GLN D 217 -12.59 -15.49 -31.21
C GLN D 217 -13.69 -16.54 -31.28
N CYS D 218 -14.96 -16.14 -31.16
CA CYS D 218 -16.15 -17.02 -31.24
C CYS D 218 -16.07 -18.15 -30.21
N LEU D 236 -14.29 -9.66 -30.90
CA LEU D 236 -13.07 -9.86 -30.10
C LEU D 236 -13.40 -10.37 -28.69
N THR D 237 -14.23 -11.41 -28.58
CA THR D 237 -14.89 -11.81 -27.33
C THR D 237 -13.93 -12.12 -26.19
N ALA D 238 -12.78 -12.76 -26.44
CA ALA D 238 -11.82 -13.03 -25.38
C ALA D 238 -11.18 -11.75 -24.87
N LEU D 239 -10.70 -10.85 -25.73
CA LEU D 239 -10.01 -9.65 -25.24
C LEU D 239 -10.98 -8.64 -24.60
N ASN D 240 -12.23 -8.58 -25.05
CA ASN D 240 -13.28 -7.87 -24.32
C ASN D 240 -13.44 -8.44 -22.91
N ALA D 241 -13.54 -9.76 -22.76
CA ALA D 241 -13.64 -10.39 -21.46
C ALA D 241 -12.39 -10.14 -20.60
N MET D 242 -11.19 -10.16 -21.18
CA MET D 242 -9.96 -9.87 -20.45
C MET D 242 -9.91 -8.43 -19.95
N VAL D 243 -10.35 -7.47 -20.76
CA VAL D 243 -10.44 -6.06 -20.36
C VAL D 243 -11.50 -5.84 -19.28
N GLN D 244 -12.66 -6.47 -19.42
CA GLN D 244 -13.75 -6.29 -18.40
C GLN D 244 -13.35 -6.88 -17.01
N ASN D 245 -12.46 -7.87 -17.06
CA ASN D 245 -11.93 -8.51 -15.85
C ASN D 245 -10.51 -8.02 -15.48
N ASN D 246 -10.00 -6.96 -16.11
CA ASN D 246 -8.72 -6.32 -15.80
C ASN D 246 -7.49 -7.25 -15.89
N ARG D 247 -7.51 -8.25 -16.78
CA ARG D 247 -6.46 -9.29 -16.89
C ARG D 247 -5.22 -8.79 -17.63
N ILE D 248 -4.55 -7.80 -17.06
CA ILE D 248 -3.38 -7.16 -17.67
C ILE D 248 -2.25 -8.14 -18.01
N GLU D 249 -2.07 -9.20 -17.23
CA GLU D 249 -1.05 -10.23 -17.46
C GLU D 249 -1.38 -11.16 -18.64
N LEU D 250 -2.66 -11.24 -19.04
CA LEU D 250 -3.12 -11.98 -20.23
C LEU D 250 -3.10 -11.06 -21.45
N LEU D 251 -3.50 -9.80 -21.32
CA LEU D 251 -3.33 -8.78 -22.37
C LEU D 251 -1.87 -8.65 -22.81
N ASN D 252 -0.94 -8.65 -21.86
CA ASN D 252 0.50 -8.61 -22.14
C ASN D 252 1.10 -9.98 -22.49
N HIS D 253 0.27 -10.98 -22.78
CA HIS D 253 0.82 -12.29 -23.20
C HIS D 253 1.12 -12.20 -24.70
N PRO D 254 2.25 -12.73 -25.15
CA PRO D 254 2.62 -12.64 -26.56
C PRO D 254 1.55 -13.07 -27.57
N VAL D 255 0.71 -14.06 -27.27
CA VAL D 255 -0.39 -14.44 -28.17
C VAL D 255 -1.44 -13.33 -28.28
N CYS D 256 -1.72 -12.60 -27.21
CA CYS D 256 -2.66 -11.47 -27.23
C CYS D 256 -2.04 -10.25 -27.91
N LYS D 257 -0.76 -9.93 -27.64
CA LYS D 257 -0.08 -8.84 -28.34
C LYS D 257 -0.07 -9.06 -29.85
N GLU D 258 0.30 -10.25 -30.29
CA GLU D 258 0.30 -10.59 -31.71
C GLU D 258 -1.11 -10.69 -32.30
N TYR D 259 -2.13 -11.08 -31.54
CA TYR D 259 -3.51 -11.05 -32.01
C TYR D 259 -4.00 -9.62 -32.29
N LEU D 260 -3.73 -8.66 -31.39
CA LEU D 260 -4.03 -7.24 -31.63
C LEU D 260 -3.23 -6.66 -32.79
N LEU D 261 -1.91 -6.82 -32.80
CA LEU D 261 -1.06 -6.33 -33.88
C LEU D 261 -1.46 -6.93 -35.23
N MET D 262 -1.84 -8.22 -35.26
CA MET D 262 -2.39 -8.85 -36.44
C MET D 262 -3.68 -8.17 -36.88
N LYS D 263 -4.64 -7.96 -35.96
CA LYS D 263 -5.92 -7.31 -36.26
C LYS D 263 -5.71 -5.87 -36.79
N TRP D 264 -4.74 -5.15 -36.23
CA TRP D 264 -4.34 -3.81 -36.65
C TRP D 264 -3.70 -3.80 -38.05
N LEU D 265 -2.73 -4.67 -38.34
CA LEU D 265 -2.16 -4.81 -39.68
C LEU D 265 -3.18 -5.33 -40.71
N ALA D 266 -4.15 -6.13 -40.28
CA ALA D 266 -5.14 -6.76 -41.15
C ALA D 266 -6.16 -5.75 -41.68
N TYR D 267 -6.70 -4.89 -40.81
CA TYR D 267 -7.58 -3.78 -41.23
C TYR D 267 -7.49 -2.53 -40.37
N GLY D 268 -7.14 -2.62 -39.08
CA GLY D 268 -7.27 -1.47 -38.16
C GLY D 268 -6.43 -0.24 -38.55
N PHE D 269 -5.24 -0.44 -39.10
CA PHE D 269 -4.39 0.65 -39.60
C PHE D 269 -5.05 1.35 -40.81
N ARG D 270 -5.41 0.59 -41.85
CA ARG D 270 -6.05 1.14 -43.05
C ARG D 270 -7.36 1.84 -42.72
N ALA D 271 -8.15 1.29 -41.81
CA ALA D 271 -9.40 1.91 -41.37
C ALA D 271 -9.19 3.22 -40.59
N HIS D 272 -8.10 3.37 -39.82
CA HIS D 272 -7.83 4.65 -39.17
C HIS D 272 -7.27 5.68 -40.16
N MET D 273 -6.26 5.31 -40.94
CA MET D 273 -5.65 6.20 -41.95
C MET D 273 -6.65 6.66 -43.01
N MET D 274 -7.66 5.88 -43.36
CA MET D 274 -8.74 6.31 -44.25
C MET D 274 -9.61 7.42 -43.62
N ASN D 275 -9.85 7.37 -42.30
CA ASN D 275 -10.64 8.38 -41.59
C ASN D 275 -9.81 9.64 -41.31
N LEU D 276 -8.63 9.48 -40.73
CA LEU D 276 -7.64 10.53 -40.50
C LEU D 276 -7.22 11.23 -41.79
N GLY D 277 -7.08 10.50 -42.90
CA GLY D 277 -6.81 11.06 -44.22
C GLY D 277 -7.97 11.93 -44.72
N SER D 278 -9.22 11.52 -44.52
CA SER D 278 -10.38 12.34 -44.89
C SER D 278 -10.43 13.66 -44.12
N TYR D 279 -9.82 13.71 -42.93
CA TYR D 279 -9.68 14.92 -42.12
C TYR D 279 -8.47 15.75 -42.54
N CYS D 280 -7.32 15.09 -42.76
CA CYS D 280 -6.10 15.69 -43.27
C CYS D 280 -6.33 16.46 -44.59
N LEU D 281 -7.26 15.96 -45.41
CA LEU D 281 -7.74 16.58 -46.66
C LEU D 281 -8.29 18.00 -46.48
N GLY D 282 -8.82 18.36 -45.30
CA GLY D 282 -9.23 19.72 -44.96
C GLY D 282 -8.23 20.45 -44.05
N LEU D 283 -7.56 19.72 -43.16
CA LEU D 283 -6.59 20.26 -42.22
C LEU D 283 -5.39 20.92 -42.94
N ILE D 284 -4.74 20.21 -43.87
CA ILE D 284 -3.52 20.71 -44.50
C ILE D 284 -3.82 21.88 -45.44
N PRO D 285 -4.76 21.79 -46.40
CA PRO D 285 -5.14 22.92 -47.24
C PRO D 285 -5.51 24.18 -46.48
N MET D 286 -6.26 24.11 -45.38
CA MET D 286 -6.57 25.31 -44.61
C MET D 286 -5.33 25.98 -44.01
N THR D 287 -4.32 25.24 -43.55
CA THR D 287 -3.04 25.87 -43.16
C THR D 287 -2.25 26.42 -44.32
N ILE D 288 -2.24 25.75 -45.48
CA ILE D 288 -1.58 26.28 -46.69
C ILE D 288 -2.21 27.61 -47.08
N LEU D 289 -3.54 27.68 -47.02
CA LEU D 289 -4.37 28.85 -47.30
C LEU D 289 -4.21 29.98 -46.26
N VAL D 290 -3.70 29.67 -45.05
CA VAL D 290 -3.23 30.66 -44.08
C VAL D 290 -1.82 31.12 -44.41
N VAL D 291 -0.82 30.23 -44.36
CA VAL D 291 0.60 30.66 -44.35
C VAL D 291 1.09 31.22 -45.69
N ASN D 292 0.33 31.06 -46.78
CA ASN D 292 0.63 31.67 -48.09
C ASN D 292 -0.15 32.96 -48.37
N ILE D 293 -0.90 33.50 -47.40
CA ILE D 293 -1.64 34.76 -47.52
C ILE D 293 -1.40 35.60 -46.26
N LYS D 294 -1.20 36.92 -46.37
CA LYS D 294 -1.08 37.79 -45.19
C LYS D 294 -2.44 37.88 -44.47
N PRO D 295 -2.55 37.54 -43.17
CA PRO D 295 -3.81 37.62 -42.46
C PRO D 295 -4.45 39.01 -42.53
N GLY D 296 -5.75 39.06 -42.76
CA GLY D 296 -6.51 40.30 -42.91
C GLY D 296 -6.60 40.83 -44.34
N MET D 297 -5.81 40.32 -45.29
CA MET D 297 -6.02 40.61 -46.71
C MET D 297 -7.16 39.77 -47.26
N ALA D 298 -8.12 40.37 -47.97
CA ALA D 298 -9.14 39.61 -48.68
C ALA D 298 -8.51 38.74 -49.79
N PHE D 299 -9.08 37.58 -50.06
CA PHE D 299 -8.64 36.75 -51.17
C PHE D 299 -9.77 36.03 -51.87
N ASN D 300 -9.50 35.64 -53.11
CA ASN D 300 -10.38 34.97 -54.05
C ASN D 300 -9.53 33.95 -54.84
N SER D 301 -10.15 33.08 -55.61
CA SER D 301 -9.42 32.25 -56.58
C SER D 301 -8.64 33.11 -57.55
N THR D 302 -9.20 34.27 -57.90
CA THR D 302 -8.62 35.28 -58.77
C THR D 302 -7.41 36.00 -58.16
N GLY D 303 -7.05 35.76 -56.89
CA GLY D 303 -5.79 36.20 -56.30
C GLY D 303 -5.89 36.70 -54.85
N ILE D 304 -4.81 37.34 -54.38
CA ILE D 304 -4.77 38.03 -53.07
C ILE D 304 -4.92 39.53 -53.33
N ILE D 305 -5.89 40.19 -52.68
CA ILE D 305 -6.06 41.64 -52.75
C ILE D 305 -4.99 42.32 -51.87
N ASN D 306 -4.27 43.31 -52.40
CA ASN D 306 -3.06 43.84 -51.79
C ASN D 306 -3.34 44.67 -50.51
N ASN D 319 -0.13 33.04 -56.25
CA ASN D 319 -0.54 31.75 -55.69
C ASN D 319 -1.94 31.30 -56.18
N SER D 320 -2.42 31.76 -57.34
CA SER D 320 -3.83 31.58 -57.76
C SER D 320 -4.28 30.12 -57.80
N TYR D 321 -3.53 29.22 -58.44
CA TYR D 321 -3.89 27.81 -58.48
C TYR D 321 -3.89 27.19 -57.07
N LEU D 322 -2.89 27.51 -56.25
CA LEU D 322 -2.78 27.02 -54.86
C LEU D 322 -3.98 27.49 -54.06
N ILE D 323 -4.33 28.76 -54.15
CA ILE D 323 -5.44 29.33 -53.43
C ILE D 323 -6.73 28.69 -53.91
N LYS D 324 -6.95 28.57 -55.22
CA LYS D 324 -8.18 27.98 -55.77
C LYS D 324 -8.33 26.53 -55.34
N THR D 325 -7.29 25.72 -55.45
CA THR D 325 -7.34 24.31 -55.07
C THR D 325 -7.47 24.11 -53.57
N CYS D 326 -6.79 24.89 -52.72
CA CYS D 326 -6.93 24.77 -51.27
C CYS D 326 -8.31 25.21 -50.79
N MET D 327 -8.87 26.27 -51.36
CA MET D 327 -10.24 26.66 -51.12
C MET D 327 -11.23 25.58 -51.55
N ILE D 328 -11.06 25.00 -52.73
CA ILE D 328 -11.92 23.91 -53.20
C ILE D 328 -11.84 22.73 -52.24
N LEU D 329 -10.63 22.32 -51.83
CA LEU D 329 -10.44 21.23 -50.86
C LEU D 329 -11.09 21.53 -49.50
N VAL D 330 -10.99 22.76 -48.98
CA VAL D 330 -11.67 23.14 -47.74
C VAL D 330 -13.18 23.16 -47.91
N PHE D 331 -13.70 23.61 -49.04
CA PHE D 331 -15.14 23.66 -49.29
C PHE D 331 -15.74 22.25 -49.43
N LEU D 332 -15.11 21.39 -50.23
CA LEU D 332 -15.46 19.98 -50.33
C LEU D 332 -15.35 19.28 -48.97
N SER D 333 -14.24 19.46 -48.24
CA SER D 333 -14.08 18.88 -46.90
C SER D 333 -15.14 19.35 -45.92
N SER D 334 -15.64 20.58 -46.08
CA SER D 334 -16.75 21.10 -45.28
C SER D 334 -18.10 20.44 -45.63
N ILE D 335 -18.43 20.42 -46.92
CA ILE D 335 -19.69 19.78 -47.36
C ILE D 335 -19.60 18.21 -47.05
N PHE D 336 -18.45 17.57 -47.31
CA PHE D 336 -18.30 16.13 -46.93
C PHE D 336 -18.57 16.02 -45.38
N GLY D 337 -17.95 16.92 -44.59
CA GLY D 337 -18.16 16.97 -43.15
C GLY D 337 -19.66 17.00 -42.81
N TYR D 338 -20.38 17.95 -43.41
CA TYR D 338 -21.82 17.98 -43.14
C TYR D 338 -22.53 16.67 -43.54
N CYS D 339 -22.13 16.04 -44.65
CA CYS D 339 -22.68 14.74 -45.06
C CYS D 339 -22.30 13.61 -44.07
N LYS D 340 -21.02 13.51 -43.67
CA LYS D 340 -20.54 12.51 -42.70
C LYS D 340 -21.20 12.71 -41.33
N GLU D 341 -21.40 13.95 -40.92
CA GLU D 341 -22.33 14.35 -39.85
C GLU D 341 -23.77 14.30 -40.38
N ILE D 356 -17.19 16.36 -26.30
CA ILE D 356 -17.31 17.59 -27.14
C ILE D 356 -16.98 17.34 -28.61
N SER D 357 -16.50 16.10 -28.95
CA SER D 357 -16.08 15.74 -30.32
C SER D 357 -17.09 16.15 -31.39
N ASN D 358 -18.37 15.83 -31.19
CA ASN D 358 -19.45 16.19 -32.12
C ASN D 358 -19.66 17.70 -32.27
N VAL D 359 -19.37 18.50 -31.24
CA VAL D 359 -19.48 19.97 -31.27
C VAL D 359 -18.33 20.59 -32.06
N LEU D 360 -17.06 20.06 -31.87
CA LEU D 360 -15.91 20.65 -32.53
C LEU D 360 -16.05 20.54 -34.07
N GLU D 361 -16.56 19.35 -34.55
CA GLU D 361 -16.81 19.08 -35.97
C GLU D 361 -17.86 20.05 -36.55
N TRP D 362 -18.93 20.39 -35.81
CA TRP D 362 -19.87 21.44 -36.25
C TRP D 362 -19.19 22.81 -36.39
N ILE D 363 -18.34 23.21 -35.43
CA ILE D 363 -17.65 24.50 -35.49
C ILE D 363 -16.72 24.57 -36.70
N ILE D 364 -15.92 23.53 -36.93
CA ILE D 364 -14.96 23.47 -38.03
C ILE D 364 -15.65 23.57 -39.38
N TYR D 365 -16.70 22.78 -39.63
CA TYR D 365 -17.36 22.80 -40.93
C TYR D 365 -18.16 24.08 -41.15
N THR D 366 -18.97 24.52 -40.17
CA THR D 366 -19.77 25.75 -40.32
C THR D 366 -18.89 26.99 -40.50
N THR D 367 -17.74 27.06 -39.83
CA THR D 367 -16.84 28.22 -39.88
C THR D 367 -15.86 28.12 -41.05
N GLY D 368 -15.40 26.93 -41.39
CA GLY D 368 -14.51 26.68 -42.51
C GLY D 368 -15.13 27.01 -43.87
N ILE D 369 -16.47 26.95 -43.99
CA ILE D 369 -17.19 27.51 -45.13
C ILE D 369 -16.89 29.01 -45.26
N ILE D 370 -17.12 29.80 -44.21
CA ILE D 370 -17.08 31.28 -44.30
C ILE D 370 -15.68 31.82 -44.63
N PHE D 371 -14.62 31.16 -44.17
CA PHE D 371 -13.24 31.50 -44.56
C PHE D 371 -13.00 31.43 -46.08
N VAL D 372 -13.74 30.53 -46.73
CA VAL D 372 -13.58 30.21 -48.17
C VAL D 372 -14.83 30.70 -48.92
N LEU D 373 -15.78 31.33 -48.23
CA LEU D 373 -17.02 31.83 -48.88
C LEU D 373 -16.69 32.80 -50.02
N PRO D 374 -15.73 33.75 -49.95
CA PRO D 374 -15.46 34.64 -51.11
C PRO D 374 -15.51 34.02 -52.53
N LEU D 375 -15.18 32.73 -52.68
CA LEU D 375 -15.20 32.06 -54.00
C LEU D 375 -16.58 32.23 -54.63
N PHE D 376 -17.62 32.41 -53.81
CA PHE D 376 -19.02 32.58 -54.27
C PHE D 376 -19.60 33.93 -53.84
N VAL D 377 -19.67 34.25 -52.54
CA VAL D 377 -20.28 35.52 -52.02
C VAL D 377 -19.18 36.41 -51.43
N GLU D 378 -19.04 37.64 -51.91
CA GLU D 378 -18.04 38.59 -51.35
C GLU D 378 -18.41 38.82 -49.88
N ILE D 379 -17.44 38.76 -48.98
CA ILE D 379 -17.67 38.96 -47.52
C ILE D 379 -16.57 39.89 -47.03
N PRO D 380 -16.76 40.75 -46.01
CA PRO D 380 -15.75 41.70 -45.62
C PRO D 380 -14.50 40.92 -45.22
N ALA D 381 -13.31 41.45 -45.45
CA ALA D 381 -12.04 40.76 -45.16
C ALA D 381 -11.95 40.46 -43.67
N HIS D 382 -12.68 41.19 -42.82
CA HIS D 382 -12.66 41.01 -41.37
C HIS D 382 -13.35 39.68 -41.07
N LEU D 383 -14.52 39.45 -41.64
CA LEU D 383 -15.26 38.19 -41.41
C LEU D 383 -14.48 37.11 -42.10
N GLN D 384 -13.86 37.38 -43.23
CA GLN D 384 -13.21 36.25 -43.89
C GLN D 384 -12.20 35.74 -42.90
N TRP D 385 -11.45 36.59 -42.23
CA TRP D 385 -10.33 36.13 -41.38
C TRP D 385 -10.69 36.04 -39.91
N GLN D 386 -11.89 36.37 -39.50
CA GLN D 386 -12.33 36.16 -38.10
C GLN D 386 -12.77 34.72 -38.08
N CYS D 387 -13.57 34.31 -39.06
CA CYS D 387 -13.93 32.92 -39.21
C CYS D 387 -12.70 32.04 -39.41
N GLY D 388 -11.73 32.47 -40.23
CA GLY D 388 -10.48 31.76 -40.44
C GLY D 388 -9.68 31.53 -39.16
N ALA D 389 -9.62 32.57 -38.26
CA ALA D 389 -8.91 32.44 -36.98
C ALA D 389 -9.50 31.34 -36.07
N ILE D 390 -10.87 31.20 -36.15
CA ILE D 390 -11.63 30.27 -35.31
C ILE D 390 -11.45 28.86 -35.89
N ALA D 391 -11.64 28.78 -37.25
CA ALA D 391 -11.62 27.52 -37.97
C ALA D 391 -10.25 26.84 -37.90
N VAL D 392 -9.17 27.60 -38.10
CA VAL D 392 -7.79 27.09 -38.09
C VAL D 392 -7.38 26.62 -36.71
N TYR D 393 -7.88 27.36 -35.66
CA TYR D 393 -7.63 26.96 -34.30
C TYR D 393 -8.24 25.57 -34.05
N PHE D 394 -9.58 25.44 -34.37
CA PHE D 394 -10.32 24.25 -33.99
C PHE D 394 -9.99 23.02 -34.83
N TYR D 395 -9.52 23.27 -36.10
CA TYR D 395 -9.00 22.21 -36.95
C TYR D 395 -7.83 21.46 -36.29
N TRP D 396 -6.88 22.16 -35.67
CA TRP D 396 -5.74 21.54 -34.98
C TRP D 396 -6.08 21.03 -33.59
N MET D 397 -7.02 21.71 -32.84
CA MET D 397 -7.42 21.18 -31.54
C MET D 397 -8.12 19.83 -31.68
N ASN D 398 -8.99 19.73 -32.74
CA ASN D 398 -9.81 18.55 -32.95
C ASN D 398 -9.03 17.43 -33.65
N PHE D 399 -7.80 17.78 -34.16
CA PHE D 399 -6.83 16.78 -34.62
C PHE D 399 -6.28 15.91 -33.48
N LEU D 400 -6.28 16.49 -32.22
CA LEU D 400 -5.88 15.72 -31.05
C LEU D 400 -6.81 14.52 -30.80
N LEU D 401 -8.10 14.62 -31.27
CA LEU D 401 -9.11 13.58 -31.04
C LEU D 401 -9.01 12.43 -32.04
N TYR D 402 -8.25 12.68 -33.16
CA TYR D 402 -7.77 11.63 -34.07
C TYR D 402 -6.52 10.96 -33.50
N LEU D 403 -5.60 11.70 -32.86
CA LEU D 403 -4.41 11.10 -32.25
C LEU D 403 -4.70 10.15 -31.08
N GLN D 404 -5.86 10.22 -30.42
CA GLN D 404 -6.27 9.23 -29.42
C GLN D 404 -6.26 7.78 -29.91
N ARG D 405 -6.28 7.54 -31.23
CA ARG D 405 -6.35 6.21 -31.85
C ARG D 405 -4.97 5.58 -32.11
N PHE D 406 -3.87 6.21 -31.67
CA PHE D 406 -2.54 5.62 -31.62
C PHE D 406 -2.11 5.33 -30.17
N GLU D 407 -1.55 4.14 -29.91
CA GLU D 407 -1.20 3.71 -28.53
C GLU D 407 -0.24 4.69 -27.83
N ASN D 408 0.72 5.25 -28.56
CA ASN D 408 1.73 6.16 -28.02
C ASN D 408 1.26 7.62 -27.84
N CYS D 409 0.01 7.93 -28.20
CA CYS D 409 -0.58 9.26 -28.06
C CYS D 409 -1.80 9.26 -27.13
N GLY D 410 -2.63 8.22 -27.18
CA GLY D 410 -3.93 8.22 -26.51
C GLY D 410 -3.87 8.41 -25.01
N ILE D 411 -2.86 7.86 -24.32
CA ILE D 411 -2.74 8.04 -22.88
C ILE D 411 -2.44 9.49 -22.50
N PHE D 412 -1.62 10.20 -23.27
CA PHE D 412 -1.36 11.63 -23.02
C PHE D 412 -2.60 12.47 -23.23
N ILE D 413 -3.41 12.15 -24.23
CA ILE D 413 -4.62 12.90 -24.56
C ILE D 413 -5.75 12.56 -23.58
N VAL D 414 -5.80 11.34 -23.02
CA VAL D 414 -6.63 11.00 -21.87
C VAL D 414 -6.22 11.81 -20.64
N MET D 415 -4.93 11.86 -20.31
CA MET D 415 -4.45 12.70 -19.21
C MET D 415 -4.78 14.18 -19.43
N LEU D 416 -4.66 14.69 -20.66
CA LEU D 416 -4.97 16.07 -21.03
C LEU D 416 -6.46 16.39 -20.92
N GLU D 417 -7.36 15.40 -21.22
CA GLU D 417 -8.80 15.61 -21.10
C GLU D 417 -9.25 15.53 -19.63
N VAL D 418 -8.63 14.59 -18.83
CA VAL D 418 -8.91 14.39 -17.40
C VAL D 418 -8.52 15.61 -16.56
N ILE D 419 -7.35 16.19 -16.81
CA ILE D 419 -6.92 17.41 -16.11
C ILE D 419 -7.74 18.64 -16.54
N LEU D 420 -8.17 18.69 -17.85
CA LEU D 420 -8.97 19.80 -18.37
C LEU D 420 -10.36 19.80 -17.72
N LYS D 421 -11.02 18.59 -17.69
CA LYS D 421 -12.30 18.37 -17.01
C LYS D 421 -12.24 18.73 -15.55
N THR D 422 -11.15 18.38 -14.87
CA THR D 422 -10.92 18.70 -13.45
C THR D 422 -10.84 20.21 -13.22
N LEU D 423 -10.07 20.94 -14.02
CA LEU D 423 -9.99 22.39 -13.93
C LEU D 423 -11.32 23.08 -14.26
N LEU D 424 -12.07 22.54 -15.28
CA LEU D 424 -13.37 23.11 -15.66
C LEU D 424 -14.48 22.88 -14.61
N ARG D 425 -14.41 21.72 -13.87
CA ARG D 425 -15.24 21.50 -12.68
C ARG D 425 -14.88 22.43 -11.54
N SER D 426 -13.58 22.67 -11.34
CA SER D 426 -13.04 23.47 -10.25
C SER D 426 -13.30 24.97 -10.41
N THR D 427 -13.21 25.50 -11.64
CA THR D 427 -13.27 26.94 -11.88
C THR D 427 -14.63 27.59 -11.62
N VAL D 428 -15.71 26.83 -11.43
CA VAL D 428 -17.00 27.40 -10.98
C VAL D 428 -16.87 28.04 -9.59
N VAL D 429 -16.00 27.49 -8.74
CA VAL D 429 -15.66 28.05 -7.42
C VAL D 429 -14.69 29.21 -7.56
N PHE D 430 -13.61 29.02 -8.31
CA PHE D 430 -12.48 29.94 -8.33
C PHE D 430 -12.62 31.14 -9.29
N ILE D 431 -13.66 31.19 -10.12
CA ILE D 431 -14.14 32.45 -10.71
C ILE D 431 -14.48 33.48 -9.63
N PHE D 432 -15.15 33.10 -8.54
CA PHE D 432 -15.52 34.04 -7.48
C PHE D 432 -14.32 34.48 -6.63
N LEU D 433 -13.33 33.61 -6.47
CA LEU D 433 -12.03 33.96 -5.89
C LEU D 433 -11.32 35.06 -6.69
N LEU D 434 -11.28 34.95 -8.02
CA LEU D 434 -10.70 35.99 -8.88
C LEU D 434 -11.58 37.23 -9.03
N LEU D 435 -12.90 37.09 -9.00
CA LEU D 435 -13.84 38.22 -9.03
C LEU D 435 -13.66 39.13 -7.83
N ALA D 436 -13.45 38.57 -6.62
CA ALA D 436 -13.15 39.33 -5.43
C ALA D 436 -11.91 40.23 -5.59
N PHE D 437 -10.77 39.62 -6.05
CA PHE D 437 -9.55 40.41 -6.22
C PHE D 437 -9.66 41.41 -7.37
N GLY D 438 -10.39 41.01 -8.47
CA GLY D 438 -10.59 41.84 -9.65
C GLY D 438 -11.42 43.09 -9.36
N LEU D 439 -12.54 42.94 -8.65
CA LEU D 439 -13.35 44.07 -8.19
C LEU D 439 -12.61 44.88 -7.12
N SER D 440 -11.73 44.21 -6.30
CA SER D 440 -10.96 44.94 -5.29
C SER D 440 -9.90 45.85 -5.93
N PHE D 441 -9.05 45.30 -6.86
CA PHE D 441 -8.05 46.11 -7.55
C PHE D 441 -8.66 47.13 -8.51
N TYR D 442 -9.89 46.93 -9.00
CA TYR D 442 -10.60 47.97 -9.73
C TYR D 442 -10.84 49.22 -8.88
N ILE D 443 -11.07 49.10 -7.56
CA ILE D 443 -11.13 50.24 -6.65
C ILE D 443 -9.73 50.77 -6.34
N LEU D 444 -8.83 49.86 -5.83
CA LEU D 444 -7.56 50.29 -5.26
C LEU D 444 -6.62 50.97 -6.29
N LEU D 445 -6.69 50.46 -7.56
CA LEU D 445 -5.77 50.82 -8.65
C LEU D 445 -6.46 51.52 -9.81
N ASN D 446 -7.66 52.07 -9.64
CA ASN D 446 -8.53 52.58 -10.70
C ASN D 446 -7.84 53.50 -11.71
N LEU D 447 -6.91 54.34 -11.23
CA LEU D 447 -6.25 55.36 -12.03
C LEU D 447 -5.09 54.82 -12.90
N GLN D 448 -4.99 53.50 -13.02
CA GLN D 448 -3.96 52.82 -13.84
C GLN D 448 -4.63 52.12 -15.02
N ASP D 449 -4.00 52.10 -16.18
CA ASP D 449 -4.58 51.54 -17.43
C ASP D 449 -4.87 50.05 -17.32
N PRO D 450 -4.08 49.21 -16.65
CA PRO D 450 -4.43 47.83 -16.59
C PRO D 450 -5.79 47.60 -15.92
N PHE D 451 -6.22 48.49 -15.04
CA PHE D 451 -7.46 48.36 -14.25
C PHE D 451 -8.47 49.47 -14.55
N SER D 452 -8.50 50.05 -15.75
CA SER D 452 -9.45 51.12 -16.12
C SER D 452 -10.93 50.75 -16.06
N SER D 453 -11.25 49.46 -16.13
CA SER D 453 -12.61 48.93 -16.25
C SER D 453 -12.69 47.58 -15.53
N PRO D 454 -13.85 47.17 -14.99
CA PRO D 454 -13.92 45.97 -14.16
C PRO D 454 -13.58 44.69 -14.93
N LEU D 455 -13.98 44.56 -16.20
CA LEU D 455 -13.60 43.39 -17.00
C LEU D 455 -12.09 43.36 -17.29
N LEU D 456 -11.47 44.50 -17.61
CA LEU D 456 -10.01 44.56 -17.79
C LEU D 456 -9.27 44.20 -16.50
N SER D 457 -9.79 44.62 -15.35
CA SER D 457 -9.26 44.28 -14.04
C SER D 457 -9.37 42.78 -13.71
N ILE D 458 -10.42 42.13 -14.18
CA ILE D 458 -10.59 40.68 -13.95
C ILE D 458 -9.60 39.95 -14.85
N ILE D 459 -9.42 40.38 -16.09
CA ILE D 459 -8.41 39.76 -16.99
C ILE D 459 -7.03 40.01 -16.39
N GLN D 460 -6.76 41.18 -15.84
CA GLN D 460 -5.42 41.47 -15.32
C GLN D 460 -5.16 40.52 -14.19
N THR D 461 -6.13 40.27 -13.33
CA THR D 461 -5.97 39.38 -12.15
C THR D 461 -5.78 37.96 -12.63
N PHE D 462 -6.48 37.56 -13.67
CA PHE D 462 -6.34 36.21 -14.24
C PHE D 462 -4.92 36.06 -14.80
N SER D 463 -4.35 37.10 -15.39
CA SER D 463 -2.97 37.08 -15.92
C SER D 463 -1.96 37.03 -14.78
N MET D 464 -2.23 37.70 -13.66
CA MET D 464 -1.38 37.64 -12.48
C MET D 464 -1.33 36.27 -11.81
N MET D 465 -2.25 35.34 -12.08
CA MET D 465 -2.24 33.98 -11.49
C MET D 465 -0.97 33.20 -11.83
N LEU D 466 -0.39 33.45 -13.00
CA LEU D 466 0.87 32.87 -13.46
C LEU D 466 2.12 33.45 -12.76
N GLY D 467 1.95 34.35 -11.80
CA GLY D 467 3.01 34.91 -10.96
C GLY D 467 3.70 36.16 -11.53
N ASP D 468 3.28 36.66 -12.69
CA ASP D 468 3.75 37.95 -13.21
C ASP D 468 2.88 39.10 -12.68
N ILE D 469 3.16 39.52 -11.44
CA ILE D 469 2.40 40.52 -10.67
C ILE D 469 2.49 41.95 -11.25
N ASN D 470 3.49 42.25 -12.09
CA ASN D 470 3.84 43.62 -12.49
C ASN D 470 4.16 44.53 -11.27
N TYR D 471 4.63 43.91 -10.18
CA TYR D 471 4.83 44.62 -8.89
C TYR D 471 5.61 45.92 -9.09
N ARG D 472 6.68 45.94 -9.87
CA ARG D 472 7.50 47.17 -10.00
C ARG D 472 6.75 48.21 -10.84
N GLU D 473 5.94 47.80 -11.81
CA GLU D 473 5.25 48.76 -12.73
C GLU D 473 3.93 49.30 -12.15
N SER D 474 3.24 48.55 -11.26
CA SER D 474 1.88 48.90 -10.82
C SER D 474 1.69 49.19 -9.33
N PHE D 475 2.67 48.96 -8.48
CA PHE D 475 2.59 49.32 -7.06
C PHE D 475 3.72 50.25 -6.67
N LEU D 476 4.98 49.80 -6.77
CA LEU D 476 6.11 50.56 -6.24
C LEU D 476 6.43 51.83 -7.03
N GLU D 477 6.47 51.79 -8.37
CA GLU D 477 6.70 52.99 -9.16
C GLU D 477 5.59 54.05 -8.97
N PRO D 478 4.29 53.71 -9.00
CA PRO D 478 3.23 54.62 -8.57
C PRO D 478 3.38 55.15 -7.14
N TYR D 479 3.69 54.31 -6.16
CA TYR D 479 3.82 54.70 -4.76
C TYR D 479 4.92 55.73 -4.56
N LEU D 480 6.09 55.53 -5.16
CA LEU D 480 7.21 56.46 -5.12
C LEU D 480 6.98 57.74 -5.95
N ARG D 481 5.78 57.92 -6.52
CA ARG D 481 5.31 59.16 -7.15
C ARG D 481 4.01 59.70 -6.53
N ASN D 482 3.53 59.09 -5.44
CA ASN D 482 2.25 59.40 -4.80
C ASN D 482 1.01 59.22 -5.71
N GLU D 483 1.07 58.29 -6.67
CA GLU D 483 -0.04 58.01 -7.60
C GLU D 483 -1.06 56.98 -7.08
N LEU D 484 -0.77 56.29 -5.98
CA LEU D 484 -1.69 55.31 -5.38
C LEU D 484 -2.64 56.06 -4.45
N ALA D 485 -3.94 55.99 -4.72
CA ALA D 485 -4.97 56.66 -3.90
C ALA D 485 -5.00 56.08 -2.52
N HIS D 486 -4.95 54.76 -2.38
CA HIS D 486 -5.03 54.06 -1.08
C HIS D 486 -3.71 53.35 -0.89
N PRO D 487 -2.64 54.00 -0.41
CA PRO D 487 -1.35 53.34 -0.39
C PRO D 487 -1.12 52.12 0.50
N VAL D 488 -1.60 52.08 1.74
CA VAL D 488 -1.29 50.97 2.69
C VAL D 488 -2.23 49.81 2.42
N LEU D 489 -3.45 50.09 1.99
CA LEU D 489 -4.47 49.08 1.71
C LEU D 489 -4.15 48.30 0.41
N SER D 490 -3.53 49.03 -0.57
CA SER D 490 -3.11 48.52 -1.87
C SER D 490 -1.96 47.52 -1.77
N PHE D 491 -0.90 47.84 -1.01
CA PHE D 491 0.16 46.87 -0.74
C PHE D 491 -0.36 45.67 0.05
N ALA D 492 -1.25 45.95 1.07
CA ALA D 492 -1.77 44.89 1.91
C ALA D 492 -2.61 43.87 1.14
N GLN D 493 -3.20 44.34 -0.02
CA GLN D 493 -4.02 43.49 -0.88
C GLN D 493 -3.16 42.69 -1.87
N LEU D 494 -1.96 43.28 -2.21
CA LEU D 494 -0.96 42.69 -3.10
C LEU D 494 -0.25 41.50 -2.46
N VAL D 495 0.12 41.61 -1.19
CA VAL D 495 0.68 40.48 -0.43
C VAL D 495 -0.36 39.37 -0.29
N SER D 496 -1.65 39.72 0.05
CA SER D 496 -2.67 38.71 0.21
C SER D 496 -3.15 38.06 -1.10
N PHE D 497 -3.17 38.83 -2.24
CA PHE D 497 -3.33 38.25 -3.57
C PHE D 497 -2.21 37.27 -3.88
N THR D 498 -0.95 37.67 -3.66
CA THR D 498 0.23 36.81 -3.87
C THR D 498 0.15 35.50 -3.09
N ILE D 499 -0.41 35.52 -1.88
CA ILE D 499 -0.66 34.33 -1.07
C ILE D 499 -1.80 33.49 -1.66
N PHE D 500 -3.00 34.10 -1.90
CA PHE D 500 -4.16 33.31 -2.27
C PHE D 500 -4.06 32.66 -3.66
N VAL D 501 -3.58 33.47 -4.67
CA VAL D 501 -3.75 33.12 -6.09
C VAL D 501 -2.48 32.52 -6.74
N PRO D 502 -1.35 33.24 -6.89
CA PRO D 502 -0.10 32.67 -7.41
C PRO D 502 0.53 31.55 -6.59
N ILE D 503 0.23 31.46 -5.29
CA ILE D 503 0.72 30.41 -4.39
C ILE D 503 -0.39 29.40 -4.12
N VAL D 504 -1.40 29.73 -3.31
CA VAL D 504 -2.42 28.75 -2.89
C VAL D 504 -3.24 28.17 -4.04
N LEU D 505 -3.86 28.98 -4.90
CA LEU D 505 -4.68 28.45 -6.00
C LEU D 505 -3.83 27.66 -7.00
N MET D 506 -2.70 28.20 -7.46
CA MET D 506 -1.83 27.46 -8.37
C MET D 506 -1.29 26.16 -7.81
N ASN D 507 -0.90 26.11 -6.53
CA ASN D 507 -0.45 24.86 -5.90
C ASN D 507 -1.59 23.88 -5.64
N LEU D 508 -2.83 24.35 -5.47
CA LEU D 508 -4.02 23.48 -5.42
C LEU D 508 -4.30 22.82 -6.76
N LEU D 509 -4.12 23.54 -7.87
CA LEU D 509 -4.22 22.99 -9.22
C LEU D 509 -3.08 22.01 -9.54
N ILE D 510 -1.83 22.30 -9.15
CA ILE D 510 -0.74 21.31 -9.22
C ILE D 510 -1.07 20.09 -8.34
N GLY D 511 -1.62 20.28 -7.15
CA GLY D 511 -2.00 19.19 -6.25
C GLY D 511 -3.03 18.24 -6.85
N LEU D 512 -4.13 18.78 -7.41
CA LEU D 512 -5.13 18.05 -8.17
C LEU D 512 -4.50 17.35 -9.37
N ALA D 513 -3.79 18.08 -10.23
CA ALA D 513 -3.21 17.57 -11.46
C ALA D 513 -2.24 16.41 -11.22
N VAL D 514 -1.37 16.52 -10.21
CA VAL D 514 -0.45 15.46 -9.80
C VAL D 514 -1.19 14.26 -9.23
N GLY D 515 -2.24 14.48 -8.44
CA GLY D 515 -3.03 13.44 -7.82
C GLY D 515 -3.83 12.62 -8.83
N ASP D 516 -4.41 13.28 -9.83
CA ASP D 516 -5.26 12.66 -10.85
C ASP D 516 -4.46 11.97 -11.96
N ILE D 517 -3.35 12.55 -12.43
CA ILE D 517 -2.46 11.88 -13.38
C ILE D 517 -1.80 10.64 -12.78
N ALA D 518 -1.46 10.65 -11.50
CA ALA D 518 -0.97 9.45 -10.81
C ALA D 518 -2.03 8.34 -10.72
N ASP D 519 -3.31 8.66 -10.86
CA ASP D 519 -4.40 7.68 -10.89
C ASP D 519 -4.69 7.19 -12.31
N VAL D 520 -4.52 8.03 -13.35
CA VAL D 520 -4.46 7.55 -14.74
C VAL D 520 -3.27 6.62 -14.92
N GLN D 521 -2.06 7.00 -14.47
CA GLN D 521 -0.88 6.15 -14.55
C GLN D 521 -0.95 4.84 -13.72
N LYS D 522 -1.92 4.77 -12.83
CA LYS D 522 -2.13 3.52 -12.06
C LYS D 522 -2.55 2.27 -12.96
N HIS D 523 -3.31 2.50 -14.07
CA HIS D 523 -3.77 1.49 -15.08
C HIS D 523 -3.41 1.86 -16.56
N ALA D 524 -2.72 2.99 -16.76
CA ALA D 524 -2.30 3.33 -18.11
C ALA D 524 -1.94 2.14 -19.01
N SER D 525 -1.19 1.18 -18.47
CA SER D 525 -0.78 -0.01 -19.21
C SER D 525 -1.95 -0.92 -19.60
N LEU D 526 -3.03 -0.95 -18.81
CA LEU D 526 -4.32 -1.56 -19.19
C LEU D 526 -5.07 -0.65 -20.18
N LYS D 527 -5.15 0.65 -19.89
CA LYS D 527 -5.94 1.62 -20.65
C LYS D 527 -5.53 1.71 -22.13
N ARG D 528 -4.23 1.61 -22.46
CA ARG D 528 -3.76 1.46 -23.85
C ARG D 528 -4.50 0.33 -24.57
N ILE D 529 -4.48 -0.86 -23.96
CA ILE D 529 -5.01 -2.06 -24.58
C ILE D 529 -6.54 -2.05 -24.58
N ALA D 530 -7.17 -1.50 -23.56
CA ALA D 530 -8.61 -1.29 -23.55
C ALA D 530 -9.06 -0.38 -24.70
N MET D 531 -8.34 0.73 -24.95
CA MET D 531 -8.64 1.62 -26.07
C MET D 531 -8.43 0.93 -27.42
N GLN D 532 -7.37 0.13 -27.59
CA GLN D 532 -7.16 -0.64 -28.81
C GLN D 532 -8.26 -1.66 -29.06
N VAL D 533 -8.64 -2.49 -28.08
CA VAL D 533 -9.68 -3.50 -28.31
C VAL D 533 -11.03 -2.84 -28.58
N GLU D 534 -11.34 -1.72 -27.93
CA GLU D 534 -12.58 -0.97 -28.17
C GLU D 534 -12.59 -0.30 -29.56
N LEU D 535 -11.43 0.13 -30.07
CA LEU D 535 -11.28 0.63 -31.43
C LEU D 535 -11.52 -0.50 -32.43
N HIS D 536 -10.76 -1.59 -32.30
CA HIS D 536 -10.88 -2.73 -33.26
C HIS D 536 -12.29 -3.39 -33.26
N THR D 537 -12.87 -3.54 -32.07
CA THR D 537 -14.20 -4.15 -31.98
C THR D 537 -15.28 -3.25 -32.56
N SER D 538 -15.16 -1.93 -32.45
CA SER D 538 -16.12 -1.02 -33.08
C SER D 538 -16.01 -1.10 -34.61
N LEU D 539 -14.80 -1.22 -35.15
CA LEU D 539 -14.61 -1.52 -36.56
C LEU D 539 -15.14 -2.91 -36.94
N GLU D 540 -14.92 -3.93 -36.12
CA GLU D 540 -15.39 -5.30 -36.41
C GLU D 540 -16.92 -5.39 -36.41
N LYS D 541 -17.62 -4.53 -35.65
CA LYS D 541 -19.07 -4.37 -35.70
C LYS D 541 -19.56 -3.71 -37.00
N LYS D 542 -18.75 -2.80 -37.57
CA LYS D 542 -19.13 -1.94 -38.71
C LYS D 542 -18.71 -2.49 -40.08
N LEU D 543 -17.56 -3.15 -40.18
CA LEU D 543 -17.09 -3.79 -41.42
C LEU D 543 -18.01 -4.96 -41.83
N PRO D 544 -18.15 -5.25 -43.14
CA PRO D 544 -19.02 -6.30 -43.63
C PRO D 544 -18.41 -7.70 -43.43
N LEU D 545 -19.25 -8.67 -43.06
CA LEU D 545 -18.84 -10.01 -42.62
C LEU D 545 -17.90 -10.74 -43.59
N TRP D 546 -18.13 -10.59 -44.90
CA TRP D 546 -17.27 -11.21 -45.91
C TRP D 546 -15.84 -10.64 -45.89
N PHE D 547 -15.68 -9.36 -45.55
CA PHE D 547 -14.36 -8.74 -45.47
C PHE D 547 -13.58 -9.31 -44.29
N LEU D 548 -14.21 -9.43 -43.11
CA LEU D 548 -13.57 -10.05 -41.96
C LEU D 548 -13.11 -11.48 -42.29
N ARG D 549 -13.95 -12.27 -42.98
CA ARG D 549 -13.59 -13.64 -43.40
C ARG D 549 -12.45 -13.68 -44.42
N LYS D 550 -12.36 -12.73 -45.34
CA LYS D 550 -11.24 -12.60 -46.29
C LYS D 550 -9.93 -12.19 -45.60
N VAL D 551 -10.02 -11.31 -44.61
CA VAL D 551 -8.88 -10.60 -44.01
C VAL D 551 -8.26 -11.33 -42.81
N ASP D 552 -9.11 -11.92 -41.98
CA ASP D 552 -8.66 -12.53 -40.69
C ASP D 552 -7.98 -13.95 -40.77
N GLN D 553 -6.66 -14.06 -41.05
CA GLN D 553 -6.00 -15.41 -41.06
C GLN D 553 -6.05 -15.96 -39.60
N LYS D 554 -6.24 -17.28 -39.36
CA LYS D 554 -6.37 -17.85 -37.96
C LYS D 554 -5.03 -17.99 -37.22
N SER D 555 -3.92 -17.66 -37.87
CA SER D 555 -2.61 -17.78 -37.24
C SER D 555 -1.54 -16.98 -37.99
N THR D 556 -0.47 -16.55 -37.32
CA THR D 556 0.66 -15.82 -37.94
C THR D 556 2.02 -16.24 -37.37
N ILE D 557 3.04 -16.29 -38.24
CA ILE D 557 4.46 -16.51 -37.88
C ILE D 557 5.18 -15.19 -37.60
N VAL D 558 6.19 -15.23 -36.74
CA VAL D 558 7.18 -14.16 -36.50
C VAL D 558 8.60 -14.72 -36.58
N TYR D 559 9.53 -13.93 -37.11
CA TYR D 559 10.96 -14.25 -37.22
C TYR D 559 11.80 -13.23 -36.42
N PRO D 560 11.98 -13.38 -35.09
CA PRO D 560 12.69 -12.43 -34.24
C PRO D 560 14.11 -12.08 -34.71
N SER D 592 -0.05 -9.11 -5.76
CA SER D 592 -1.11 -10.11 -5.84
C SER D 592 -1.97 -10.21 -4.57
N LEU D 593 -1.59 -9.54 -3.47
CA LEU D 593 -2.23 -9.70 -2.15
C LEU D 593 -3.74 -9.36 -2.12
N GLU D 594 -4.20 -8.54 -3.07
CA GLU D 594 -5.61 -8.21 -3.27
C GLU D 594 -6.47 -9.43 -3.70
N MET D 595 -5.85 -10.57 -4.00
CA MET D 595 -6.49 -11.89 -4.14
C MET D 595 -5.75 -13.01 -3.40
N GLU D 596 -4.46 -12.87 -3.07
CA GLU D 596 -3.67 -13.93 -2.44
C GLU D 596 -4.30 -14.47 -1.14
N ILE D 597 -4.85 -13.55 -0.33
CA ILE D 597 -5.53 -13.88 0.92
C ILE D 597 -6.88 -14.56 0.68
N LEU D 598 -7.56 -14.36 -0.45
CA LEU D 598 -8.78 -15.08 -0.74
C LEU D 598 -8.51 -16.58 -0.95
N LYS D 599 -7.40 -16.94 -1.59
CA LYS D 599 -6.99 -18.34 -1.70
C LYS D 599 -6.57 -18.92 -0.34
N GLN D 600 -5.90 -18.13 0.49
CA GLN D 600 -5.58 -18.51 1.87
C GLN D 600 -6.86 -18.78 2.69
N LYS D 601 -7.90 -17.97 2.52
CA LYS D 601 -9.24 -18.15 3.11
C LYS D 601 -9.88 -19.46 2.67
N TYR D 602 -9.91 -19.76 1.37
CA TYR D 602 -10.52 -20.99 0.88
C TYR D 602 -9.77 -22.26 1.29
N ARG D 603 -8.43 -22.20 1.45
CA ARG D 603 -7.66 -23.33 2.00
C ARG D 603 -7.98 -23.54 3.48
N LEU D 604 -8.11 -22.46 4.24
CA LEU D 604 -8.52 -22.50 5.64
C LEU D 604 -9.96 -22.98 5.81
N LYS D 605 -10.85 -22.69 4.85
CA LYS D 605 -12.24 -23.15 4.81
C LYS D 605 -12.38 -24.66 4.59
N ASP D 606 -11.62 -25.25 3.67
CA ASP D 606 -11.63 -26.71 3.47
C ASP D 606 -10.93 -27.45 4.63
N LEU D 607 -9.93 -26.82 5.25
CA LEU D 607 -9.27 -27.32 6.46
C LEU D 607 -10.23 -27.41 7.66
N THR D 608 -11.03 -26.38 7.93
CA THR D 608 -12.04 -26.45 9.01
C THR D 608 -13.17 -27.43 8.70
N PHE D 609 -13.56 -27.57 7.43
CA PHE D 609 -14.51 -28.60 7.02
C PHE D 609 -13.97 -30.03 7.24
N LEU D 610 -12.72 -30.31 6.89
CA LEU D 610 -12.08 -31.61 7.15
C LEU D 610 -12.00 -31.90 8.65
N LEU D 611 -11.62 -30.93 9.46
CA LEU D 611 -11.53 -31.11 10.90
C LEU D 611 -12.89 -31.42 11.54
N GLU D 612 -13.98 -30.79 11.12
CA GLU D 612 -15.31 -31.10 11.63
C GLU D 612 -15.82 -32.48 11.18
N LYS D 613 -15.48 -32.93 9.96
CA LYS D 613 -15.74 -34.33 9.53
C LYS D 613 -15.03 -35.34 10.41
N GLN D 614 -13.80 -35.02 10.80
CA GLN D 614 -12.92 -35.84 11.61
C GLN D 614 -13.31 -35.86 13.08
N HIS D 615 -13.84 -34.75 13.57
CA HIS D 615 -14.37 -34.78 14.95
C HIS D 615 -15.57 -35.82 14.96
N GLU D 616 -16.52 -35.72 14.00
CA GLU D 616 -17.65 -36.71 13.95
C GLU D 616 -17.18 -38.20 14.00
N LEU D 617 -16.00 -38.48 13.46
CA LEU D 617 -15.50 -39.86 13.52
C LEU D 617 -14.99 -40.20 14.92
N ILE D 618 -14.36 -39.27 15.63
CA ILE D 618 -13.85 -39.53 16.99
C ILE D 618 -15.01 -39.69 17.98
N LYS D 619 -16.06 -38.89 17.86
CA LYS D 619 -17.31 -39.12 18.60
C LYS D 619 -17.89 -40.51 18.30
N LEU D 620 -17.89 -40.96 17.05
CA LEU D 620 -18.34 -42.29 16.66
C LEU D 620 -17.49 -43.40 17.29
N ILE D 621 -16.16 -43.20 17.41
CA ILE D 621 -15.29 -44.15 18.13
C ILE D 621 -15.74 -44.26 19.58
N ILE D 622 -15.85 -43.17 20.35
CA ILE D 622 -16.19 -43.28 21.78
C ILE D 622 -17.60 -43.85 21.99
N GLN D 623 -18.50 -43.59 21.06
CA GLN D 623 -19.84 -44.13 21.04
C GLN D 623 -19.88 -45.65 20.83
N LYS D 624 -19.04 -46.21 19.95
CA LYS D 624 -19.01 -47.65 19.62
C LYS D 624 -17.94 -48.46 20.33
N MET D 625 -16.93 -47.82 20.89
CA MET D 625 -15.77 -48.40 21.57
C MET D 625 -16.19 -49.37 22.67
N GLU D 626 -15.60 -50.56 22.75
CA GLU D 626 -15.82 -51.41 23.91
C GLU D 626 -15.03 -50.89 25.12
N ILE D 627 -15.71 -50.54 26.21
CA ILE D 627 -15.10 -50.13 27.49
C ILE D 627 -15.39 -51.20 28.54
N ILE D 628 -14.34 -51.76 29.10
CA ILE D 628 -14.32 -52.73 30.22
C ILE D 628 -13.01 -52.47 30.98
N SER D 629 -12.98 -52.68 32.30
CA SER D 629 -11.79 -52.44 33.14
C SER D 629 -11.32 -50.99 33.20
N GLU D 630 -12.13 -50.03 32.74
CA GLU D 630 -11.87 -48.58 32.79
C GLU D 630 -13.16 -47.77 33.05
N THR D 631 -14.25 -48.45 33.43
CA THR D 631 -15.56 -47.85 33.72
C THR D 631 -15.52 -47.02 35.01
#